data_4WOQ
#
_entry.id   4WOQ
#
_cell.length_a   81.875
_cell.length_b   122.612
_cell.length_c   122.186
_cell.angle_alpha   90.00
_cell.angle_beta   95.72
_cell.angle_gamma   90.00
#
_symmetry.space_group_name_H-M   'P 1 21 1'
#
loop_
_entity.id
_entity.type
_entity.pdbx_description
1 polymer 'N-acetylneuraminate lyase'
2 non-polymer '2-KETOBUTYRIC ACID'
3 water water
#
_entity_poly.entity_id   1
_entity_poly.type   'polypeptide(L)'
_entity_poly.pdbx_seq_one_letter_code
;MKIKIGGKDMRTTDMKGIYSALLVSFDKEGNINEKGLRQIIRHNIDVCKVDGLYVGGSTGENFMLSTDEKKRIFEIAKDE
VKEEIKLIAQVGSVNLKEAVELAKFTTDLGYDAISAVTPFYYKFDFEEIKHYYNTIINSVDNRLIIYSIPFLTGVDMSLD
QFGELFENEKIIGVKFTAADFYLLERMRKTFPNKLIFAGFDEMMLPATVLGVDGAIGSTFNVNGVRARQIFELTKNEKIS
EALEVQHVTNDLITDILGNGLYQTIKLLLEEQGVEAGYCRQPMKEATDEMKSRAKEIYRKYF
;
_entity_poly.pdbx_strand_id   A,B,C,D,E,F,G,H
#
# COMPACT_ATOMS: atom_id res chain seq x y z
N THR A 13 20.05 21.10 14.09
CA THR A 13 21.27 21.02 13.22
C THR A 13 21.24 22.10 12.16
N ASP A 14 22.23 22.98 12.16
CA ASP A 14 22.29 24.05 11.16
C ASP A 14 22.69 23.44 9.82
N MET A 15 21.87 23.70 8.82
CA MET A 15 22.07 23.13 7.49
C MET A 15 22.96 23.88 6.50
N LYS A 16 23.47 25.04 6.86
CA LYS A 16 24.32 25.78 5.94
C LYS A 16 25.51 24.94 5.50
N GLY A 17 25.99 25.15 4.28
CA GLY A 17 27.13 24.39 3.81
C GLY A 17 27.08 23.88 2.38
N ILE A 18 28.09 23.07 2.03
CA ILE A 18 28.20 22.49 0.71
C ILE A 18 27.78 21.03 0.76
N TYR A 19 26.88 20.66 -0.16
CA TYR A 19 26.37 19.30 -0.21
C TYR A 19 26.52 18.66 -1.57
N SER A 20 26.95 17.41 -1.58
CA SER A 20 27.09 16.69 -2.84
C SER A 20 25.78 15.99 -3.10
N ALA A 21 25.21 16.17 -4.29
CA ALA A 21 23.99 15.47 -4.65
C ALA A 21 24.57 14.08 -4.86
N LEU A 22 24.32 13.19 -3.91
CA LEU A 22 24.86 11.83 -3.93
C LEU A 22 24.57 10.95 -5.14
N LEU A 23 25.64 10.50 -5.78
CA LEU A 23 25.56 9.61 -6.92
C LEU A 23 25.40 8.21 -6.35
N VAL A 24 24.79 7.31 -7.11
CA VAL A 24 24.61 5.93 -6.67
C VAL A 24 25.31 4.98 -7.65
N SER A 25 25.91 3.93 -7.12
CA SER A 25 26.63 2.95 -7.95
C SER A 25 25.71 1.81 -8.39
N PHE A 26 25.69 1.55 -9.69
CA PHE A 26 24.89 0.46 -10.25
C PHE A 26 25.80 -0.45 -11.07
N ASP A 27 25.45 -1.73 -11.17
CA ASP A 27 26.25 -2.64 -11.98
C ASP A 27 25.71 -2.56 -13.39
N LYS A 28 26.30 -3.31 -14.31
CA LYS A 28 25.86 -3.26 -15.71
C LYS A 28 24.38 -3.63 -15.90
N GLU A 29 23.84 -4.40 -14.96
CA GLU A 29 22.45 -4.82 -15.04
C GLU A 29 21.49 -3.85 -14.34
N GLY A 30 22.06 -2.85 -13.68
CA GLY A 30 21.22 -1.87 -12.99
C GLY A 30 20.98 -2.15 -11.52
N ASN A 31 21.63 -3.18 -10.97
CA ASN A 31 21.43 -3.47 -9.56
C ASN A 31 22.30 -2.51 -8.76
N ILE A 32 21.78 -2.10 -7.60
CA ILE A 32 22.52 -1.22 -6.72
C ILE A 32 23.75 -1.96 -6.23
N ASN A 33 24.90 -1.29 -6.24
CA ASN A 33 26.14 -1.87 -5.78
C ASN A 33 26.46 -1.20 -4.45
N GLU A 34 26.02 -1.81 -3.35
CA GLU A 34 26.24 -1.23 -2.02
C GLU A 34 27.70 -0.91 -1.70
N LYS A 35 28.62 -1.77 -2.14
CA LYS A 35 30.02 -1.53 -1.87
C LYS A 35 30.44 -0.24 -2.58
N GLY A 36 30.02 -0.12 -3.84
CA GLY A 36 30.36 1.07 -4.62
C GLY A 36 29.75 2.34 -4.03
N LEU A 37 28.48 2.26 -3.66
CA LEU A 37 27.80 3.41 -3.08
C LEU A 37 28.52 3.86 -1.82
N ARG A 38 28.93 2.91 -0.99
CA ARG A 38 29.62 3.26 0.24
C ARG A 38 30.96 3.95 -0.04
N GLN A 39 31.61 3.57 -1.13
CA GLN A 39 32.88 4.19 -1.50
C GLN A 39 32.63 5.64 -1.93
N ILE A 40 31.61 5.83 -2.76
CA ILE A 40 31.24 7.16 -3.22
C ILE A 40 31.03 8.03 -2.00
N ILE A 41 30.27 7.52 -1.03
CA ILE A 41 30.00 8.25 0.20
C ILE A 41 31.29 8.61 0.92
N ARG A 42 32.18 7.62 1.07
CA ARG A 42 33.47 7.81 1.74
C ARG A 42 34.33 8.85 1.05
N HIS A 43 34.35 8.81 -0.27
CA HIS A 43 35.12 9.74 -1.07
C HIS A 43 34.66 11.17 -0.78
N ASN A 44 33.34 11.38 -0.79
CA ASN A 44 32.76 12.70 -0.52
C ASN A 44 33.13 13.25 0.85
N ILE A 45 33.20 12.37 1.84
CA ILE A 45 33.52 12.78 3.20
C ILE A 45 35.02 13.00 3.43
N ASP A 46 35.82 12.05 2.97
CA ASP A 46 37.27 12.10 3.17
C ASP A 46 38.09 12.83 2.12
N VAL A 47 37.62 12.85 0.88
CA VAL A 47 38.36 13.50 -0.19
C VAL A 47 37.76 14.85 -0.61
N CYS A 48 36.45 14.88 -0.85
CA CYS A 48 35.80 16.12 -1.26
C CYS A 48 35.56 17.01 -0.05
N LYS A 49 35.47 16.40 1.12
CA LYS A 49 35.26 17.12 2.37
C LYS A 49 34.01 18.00 2.41
N VAL A 50 32.91 17.51 1.85
CA VAL A 50 31.65 18.26 1.85
C VAL A 50 31.03 18.29 3.25
N ASP A 51 30.20 19.29 3.51
CA ASP A 51 29.54 19.44 4.80
C ASP A 51 28.42 18.42 5.01
N GLY A 52 27.90 17.90 3.90
CA GLY A 52 26.82 16.93 3.98
C GLY A 52 26.47 16.35 2.63
N LEU A 53 25.52 15.41 2.63
CA LEU A 53 25.09 14.77 1.40
C LEU A 53 23.62 15.01 1.12
N TYR A 54 23.28 15.13 -0.17
CA TYR A 54 21.91 15.33 -0.60
C TYR A 54 21.55 13.99 -1.24
N VAL A 55 20.76 13.19 -0.53
CA VAL A 55 20.38 11.86 -0.98
C VAL A 55 19.01 11.78 -1.65
N GLY A 56 18.96 11.08 -2.79
CA GLY A 56 17.71 10.90 -3.51
C GLY A 56 17.32 12.00 -4.48
N GLY A 57 18.30 12.80 -4.92
CA GLY A 57 18.03 13.86 -5.85
C GLY A 57 18.13 13.36 -7.28
N SER A 58 18.02 14.28 -8.23
CA SER A 58 18.12 13.93 -9.63
C SER A 58 19.44 13.23 -9.89
N THR A 59 20.49 13.72 -9.25
CA THR A 59 21.83 13.18 -9.40
C THR A 59 21.90 11.70 -9.01
N GLY A 60 21.13 11.31 -8.00
CA GLY A 60 21.13 9.92 -7.57
C GLY A 60 20.27 9.01 -8.43
N GLU A 61 19.81 9.51 -9.58
CA GLU A 61 18.97 8.75 -10.49
C GLU A 61 17.71 8.25 -9.77
N ASN A 62 17.39 8.95 -8.68
CA ASN A 62 16.24 8.65 -7.84
C ASN A 62 15.00 8.21 -8.62
N PHE A 63 14.56 9.04 -9.55
CA PHE A 63 13.34 8.75 -10.31
C PHE A 63 13.34 7.55 -11.25
N MET A 64 14.46 6.87 -11.35
CA MET A 64 14.54 5.67 -12.19
C MET A 64 14.52 4.46 -11.27
N LEU A 65 14.31 4.71 -9.98
CA LEU A 65 14.30 3.64 -8.99
C LEU A 65 12.93 3.33 -8.41
N SER A 66 12.82 2.15 -7.82
CA SER A 66 11.59 1.71 -7.17
C SER A 66 11.65 2.29 -5.75
N THR A 67 10.51 2.35 -5.08
CA THR A 67 10.47 2.88 -3.72
C THR A 67 11.34 2.06 -2.76
N ASP A 68 11.33 0.73 -2.91
CA ASP A 68 12.14 -0.11 -2.03
C ASP A 68 13.64 0.16 -2.24
N GLU A 69 14.03 0.45 -3.48
CA GLU A 69 15.43 0.77 -3.77
C GLU A 69 15.77 2.11 -3.14
N LYS A 70 14.83 3.06 -3.20
CA LYS A 70 15.06 4.36 -2.60
C LYS A 70 15.33 4.20 -1.11
N LYS A 71 14.55 3.34 -0.47
CA LYS A 71 14.71 3.12 0.97
C LYS A 71 16.05 2.46 1.28
N ARG A 72 16.49 1.56 0.41
CA ARG A 72 17.75 0.88 0.63
C ARG A 72 18.90 1.89 0.57
N ILE A 73 18.83 2.79 -0.41
CA ILE A 73 19.86 3.81 -0.56
C ILE A 73 19.89 4.75 0.64
N PHE A 74 18.72 5.14 1.15
CA PHE A 74 18.64 6.02 2.32
C PHE A 74 19.26 5.31 3.53
N GLU A 75 19.02 4.00 3.64
CA GLU A 75 19.54 3.22 4.75
C GLU A 75 21.07 3.14 4.70
N ILE A 76 21.59 2.75 3.55
CA ILE A 76 23.03 2.64 3.35
C ILE A 76 23.72 3.97 3.67
N ALA A 77 23.20 5.06 3.10
CA ALA A 77 23.77 6.38 3.31
C ALA A 77 23.83 6.74 4.79
N LYS A 78 22.72 6.58 5.49
CA LYS A 78 22.70 6.91 6.91
C LYS A 78 23.63 6.01 7.72
N ASP A 79 23.74 4.75 7.32
CA ASP A 79 24.59 3.80 8.02
C ASP A 79 26.09 4.13 7.85
N GLU A 80 26.50 4.40 6.62
CA GLU A 80 27.91 4.71 6.35
C GLU A 80 28.33 6.05 6.90
N VAL A 81 27.49 7.07 6.73
CA VAL A 81 27.78 8.41 7.21
C VAL A 81 27.68 8.51 8.73
N LYS A 82 26.64 7.91 9.31
CA LYS A 82 26.42 7.93 10.74
C LYS A 82 26.11 9.34 11.22
N GLU A 83 27.10 10.01 11.81
CA GLU A 83 26.89 11.37 12.30
C GLU A 83 28.00 12.31 11.84
N GLU A 84 28.88 11.80 10.98
CA GLU A 84 29.98 12.60 10.47
C GLU A 84 29.49 13.89 9.80
N ILE A 85 28.88 13.75 8.63
CA ILE A 85 28.37 14.92 7.92
C ILE A 85 26.86 14.98 7.99
N LYS A 86 26.28 16.11 7.57
CA LYS A 86 24.83 16.27 7.58
C LYS A 86 24.14 15.54 6.44
N LEU A 87 22.84 15.29 6.60
CA LEU A 87 22.10 14.58 5.58
C LEU A 87 20.72 15.16 5.28
N ILE A 88 20.45 15.34 3.99
CA ILE A 88 19.16 15.85 3.54
C ILE A 88 18.58 14.78 2.63
N ALA A 89 17.36 14.34 2.90
CA ALA A 89 16.73 13.33 2.07
C ALA A 89 15.70 13.95 1.14
N GLN A 90 15.87 13.77 -0.16
CA GLN A 90 14.90 14.30 -1.11
C GLN A 90 13.84 13.20 -1.23
N VAL A 91 12.60 13.54 -0.87
CA VAL A 91 11.54 12.55 -0.92
C VAL A 91 10.38 12.92 -1.85
N GLY A 92 10.56 13.97 -2.65
CA GLY A 92 9.51 14.39 -3.58
C GLY A 92 9.19 13.33 -4.61
N SER A 93 7.97 13.40 -5.14
CA SER A 93 7.50 12.43 -6.14
C SER A 93 6.13 12.86 -6.68
N VAL A 94 5.77 12.35 -7.86
CA VAL A 94 4.48 12.65 -8.46
C VAL A 94 3.41 11.93 -7.62
N ASN A 95 3.88 10.92 -6.88
CA ASN A 95 3.03 10.13 -6.01
C ASN A 95 3.18 10.68 -4.58
N LEU A 96 2.27 11.57 -4.18
CA LEU A 96 2.30 12.18 -2.86
C LEU A 96 2.36 11.12 -1.74
N LYS A 97 1.61 10.04 -1.90
CA LYS A 97 1.61 8.98 -0.91
C LYS A 97 3.03 8.44 -0.71
N GLU A 98 3.78 8.29 -1.80
CA GLU A 98 5.16 7.80 -1.70
C GLU A 98 6.01 8.87 -1.02
N ALA A 99 5.83 10.12 -1.40
CA ALA A 99 6.60 11.19 -0.78
C ALA A 99 6.35 11.25 0.74
N VAL A 100 5.13 10.98 1.16
CA VAL A 100 4.83 11.01 2.59
C VAL A 100 5.47 9.82 3.30
N GLU A 101 5.42 8.66 2.66
CA GLU A 101 6.02 7.48 3.26
C GLU A 101 7.53 7.67 3.39
N LEU A 102 8.16 8.21 2.36
CA LEU A 102 9.61 8.42 2.41
C LEU A 102 10.04 9.48 3.43
N ALA A 103 9.18 10.46 3.70
CA ALA A 103 9.49 11.50 4.69
C ALA A 103 9.55 10.89 6.08
N LYS A 104 8.62 9.98 6.37
CA LYS A 104 8.57 9.33 7.66
C LYS A 104 9.75 8.37 7.79
N PHE A 105 10.01 7.63 6.71
CA PHE A 105 11.12 6.68 6.68
C PHE A 105 12.45 7.37 6.98
N THR A 106 12.78 8.41 6.23
CA THR A 106 14.04 9.10 6.41
C THR A 106 14.08 9.93 7.70
N THR A 107 12.93 10.38 8.17
CA THR A 107 12.90 11.14 9.40
C THR A 107 13.21 10.17 10.55
N ASP A 108 12.74 8.93 10.41
CA ASP A 108 12.97 7.92 11.42
C ASP A 108 14.43 7.51 11.41
N LEU A 109 15.02 7.45 10.21
CA LEU A 109 16.42 7.08 10.05
C LEU A 109 17.35 8.16 10.61
N GLY A 110 16.79 9.30 10.98
CA GLY A 110 17.60 10.36 11.55
C GLY A 110 18.12 11.43 10.59
N TYR A 111 17.55 11.54 9.39
CA TYR A 111 18.00 12.57 8.46
C TYR A 111 17.74 13.95 9.05
N ASP A 112 18.74 14.83 8.93
CA ASP A 112 18.66 16.18 9.48
C ASP A 112 17.59 17.07 8.88
N ALA A 113 17.17 16.74 7.66
CA ALA A 113 16.13 17.51 6.98
C ALA A 113 15.69 16.79 5.72
N ILE A 114 14.51 17.12 5.23
CA ILE A 114 14.02 16.50 4.01
C ILE A 114 13.80 17.58 2.97
N SER A 115 13.75 17.15 1.71
CA SER A 115 13.56 18.04 0.58
C SER A 115 12.57 17.40 -0.39
N ALA A 116 11.79 18.23 -1.07
CA ALA A 116 10.82 17.70 -2.02
C ALA A 116 10.74 18.53 -3.31
N VAL A 117 10.98 17.85 -4.43
CA VAL A 117 10.90 18.50 -5.73
C VAL A 117 9.43 18.84 -5.97
N THR A 118 9.18 19.91 -6.73
CA THR A 118 7.82 20.31 -7.03
C THR A 118 7.20 19.16 -7.82
N PRO A 119 5.95 18.81 -7.53
CA PRO A 119 5.32 17.71 -8.28
C PRO A 119 5.33 18.03 -9.78
N PHE A 120 5.65 17.03 -10.61
CA PHE A 120 5.70 17.26 -12.04
C PHE A 120 4.81 16.36 -12.90
N TYR A 121 5.08 16.37 -14.20
CA TYR A 121 4.35 15.62 -15.21
C TYR A 121 2.97 16.25 -15.40
N TYR A 122 2.09 16.05 -14.43
CA TYR A 122 0.76 16.65 -14.51
C TYR A 122 0.96 18.14 -14.24
N LYS A 123 0.01 18.96 -14.67
CA LYS A 123 0.11 20.39 -14.45
C LYS A 123 -0.75 20.82 -13.27
N PHE A 124 -0.15 20.82 -12.09
CA PHE A 124 -0.85 21.23 -10.87
C PHE A 124 -0.81 22.74 -10.76
N ASP A 125 -1.84 23.34 -10.17
CA ASP A 125 -1.84 24.79 -9.97
C ASP A 125 -1.13 25.03 -8.64
N PHE A 126 -0.90 26.28 -8.28
CA PHE A 126 -0.21 26.55 -7.03
C PHE A 126 -0.93 25.99 -5.80
N GLU A 127 -2.24 26.19 -5.73
CA GLU A 127 -3.02 25.70 -4.60
C GLU A 127 -2.68 24.25 -4.32
N GLU A 128 -2.58 23.48 -5.39
CA GLU A 128 -2.28 22.06 -5.28
C GLU A 128 -0.83 21.81 -4.89
N ILE A 129 0.07 22.65 -5.38
CA ILE A 129 1.49 22.52 -5.07
C ILE A 129 1.68 22.79 -3.57
N LYS A 130 0.95 23.77 -3.05
CA LYS A 130 1.01 24.13 -1.64
C LYS A 130 0.48 22.97 -0.80
N HIS A 131 -0.65 22.41 -1.23
CA HIS A 131 -1.25 21.29 -0.53
C HIS A 131 -0.24 20.14 -0.47
N TYR A 132 0.46 19.91 -1.58
CA TYR A 132 1.48 18.87 -1.69
C TYR A 132 2.55 19.06 -0.63
N TYR A 133 3.17 20.23 -0.61
CA TYR A 133 4.22 20.52 0.35
C TYR A 133 3.77 20.42 1.80
N ASN A 134 2.63 21.01 2.12
CA ASN A 134 2.13 20.97 3.50
C ASN A 134 1.83 19.55 3.97
N THR A 135 1.29 18.73 3.08
CA THR A 135 0.97 17.36 3.43
C THR A 135 2.26 16.60 3.77
N ILE A 136 3.33 16.91 3.04
CA ILE A 136 4.59 16.22 3.31
C ILE A 136 5.17 16.63 4.66
N ILE A 137 5.43 17.92 4.84
CA ILE A 137 6.01 18.40 6.09
C ILE A 137 5.12 18.21 7.30
N ASN A 138 3.81 18.31 7.13
CA ASN A 138 2.90 18.15 8.26
C ASN A 138 2.75 16.73 8.73
N SER A 139 3.36 15.78 8.02
CA SER A 139 3.26 14.38 8.39
C SER A 139 4.44 13.90 9.21
N VAL A 140 5.51 14.68 9.26
CA VAL A 140 6.69 14.26 10.02
C VAL A 140 7.25 15.37 10.89
N ASP A 141 8.04 14.97 11.87
CA ASP A 141 8.68 15.93 12.76
C ASP A 141 10.06 16.18 12.16
N ASN A 142 10.10 17.07 11.18
CA ASN A 142 11.35 17.40 10.51
C ASN A 142 11.20 18.75 9.85
N ARG A 143 12.20 19.13 9.06
CA ARG A 143 12.21 20.40 8.37
C ARG A 143 12.33 20.14 6.87
N LEU A 144 11.61 20.92 6.08
CA LEU A 144 11.63 20.72 4.63
C LEU A 144 12.21 21.84 3.78
N ILE A 145 13.00 21.41 2.79
CA ILE A 145 13.64 22.31 1.85
C ILE A 145 12.97 22.12 0.49
N ILE A 146 12.43 23.21 -0.07
CA ILE A 146 11.77 23.16 -1.36
C ILE A 146 12.79 22.97 -2.49
N TYR A 147 12.58 21.94 -3.30
CA TYR A 147 13.46 21.65 -4.42
C TYR A 147 12.85 22.25 -5.69
N SER A 148 13.44 23.34 -6.17
CA SER A 148 12.96 24.01 -7.38
C SER A 148 13.95 23.90 -8.53
N ILE A 149 13.64 23.03 -9.49
CA ILE A 149 14.51 22.81 -10.65
C ILE A 149 13.70 22.93 -11.95
N PRO A 150 13.30 24.17 -12.30
CA PRO A 150 12.51 24.53 -13.49
C PRO A 150 12.85 23.92 -14.85
N PHE A 151 14.12 23.74 -15.18
CA PHE A 151 14.44 23.20 -16.49
C PHE A 151 14.10 21.72 -16.69
N LEU A 152 13.85 21.01 -15.59
CA LEU A 152 13.48 19.60 -15.68
C LEU A 152 11.98 19.40 -15.43
N THR A 153 11.46 20.04 -14.39
CA THR A 153 10.05 19.92 -14.05
C THR A 153 9.18 20.87 -14.86
N GLY A 154 9.75 22.01 -15.23
CA GLY A 154 9.00 22.99 -16.01
C GLY A 154 8.13 23.89 -15.15
N VAL A 155 8.23 23.74 -13.83
CA VAL A 155 7.43 24.54 -12.91
C VAL A 155 8.23 25.75 -12.41
N ASP A 156 7.65 26.94 -12.59
CA ASP A 156 8.30 28.18 -12.16
C ASP A 156 7.38 28.92 -11.18
N MET A 157 7.85 29.12 -9.96
CA MET A 157 7.04 29.82 -8.96
C MET A 157 7.49 31.27 -8.77
N SER A 158 6.52 32.14 -8.54
CA SER A 158 6.78 33.57 -8.33
C SER A 158 7.35 33.81 -6.94
N LEU A 159 7.53 35.07 -6.57
CA LEU A 159 8.05 35.41 -5.26
C LEU A 159 6.97 35.21 -4.20
N ASP A 160 5.77 35.73 -4.46
CA ASP A 160 4.67 35.61 -3.51
C ASP A 160 4.28 34.16 -3.26
N GLN A 161 4.46 33.31 -4.27
CA GLN A 161 4.11 31.91 -4.12
C GLN A 161 5.07 31.28 -3.11
N PHE A 162 6.36 31.57 -3.28
CA PHE A 162 7.37 31.08 -2.35
C PHE A 162 7.02 31.61 -0.97
N GLY A 163 6.48 32.82 -0.94
CA GLY A 163 6.10 33.44 0.31
C GLY A 163 5.02 32.64 1.02
N GLU A 164 4.07 32.13 0.24
CA GLU A 164 2.98 31.34 0.81
C GLU A 164 3.51 30.02 1.36
N LEU A 165 4.36 29.36 0.59
CA LEU A 165 4.93 28.10 1.06
C LEU A 165 5.68 28.36 2.37
N PHE A 166 6.47 29.42 2.40
CA PHE A 166 7.25 29.77 3.59
C PHE A 166 6.42 30.17 4.81
N GLU A 167 5.11 30.26 4.64
CA GLU A 167 4.25 30.61 5.77
C GLU A 167 4.53 29.60 6.88
N ASN A 168 4.68 28.34 6.50
CA ASN A 168 4.96 27.25 7.44
C ASN A 168 6.41 27.28 7.90
N GLU A 169 6.62 27.40 9.22
CA GLU A 169 7.97 27.48 9.76
C GLU A 169 8.78 26.19 9.61
N LYS A 170 8.11 25.08 9.31
CA LYS A 170 8.83 23.82 9.14
C LYS A 170 9.46 23.74 7.75
N ILE A 171 9.07 24.67 6.89
CA ILE A 171 9.63 24.78 5.54
C ILE A 171 10.69 25.86 5.75
N ILE A 172 11.93 25.42 5.97
CA ILE A 172 13.06 26.28 6.28
C ILE A 172 13.87 26.88 5.14
N GLY A 173 13.72 26.35 3.93
CA GLY A 173 14.49 26.90 2.83
C GLY A 173 14.15 26.37 1.46
N VAL A 174 14.99 26.69 0.49
CA VAL A 174 14.79 26.25 -0.87
C VAL A 174 16.09 26.01 -1.62
N LYS A 175 16.06 25.02 -2.50
CA LYS A 175 17.21 24.71 -3.35
C LYS A 175 16.82 25.36 -4.67
N PHE A 176 17.49 26.47 -4.99
CA PHE A 176 17.24 27.27 -6.17
C PHE A 176 18.11 26.86 -7.36
N THR A 177 17.59 25.96 -8.21
CA THR A 177 18.33 25.50 -9.37
C THR A 177 17.82 26.16 -10.65
N ALA A 178 17.77 27.49 -10.65
CA ALA A 178 17.30 28.27 -11.80
C ALA A 178 18.22 29.45 -12.08
N ALA A 179 18.39 29.77 -13.35
CA ALA A 179 19.26 30.87 -13.76
C ALA A 179 18.66 32.26 -13.51
N ASP A 180 17.56 32.34 -12.77
CA ASP A 180 16.94 33.63 -12.51
C ASP A 180 17.56 34.31 -11.28
N PHE A 181 18.62 35.07 -11.48
CA PHE A 181 19.25 35.73 -10.35
C PHE A 181 18.46 36.93 -9.82
N TYR A 182 17.50 37.40 -10.61
CA TYR A 182 16.66 38.50 -10.18
C TYR A 182 15.77 37.92 -9.08
N LEU A 183 15.19 36.76 -9.36
CA LEU A 183 14.33 36.09 -8.38
C LEU A 183 15.17 35.68 -7.16
N LEU A 184 16.37 35.18 -7.41
CA LEU A 184 17.26 34.76 -6.32
C LEU A 184 17.55 35.94 -5.38
N GLU A 185 17.89 37.09 -5.96
CA GLU A 185 18.16 38.28 -5.19
C GLU A 185 16.91 38.67 -4.39
N ARG A 186 15.75 38.57 -5.02
CA ARG A 186 14.49 38.92 -4.36
C ARG A 186 14.20 37.97 -3.19
N MET A 187 14.55 36.70 -3.37
CA MET A 187 14.36 35.68 -2.35
C MET A 187 15.22 35.99 -1.14
N ARG A 188 16.51 36.21 -1.39
CA ARG A 188 17.46 36.51 -0.34
C ARG A 188 16.98 37.67 0.51
N LYS A 189 16.52 38.71 -0.18
CA LYS A 189 16.03 39.93 0.45
C LYS A 189 14.69 39.78 1.17
N THR A 190 13.76 39.04 0.57
CA THR A 190 12.45 38.87 1.15
C THR A 190 12.39 37.81 2.25
N PHE A 191 13.27 36.81 2.18
CA PHE A 191 13.29 35.74 3.16
C PHE A 191 14.68 35.64 3.80
N PRO A 192 15.03 36.62 4.65
CA PRO A 192 16.33 36.63 5.32
C PRO A 192 16.50 35.47 6.30
N ASN A 193 15.37 34.99 6.84
CA ASN A 193 15.37 33.90 7.81
C ASN A 193 15.23 32.50 7.19
N LYS A 194 15.39 32.40 5.88
CA LYS A 194 15.25 31.12 5.20
C LYS A 194 16.54 30.73 4.49
N LEU A 195 16.80 29.43 4.41
CA LEU A 195 18.00 28.95 3.74
C LEU A 195 17.82 28.93 2.22
N ILE A 196 18.84 29.37 1.50
CA ILE A 196 18.79 29.36 0.05
C ILE A 196 20.05 28.66 -0.45
N PHE A 197 19.86 27.56 -1.19
CA PHE A 197 20.97 26.79 -1.73
C PHE A 197 21.11 26.96 -3.23
N ALA A 198 22.32 27.20 -3.69
CA ALA A 198 22.60 27.34 -5.11
C ALA A 198 22.55 25.95 -5.75
N GLY A 199 21.86 25.83 -6.88
CA GLY A 199 21.74 24.54 -7.53
C GLY A 199 22.56 24.35 -8.79
N PHE A 200 23.24 25.41 -9.24
CA PHE A 200 24.07 25.29 -10.44
C PHE A 200 25.53 25.50 -10.06
N ASP A 201 26.31 24.42 -10.17
CA ASP A 201 27.73 24.45 -9.83
C ASP A 201 28.52 25.42 -10.68
N GLU A 202 28.19 25.50 -11.97
CA GLU A 202 28.89 26.39 -12.88
C GLU A 202 28.56 27.87 -12.68
N MET A 203 27.69 28.16 -11.71
CA MET A 203 27.27 29.54 -11.41
C MET A 203 27.40 29.80 -9.91
N MET A 204 28.26 29.04 -9.25
CA MET A 204 28.46 29.17 -7.81
C MET A 204 28.86 30.57 -7.35
N LEU A 205 29.85 31.18 -8.01
CA LEU A 205 30.32 32.52 -7.65
C LEU A 205 29.24 33.62 -7.71
N PRO A 206 28.55 33.76 -8.85
CA PRO A 206 27.52 34.82 -8.89
C PRO A 206 26.38 34.55 -7.90
N ALA A 207 26.14 33.29 -7.57
CA ALA A 207 25.08 32.96 -6.64
C ALA A 207 25.50 33.28 -5.20
N THR A 208 26.76 33.00 -4.89
CA THR A 208 27.26 33.26 -3.54
C THR A 208 27.25 34.75 -3.17
N VAL A 209 27.53 35.63 -4.14
CA VAL A 209 27.53 37.06 -3.84
C VAL A 209 26.11 37.56 -3.59
N LEU A 210 25.12 36.74 -3.91
CA LEU A 210 23.74 37.11 -3.68
C LEU A 210 23.31 36.57 -2.31
N GLY A 211 24.25 35.94 -1.61
CA GLY A 211 23.98 35.45 -0.27
C GLY A 211 23.42 34.07 -0.03
N VAL A 212 23.67 33.11 -0.92
CA VAL A 212 23.17 31.77 -0.70
C VAL A 212 23.83 31.17 0.56
N ASP A 213 23.05 30.41 1.33
CA ASP A 213 23.55 29.80 2.57
C ASP A 213 24.30 28.49 2.33
N GLY A 214 24.59 28.21 1.07
CA GLY A 214 25.30 26.98 0.74
C GLY A 214 25.04 26.58 -0.70
N ALA A 215 25.38 25.34 -1.05
CA ALA A 215 25.17 24.85 -2.40
C ALA A 215 25.01 23.33 -2.41
N ILE A 216 24.22 22.85 -3.36
CA ILE A 216 23.97 21.41 -3.50
C ILE A 216 24.26 21.09 -4.96
N GLY A 217 25.31 20.30 -5.21
CA GLY A 217 25.64 19.99 -6.59
C GLY A 217 26.13 18.59 -6.90
N SER A 218 26.00 18.21 -8.17
CA SER A 218 26.39 16.89 -8.62
C SER A 218 27.90 16.78 -8.87
N THR A 219 28.52 17.87 -9.27
CA THR A 219 29.96 17.85 -9.53
C THR A 219 30.78 17.83 -8.24
N PHE A 220 30.15 18.14 -7.11
CA PHE A 220 30.88 18.15 -5.85
C PHE A 220 31.39 16.75 -5.49
N ASN A 221 30.84 15.72 -6.13
CA ASN A 221 31.26 14.35 -5.87
C ASN A 221 32.72 14.14 -6.23
N VAL A 222 33.28 15.03 -7.04
CA VAL A 222 34.68 14.92 -7.44
C VAL A 222 35.40 16.26 -7.44
N ASN A 223 34.64 17.35 -7.42
CA ASN A 223 35.25 18.68 -7.43
C ASN A 223 34.92 19.44 -6.15
N GLY A 224 34.60 18.69 -5.11
CA GLY A 224 34.24 19.30 -3.83
C GLY A 224 35.19 20.36 -3.28
N VAL A 225 36.50 20.11 -3.36
CA VAL A 225 37.47 21.07 -2.84
C VAL A 225 37.39 22.42 -3.55
N ARG A 226 37.47 22.40 -4.88
CA ARG A 226 37.37 23.64 -5.64
C ARG A 226 36.07 24.37 -5.29
N ALA A 227 35.00 23.60 -5.21
CA ALA A 227 33.68 24.15 -4.89
C ALA A 227 33.71 24.95 -3.60
N ARG A 228 34.36 24.38 -2.59
CA ARG A 228 34.48 25.04 -1.29
C ARG A 228 35.39 26.26 -1.39
N GLN A 229 36.40 26.18 -2.24
CA GLN A 229 37.31 27.32 -2.42
C GLN A 229 36.52 28.50 -2.98
N ILE A 230 35.75 28.25 -4.04
CA ILE A 230 34.95 29.29 -4.66
C ILE A 230 34.03 29.91 -3.61
N PHE A 231 33.28 29.06 -2.94
CA PHE A 231 32.35 29.50 -1.92
C PHE A 231 33.05 30.28 -0.80
N GLU A 232 34.21 29.81 -0.38
CA GLU A 232 34.96 30.47 0.69
C GLU A 232 35.69 31.72 0.21
N LEU A 233 36.44 31.61 -0.89
CA LEU A 233 37.15 32.76 -1.43
C LEU A 233 36.19 33.93 -1.61
N THR A 234 34.98 33.61 -2.06
CA THR A 234 33.96 34.62 -2.29
C THR A 234 33.47 35.24 -0.99
N LYS A 235 33.09 34.40 -0.04
CA LYS A 235 32.60 34.90 1.24
C LYS A 235 33.66 35.78 1.92
N ASN A 236 34.92 35.59 1.52
CA ASN A 236 36.02 36.39 2.08
C ASN A 236 36.37 37.52 1.09
N GLU A 237 35.55 37.64 0.05
CA GLU A 237 35.68 38.66 -0.96
C GLU A 237 36.95 38.68 -1.80
N LYS A 238 37.48 37.51 -2.10
CA LYS A 238 38.66 37.42 -2.95
C LYS A 238 38.11 37.00 -4.32
N ILE A 239 37.22 37.84 -4.83
CA ILE A 239 36.53 37.63 -6.09
C ILE A 239 37.41 37.20 -7.25
N SER A 240 38.45 37.97 -7.53
CA SER A 240 39.35 37.63 -8.62
C SER A 240 39.92 36.22 -8.48
N GLU A 241 40.12 35.78 -7.24
CA GLU A 241 40.64 34.44 -6.99
C GLU A 241 39.50 33.45 -7.19
N ALA A 242 38.32 33.83 -6.72
CA ALA A 242 37.13 33.01 -6.83
C ALA A 242 36.77 32.81 -8.29
N LEU A 243 36.88 33.87 -9.09
CA LEU A 243 36.55 33.77 -10.51
C LEU A 243 37.50 32.81 -11.22
N GLU A 244 38.77 32.83 -10.81
CA GLU A 244 39.77 31.95 -11.42
C GLU A 244 39.42 30.50 -11.13
N VAL A 245 38.99 30.23 -9.91
CA VAL A 245 38.63 28.86 -9.57
C VAL A 245 37.37 28.47 -10.34
N GLN A 246 36.43 29.39 -10.42
CA GLN A 246 35.18 29.14 -11.14
C GLN A 246 35.50 28.85 -12.61
N HIS A 247 36.57 29.48 -13.11
CA HIS A 247 37.00 29.27 -14.49
C HIS A 247 37.45 27.83 -14.74
N VAL A 248 38.34 27.34 -13.89
CA VAL A 248 38.84 25.98 -14.03
C VAL A 248 37.70 25.00 -13.82
N THR A 249 36.88 25.29 -12.81
CA THR A 249 35.74 24.45 -12.49
C THR A 249 34.80 24.35 -13.70
N ASN A 250 34.59 25.47 -14.37
CA ASN A 250 33.71 25.49 -15.52
C ASN A 250 34.35 24.86 -16.74
N ASP A 251 35.68 24.77 -16.75
CA ASP A 251 36.36 24.12 -17.86
C ASP A 251 36.10 22.64 -17.63
N LEU A 252 36.15 22.23 -16.37
CA LEU A 252 35.89 20.85 -15.98
C LEU A 252 34.43 20.49 -16.24
N ILE A 253 33.52 21.30 -15.73
CA ILE A 253 32.11 21.02 -15.93
C ILE A 253 31.76 20.96 -17.41
N THR A 254 32.38 21.82 -18.21
CA THR A 254 32.12 21.85 -19.65
C THR A 254 32.49 20.55 -20.34
N ASP A 255 33.63 19.97 -19.97
CA ASP A 255 34.05 18.70 -20.56
C ASP A 255 33.13 17.57 -20.06
N ILE A 256 32.75 17.65 -18.79
CA ILE A 256 31.86 16.66 -18.20
C ILE A 256 30.53 16.63 -18.96
N LEU A 257 29.88 17.78 -19.08
CA LEU A 257 28.61 17.86 -19.79
C LEU A 257 28.79 17.41 -21.22
N GLY A 258 29.93 17.77 -21.81
CA GLY A 258 30.17 17.38 -23.18
C GLY A 258 30.36 15.88 -23.34
N ASN A 259 30.88 15.23 -22.31
CA ASN A 259 31.12 13.78 -22.37
C ASN A 259 30.05 12.94 -21.65
N GLY A 260 28.91 13.56 -21.32
CA GLY A 260 27.87 12.82 -20.63
C GLY A 260 28.03 12.99 -19.13
N LEU A 261 27.30 13.96 -18.58
CA LEU A 261 27.33 14.32 -17.17
C LEU A 261 27.50 13.20 -16.14
N TYR A 262 26.49 12.35 -16.03
CA TYR A 262 26.53 11.28 -15.03
C TYR A 262 27.56 10.18 -15.31
N GLN A 263 27.66 9.73 -16.56
CA GLN A 263 28.65 8.69 -16.89
C GLN A 263 30.05 9.17 -16.54
N THR A 264 30.35 10.39 -16.96
CA THR A 264 31.66 10.98 -16.73
C THR A 264 32.05 11.22 -15.28
N ILE A 265 31.11 11.72 -14.46
CA ILE A 265 31.46 11.94 -13.07
C ILE A 265 31.78 10.59 -12.41
N LYS A 266 31.08 9.56 -12.86
CA LYS A 266 31.29 8.23 -12.30
C LYS A 266 32.64 7.67 -12.80
N LEU A 267 32.95 7.88 -14.07
CA LEU A 267 34.21 7.41 -14.63
C LEU A 267 35.39 8.14 -13.99
N LEU A 268 35.16 9.38 -13.57
CA LEU A 268 36.20 10.17 -12.93
C LEU A 268 36.42 9.63 -11.52
N LEU A 269 35.35 9.09 -10.94
CA LEU A 269 35.44 8.50 -9.60
C LEU A 269 36.17 7.16 -9.70
N GLU A 270 35.90 6.42 -10.77
CA GLU A 270 36.55 5.14 -11.00
C GLU A 270 38.07 5.36 -11.02
N GLU A 271 38.52 6.38 -11.73
CA GLU A 271 39.94 6.72 -11.84
C GLU A 271 40.57 6.91 -10.46
N GLN A 272 39.73 7.23 -9.48
CA GLN A 272 40.22 7.44 -8.13
C GLN A 272 40.06 6.19 -7.27
N GLY A 273 39.73 5.08 -7.90
CA GLY A 273 39.57 3.85 -7.16
C GLY A 273 38.19 3.63 -6.59
N VAL A 274 37.25 4.50 -6.93
CA VAL A 274 35.88 4.38 -6.44
C VAL A 274 35.05 3.64 -7.48
N GLU A 275 34.33 2.62 -7.03
CA GLU A 275 33.50 1.81 -7.92
C GLU A 275 32.12 2.46 -8.17
N ALA A 276 32.13 3.69 -8.65
CA ALA A 276 30.90 4.44 -8.93
C ALA A 276 29.99 3.68 -9.91
N GLY A 277 30.60 2.81 -10.71
CA GLY A 277 29.84 1.99 -11.64
C GLY A 277 29.10 2.64 -12.80
N TYR A 278 28.02 1.98 -13.21
CA TYR A 278 27.17 2.42 -14.33
C TYR A 278 25.99 3.29 -13.89
N CYS A 279 25.27 3.78 -14.89
CA CYS A 279 24.05 4.57 -14.69
C CYS A 279 22.92 3.64 -15.14
N ARG A 280 21.74 3.83 -14.58
CA ARG A 280 20.59 3.01 -14.95
C ARG A 280 20.16 3.29 -16.39
N GLN A 281 19.84 2.23 -17.13
CA GLN A 281 19.37 2.39 -18.50
C GLN A 281 18.01 3.09 -18.33
N PRO A 282 17.54 3.81 -19.36
CA PRO A 282 18.14 4.03 -20.69
C PRO A 282 19.29 5.04 -20.77
N MET A 283 19.90 5.38 -19.63
CA MET A 283 21.06 6.28 -19.69
C MET A 283 22.17 5.44 -20.31
N LYS A 284 22.63 5.81 -21.50
CA LYS A 284 23.65 5.05 -22.19
C LYS A 284 24.85 4.60 -21.35
N GLU A 285 25.39 3.45 -21.75
CA GLU A 285 26.57 2.90 -21.10
C GLU A 285 27.71 3.72 -21.71
N ALA A 286 28.72 4.06 -20.92
CA ALA A 286 29.83 4.84 -21.42
C ALA A 286 30.55 4.12 -22.58
N THR A 287 30.73 4.82 -23.70
CA THR A 287 31.40 4.24 -24.84
C THR A 287 32.91 4.28 -24.62
N ASP A 288 33.66 3.81 -25.60
CA ASP A 288 35.13 3.82 -25.51
C ASP A 288 35.60 5.25 -25.62
N GLU A 289 34.99 6.00 -26.53
CA GLU A 289 35.32 7.40 -26.71
C GLU A 289 35.13 8.11 -25.37
N MET A 290 34.00 7.83 -24.74
CA MET A 290 33.68 8.45 -23.45
C MET A 290 34.68 8.10 -22.36
N LYS A 291 35.05 6.82 -22.27
CA LYS A 291 36.00 6.37 -21.26
C LYS A 291 37.38 6.99 -21.46
N SER A 292 37.82 7.05 -22.70
CA SER A 292 39.12 7.63 -23.00
C SER A 292 39.08 9.13 -22.71
N ARG A 293 37.97 9.76 -23.09
CA ARG A 293 37.80 11.19 -22.87
C ARG A 293 37.78 11.49 -21.38
N ALA A 294 37.12 10.62 -20.63
CA ALA A 294 37.03 10.77 -19.19
C ALA A 294 38.41 10.65 -18.54
N LYS A 295 39.27 9.83 -19.16
CA LYS A 295 40.61 9.65 -18.63
C LYS A 295 41.39 10.95 -18.81
N GLU A 296 41.27 11.55 -20.00
CA GLU A 296 41.94 12.81 -20.29
C GLU A 296 41.52 13.87 -19.30
N ILE A 297 40.21 13.99 -19.10
CA ILE A 297 39.66 14.99 -18.18
C ILE A 297 40.29 14.83 -16.81
N TYR A 298 40.43 13.59 -16.34
CA TYR A 298 41.02 13.35 -15.04
C TYR A 298 42.47 13.87 -15.03
N ARG A 299 43.20 13.58 -16.09
CA ARG A 299 44.59 14.02 -16.20
C ARG A 299 44.68 15.54 -16.19
N LYS A 300 43.77 16.20 -16.91
CA LYS A 300 43.78 17.65 -17.00
C LYS A 300 43.31 18.44 -15.79
N TYR A 301 42.36 17.91 -15.02
CA TYR A 301 41.85 18.66 -13.89
C TYR A 301 42.15 18.10 -12.50
N PHE A 302 42.75 16.92 -12.44
CA PHE A 302 43.06 16.30 -11.16
C PHE A 302 44.51 15.89 -11.01
N THR B 13 -18.35 6.48 30.10
CA THR B 13 -19.01 7.75 30.52
C THR B 13 -20.48 7.67 30.11
N ASP B 14 -20.77 8.18 28.91
CA ASP B 14 -22.12 8.15 28.36
C ASP B 14 -22.08 7.25 27.13
N MET B 15 -21.09 6.36 27.09
CA MET B 15 -20.93 5.43 25.99
C MET B 15 -21.82 4.20 26.24
N LYS B 16 -22.68 4.28 27.24
CA LYS B 16 -23.59 3.17 27.56
C LYS B 16 -24.63 2.97 26.47
N GLY B 17 -25.19 1.77 26.40
CA GLY B 17 -26.21 1.50 25.40
C GLY B 17 -25.99 0.29 24.50
N ILE B 18 -26.89 0.12 23.54
CA ILE B 18 -26.83 -0.99 22.60
C ILE B 18 -26.15 -0.55 21.31
N TYR B 19 -25.12 -1.29 20.92
CA TYR B 19 -24.38 -1.02 19.71
C TYR B 19 -24.44 -2.22 18.77
N SER B 20 -24.65 -1.94 17.48
CA SER B 20 -24.67 -3.00 16.49
C SER B 20 -23.24 -3.12 15.96
N ALA B 21 -22.70 -4.33 15.96
CA ALA B 21 -21.36 -4.54 15.41
C ALA B 21 -21.69 -4.44 13.94
N LEU B 22 -21.34 -3.31 13.34
CA LEU B 22 -21.66 -3.03 11.94
C LEU B 22 -21.26 -4.03 10.87
N LEU B 23 -22.25 -4.48 10.12
CA LEU B 23 -22.04 -5.38 9.00
C LEU B 23 -21.63 -4.48 7.84
N VAL B 24 -20.86 -5.01 6.91
CA VAL B 24 -20.44 -4.21 5.77
C VAL B 24 -20.92 -4.85 4.48
N SER B 25 -21.33 -4.03 3.53
CA SER B 25 -21.81 -4.53 2.25
C SER B 25 -20.70 -4.71 1.22
N PHE B 26 -20.59 -5.91 0.69
CA PHE B 26 -19.60 -6.21 -0.34
C PHE B 26 -20.36 -6.73 -1.56
N ASP B 27 -19.81 -6.53 -2.76
CA ASP B 27 -20.46 -7.04 -3.96
C ASP B 27 -19.88 -8.41 -4.30
N LYS B 28 -20.29 -8.97 -5.43
CA LYS B 28 -19.82 -10.28 -5.86
C LYS B 28 -18.31 -10.37 -5.92
N GLU B 29 -17.65 -9.26 -6.25
CA GLU B 29 -16.19 -9.23 -6.32
C GLU B 29 -15.53 -9.07 -4.96
N GLY B 30 -16.33 -8.84 -3.92
CA GLY B 30 -15.77 -8.65 -2.59
C GLY B 30 -15.34 -7.22 -2.34
N ASN B 31 -15.82 -6.29 -3.16
CA ASN B 31 -15.49 -4.89 -3.00
C ASN B 31 -16.53 -4.20 -2.15
N ILE B 32 -16.09 -3.17 -1.42
CA ILE B 32 -16.98 -2.41 -0.56
C ILE B 32 -18.05 -1.73 -1.41
N ASN B 33 -19.31 -1.93 -1.06
CA ASN B 33 -20.39 -1.28 -1.77
C ASN B 33 -20.89 -0.15 -0.87
N GLU B 34 -20.34 1.04 -1.06
CA GLU B 34 -20.69 2.20 -0.24
C GLU B 34 -22.18 2.43 -0.09
N LYS B 35 -22.90 2.35 -1.20
CA LYS B 35 -24.35 2.55 -1.19
C LYS B 35 -25.00 1.54 -0.24
N GLY B 36 -24.55 0.30 -0.31
CA GLY B 36 -25.11 -0.74 0.55
C GLY B 36 -24.78 -0.53 2.02
N LEU B 37 -23.56 -0.07 2.28
CA LEU B 37 -23.09 0.18 3.64
C LEU B 37 -23.94 1.30 4.29
N ARG B 38 -24.09 2.41 3.58
CA ARG B 38 -24.89 3.52 4.09
C ARG B 38 -26.31 3.06 4.43
N GLN B 39 -26.86 2.15 3.62
CA GLN B 39 -28.21 1.64 3.88
C GLN B 39 -28.23 0.77 5.13
N ILE B 40 -27.16 0.01 5.35
CA ILE B 40 -27.09 -0.84 6.53
C ILE B 40 -27.04 0.09 7.75
N ILE B 41 -26.30 1.18 7.63
CA ILE B 41 -26.18 2.17 8.70
C ILE B 41 -27.53 2.86 8.96
N ARG B 42 -28.22 3.23 7.88
CA ARG B 42 -29.52 3.89 7.99
C ARG B 42 -30.55 2.96 8.63
N HIS B 43 -30.47 1.68 8.30
CA HIS B 43 -31.40 0.68 8.85
C HIS B 43 -31.16 0.52 10.36
N ASN B 44 -29.91 0.39 10.77
CA ASN B 44 -29.55 0.26 12.18
C ASN B 44 -30.05 1.47 12.99
N ILE B 45 -29.90 2.65 12.41
CA ILE B 45 -30.31 3.88 13.07
C ILE B 45 -31.82 4.08 13.05
N ASP B 46 -32.39 4.10 11.86
CA ASP B 46 -33.82 4.35 11.70
C ASP B 46 -34.75 3.18 12.03
N VAL B 47 -34.32 1.95 11.78
CA VAL B 47 -35.18 0.79 12.06
C VAL B 47 -34.83 0.01 13.33
N CYS B 48 -33.55 -0.29 13.55
CA CYS B 48 -33.18 -1.04 14.74
C CYS B 48 -33.09 -0.12 15.96
N LYS B 49 -33.01 1.19 15.70
CA LYS B 49 -32.96 2.16 16.79
C LYS B 49 -31.86 1.94 17.84
N VAL B 50 -30.68 1.49 17.43
CA VAL B 50 -29.60 1.27 18.39
C VAL B 50 -28.98 2.59 18.85
N ASP B 51 -28.23 2.53 19.96
CA ASP B 51 -27.58 3.74 20.49
C ASP B 51 -26.28 4.05 19.77
N GLY B 52 -25.71 3.04 19.09
CA GLY B 52 -24.46 3.28 18.40
C GLY B 52 -23.98 2.13 17.52
N LEU B 53 -22.90 2.38 16.79
CA LEU B 53 -22.32 1.37 15.93
C LEU B 53 -20.91 1.02 16.38
N TYR B 54 -20.58 -0.27 16.35
CA TYR B 54 -19.25 -0.72 16.72
C TYR B 54 -18.66 -1.04 15.35
N VAL B 55 -17.79 -0.17 14.86
CA VAL B 55 -17.20 -0.30 13.53
C VAL B 55 -15.81 -0.95 13.40
N GLY B 56 -15.69 -1.89 12.47
CA GLY B 56 -14.41 -2.56 12.24
C GLY B 56 -14.17 -3.78 13.09
N GLY B 57 -15.26 -4.39 13.55
CA GLY B 57 -15.14 -5.57 14.38
C GLY B 57 -15.20 -6.82 13.53
N SER B 58 -15.22 -7.98 14.19
CA SER B 58 -15.29 -9.25 13.52
C SER B 58 -16.48 -9.26 12.56
N THR B 59 -17.62 -8.80 13.06
CA THR B 59 -18.87 -8.74 12.30
C THR B 59 -18.69 -7.96 11.00
N GLY B 60 -17.80 -6.97 11.02
CA GLY B 60 -17.56 -6.19 9.81
C GLY B 60 -16.59 -6.88 8.87
N GLU B 61 -16.20 -8.12 9.19
CA GLU B 61 -15.26 -8.87 8.36
C GLU B 61 -13.96 -8.08 8.27
N ASN B 62 -13.71 -7.33 9.33
CA ASN B 62 -12.54 -6.48 9.44
C ASN B 62 -11.19 -7.13 9.13
N PHE B 63 -10.92 -8.29 9.71
CA PHE B 63 -9.64 -8.93 9.49
C PHE B 63 -9.39 -9.55 8.13
N MET B 64 -10.40 -9.50 7.25
CA MET B 64 -10.22 -10.02 5.89
C MET B 64 -9.96 -8.82 4.97
N LEU B 65 -9.90 -7.64 5.55
CA LEU B 65 -9.69 -6.42 4.78
C LEU B 65 -8.31 -5.81 4.86
N SER B 66 -7.98 -5.01 3.85
CA SER B 66 -6.71 -4.31 3.81
C SER B 66 -6.90 -3.04 4.65
N THR B 67 -5.80 -2.42 5.05
CA THR B 67 -5.86 -1.21 5.85
C THR B 67 -6.61 -0.06 5.15
N ASP B 68 -6.46 0.06 3.84
CA ASP B 68 -7.15 1.13 3.14
C ASP B 68 -8.67 0.92 3.16
N GLU B 69 -9.09 -0.34 3.12
CA GLU B 69 -10.52 -0.66 3.15
C GLU B 69 -11.11 -0.36 4.54
N LYS B 70 -10.33 -0.63 5.59
CA LYS B 70 -10.77 -0.36 6.94
C LYS B 70 -11.00 1.14 7.07
N LYS B 71 -10.07 1.91 6.54
CA LYS B 71 -10.16 3.37 6.59
C LYS B 71 -11.36 3.90 5.83
N ARG B 72 -11.62 3.36 4.64
CA ARG B 72 -12.75 3.82 3.87
C ARG B 72 -14.03 3.53 4.65
N ILE B 73 -14.11 2.33 5.22
CA ILE B 73 -15.29 1.97 6.00
C ILE B 73 -15.47 2.89 7.21
N PHE B 74 -14.38 3.26 7.87
CA PHE B 74 -14.45 4.15 9.02
C PHE B 74 -14.93 5.54 8.62
N GLU B 75 -14.46 6.01 7.46
CA GLU B 75 -14.82 7.33 6.96
C GLU B 75 -16.28 7.38 6.50
N ILE B 76 -16.72 6.34 5.81
CA ILE B 76 -18.09 6.30 5.33
C ILE B 76 -19.08 6.23 6.50
N ALA B 77 -18.75 5.44 7.51
CA ALA B 77 -19.62 5.30 8.67
C ALA B 77 -19.77 6.63 9.42
N LYS B 78 -18.65 7.32 9.60
CA LYS B 78 -18.65 8.60 10.30
C LYS B 78 -19.43 9.64 9.50
N ASP B 79 -19.29 9.58 8.18
CA ASP B 79 -19.96 10.51 7.29
C ASP B 79 -21.48 10.32 7.29
N GLU B 80 -21.92 9.06 7.27
CA GLU B 80 -23.34 8.76 7.25
C GLU B 80 -24.00 9.01 8.61
N VAL B 81 -23.29 8.66 9.68
CA VAL B 81 -23.82 8.83 11.02
C VAL B 81 -23.80 10.28 11.49
N LYS B 82 -22.72 10.99 11.18
CA LYS B 82 -22.56 12.37 11.62
C LYS B 82 -22.50 12.36 13.15
N GLU B 83 -23.47 13.00 13.78
CA GLU B 83 -23.52 13.05 15.23
C GLU B 83 -24.80 12.40 15.75
N GLU B 84 -25.50 11.68 14.89
CA GLU B 84 -26.76 11.03 15.27
C GLU B 84 -26.62 10.03 16.41
N ILE B 85 -25.69 9.09 16.29
CA ILE B 85 -25.47 8.10 17.34
C ILE B 85 -23.99 8.00 17.69
N LYS B 86 -23.68 7.16 18.68
CA LYS B 86 -22.30 6.98 19.08
C LYS B 86 -21.56 6.02 18.15
N LEU B 87 -20.24 6.20 18.09
CA LEU B 87 -19.39 5.37 17.24
C LEU B 87 -18.13 4.93 17.97
N ILE B 88 -17.86 3.63 17.90
CA ILE B 88 -16.68 3.04 18.50
C ILE B 88 -15.96 2.35 17.35
N ALA B 89 -14.66 2.57 17.25
CA ALA B 89 -13.86 1.98 16.19
C ALA B 89 -12.94 0.87 16.73
N GLN B 90 -13.12 -0.35 16.23
CA GLN B 90 -12.25 -1.44 16.66
C GLN B 90 -11.05 -1.26 15.76
N VAL B 91 -9.90 -1.00 16.35
CA VAL B 91 -8.68 -0.79 15.58
C VAL B 91 -7.59 -1.82 15.92
N GLY B 92 -7.96 -2.82 16.73
CA GLY B 92 -7.00 -3.85 17.10
C GLY B 92 -6.50 -4.63 15.89
N SER B 93 -5.26 -5.13 16.00
CA SER B 93 -4.63 -5.86 14.91
C SER B 93 -3.33 -6.51 15.39
N VAL B 94 -2.89 -7.56 14.69
CA VAL B 94 -1.64 -8.24 15.04
C VAL B 94 -0.48 -7.29 14.74
N ASN B 95 -0.74 -6.35 13.83
CA ASN B 95 0.23 -5.35 13.43
C ASN B 95 -0.03 -4.08 14.27
N LEU B 96 0.75 -3.90 15.33
CA LEU B 96 0.58 -2.75 16.21
C LEU B 96 0.67 -1.41 15.47
N LYS B 97 1.55 -1.33 14.48
CA LYS B 97 1.70 -0.10 13.73
C LYS B 97 0.38 0.26 13.04
N GLU B 98 -0.31 -0.76 12.52
CA GLU B 98 -1.59 -0.51 11.86
C GLU B 98 -2.61 -0.07 12.90
N ALA B 99 -2.64 -0.74 14.05
CA ALA B 99 -3.60 -0.38 15.10
C ALA B 99 -3.43 1.09 15.47
N VAL B 100 -2.18 1.48 15.71
CA VAL B 100 -1.87 2.86 16.04
C VAL B 100 -2.34 3.78 14.91
N GLU B 101 -1.98 3.41 13.68
CA GLU B 101 -2.36 4.19 12.52
C GLU B 101 -3.88 4.37 12.46
N LEU B 102 -4.62 3.30 12.73
CA LEU B 102 -6.07 3.37 12.69
C LEU B 102 -6.66 4.10 13.90
N ALA B 103 -5.95 4.07 15.03
CA ALA B 103 -6.42 4.76 16.22
C ALA B 103 -6.38 6.26 15.94
N LYS B 104 -5.27 6.72 15.38
CA LYS B 104 -5.11 8.13 15.04
C LYS B 104 -6.15 8.55 14.01
N PHE B 105 -6.28 7.75 12.96
CA PHE B 105 -7.23 8.01 11.89
C PHE B 105 -8.67 8.17 12.42
N THR B 106 -9.13 7.18 13.17
CA THR B 106 -10.48 7.21 13.70
C THR B 106 -10.69 8.34 14.69
N THR B 107 -9.68 8.60 15.51
CA THR B 107 -9.78 9.66 16.49
C THR B 107 -9.90 10.98 15.73
N ASP B 108 -9.08 11.17 14.69
CA ASP B 108 -9.17 12.39 13.91
C ASP B 108 -10.54 12.53 13.25
N LEU B 109 -11.18 11.40 12.94
CA LEU B 109 -12.49 11.42 12.31
C LEU B 109 -13.57 11.77 13.34
N GLY B 110 -13.24 11.64 14.62
CA GLY B 110 -14.21 11.98 15.65
C GLY B 110 -14.92 10.81 16.31
N TYR B 111 -14.41 9.59 16.16
CA TYR B 111 -15.04 8.44 16.79
C TYR B 111 -15.01 8.69 18.29
N ASP B 112 -16.12 8.37 18.96
CA ASP B 112 -16.26 8.59 20.39
C ASP B 112 -15.37 7.74 21.27
N ALA B 113 -14.90 6.63 20.74
CA ALA B 113 -14.01 5.74 21.47
C ALA B 113 -13.44 4.74 20.50
N ILE B 114 -12.36 4.10 20.91
CA ILE B 114 -11.76 3.08 20.06
C ILE B 114 -11.72 1.81 20.88
N SER B 115 -11.42 0.70 20.21
CA SER B 115 -11.37 -0.59 20.85
C SER B 115 -10.31 -1.42 20.14
N ALA B 116 -9.80 -2.43 20.83
CA ALA B 116 -8.79 -3.28 20.22
C ALA B 116 -8.83 -4.69 20.77
N VAL B 117 -8.96 -5.65 19.88
CA VAL B 117 -8.98 -7.04 20.26
C VAL B 117 -7.59 -7.38 20.79
N THR B 118 -7.49 -8.40 21.62
CA THR B 118 -6.20 -8.82 22.13
C THR B 118 -5.36 -9.24 20.92
N PRO B 119 -4.05 -8.93 20.93
CA PRO B 119 -3.24 -9.34 19.77
C PRO B 119 -3.24 -10.87 19.71
N PHE B 120 -3.42 -11.42 18.51
CA PHE B 120 -3.49 -12.87 18.40
C PHE B 120 -2.44 -13.53 17.50
N TYR B 121 -2.71 -14.76 17.12
CA TYR B 121 -1.83 -15.59 16.30
C TYR B 121 -0.58 -15.95 17.10
N TYR B 122 0.24 -14.96 17.40
CA TYR B 122 1.44 -15.17 18.19
C TYR B 122 1.02 -15.27 19.65
N LYS B 123 1.75 -16.05 20.45
CA LYS B 123 1.43 -16.21 21.86
C LYS B 123 2.12 -15.13 22.69
N PHE B 124 1.44 -14.00 22.86
CA PHE B 124 1.99 -12.90 23.63
C PHE B 124 1.72 -13.11 25.12
N ASP B 125 2.65 -12.70 25.98
CA ASP B 125 2.39 -12.82 27.42
C ASP B 125 1.73 -11.54 27.91
N PHE B 126 1.27 -11.53 29.16
CA PHE B 126 0.59 -10.36 29.71
C PHE B 126 1.34 -9.05 29.56
N GLU B 127 2.61 -9.04 29.94
CA GLU B 127 3.43 -7.84 29.83
C GLU B 127 3.34 -7.29 28.42
N GLU B 128 3.42 -8.17 27.44
CA GLU B 128 3.36 -7.75 26.05
C GLU B 128 1.97 -7.25 25.67
N ILE B 129 0.95 -7.88 26.24
CA ILE B 129 -0.43 -7.48 25.97
C ILE B 129 -0.70 -6.11 26.57
N LYS B 130 -0.10 -5.82 27.71
CA LYS B 130 -0.28 -4.52 28.35
C LYS B 130 0.41 -3.43 27.52
N HIS B 131 1.59 -3.75 26.99
CA HIS B 131 2.33 -2.80 26.17
C HIS B 131 1.55 -2.45 24.90
N TYR B 132 0.94 -3.48 24.30
CA TYR B 132 0.14 -3.31 23.09
C TYR B 132 -1.01 -2.33 23.33
N TYR B 133 -1.72 -2.49 24.44
CA TYR B 133 -2.83 -1.60 24.75
C TYR B 133 -2.40 -0.18 25.10
N ASN B 134 -1.35 -0.05 25.91
CA ASN B 134 -0.87 1.27 26.28
C ASN B 134 -0.38 2.00 25.03
N THR B 135 0.37 1.30 24.19
CA THR B 135 0.90 1.90 22.97
C THR B 135 -0.22 2.47 22.10
N ILE B 136 -1.30 1.71 21.95
CA ILE B 136 -2.40 2.18 21.12
C ILE B 136 -3.09 3.39 21.72
N ILE B 137 -3.59 3.27 22.95
CA ILE B 137 -4.31 4.38 23.55
C ILE B 137 -3.47 5.58 23.98
N ASN B 138 -2.19 5.37 24.31
CA ASN B 138 -1.35 6.50 24.70
C ASN B 138 -0.92 7.32 23.50
N SER B 139 -1.16 6.80 22.30
CA SER B 139 -0.78 7.52 21.10
C SER B 139 -1.85 8.49 20.58
N VAL B 140 -3.03 8.47 21.19
CA VAL B 140 -4.11 9.35 20.75
C VAL B 140 -4.92 9.93 21.90
N ASP B 141 -5.66 11.00 21.60
CA ASP B 141 -6.50 11.63 22.60
C ASP B 141 -7.88 11.01 22.48
N ASN B 142 -8.02 9.80 23.02
CA ASN B 142 -9.29 9.09 22.98
C ASN B 142 -9.36 8.13 24.16
N ARG B 143 -10.36 7.26 24.15
CA ARG B 143 -10.56 6.29 25.20
C ARG B 143 -10.64 4.92 24.56
N LEU B 144 -10.13 3.91 25.26
CA LEU B 144 -10.12 2.56 24.71
C LEU B 144 -10.90 1.53 25.50
N ILE B 145 -11.55 0.65 24.74
CA ILE B 145 -12.32 -0.44 25.30
C ILE B 145 -11.61 -1.74 24.90
N ILE B 146 -11.34 -2.60 25.88
CA ILE B 146 -10.67 -3.87 25.63
C ILE B 146 -11.64 -4.89 25.06
N TYR B 147 -11.24 -5.56 23.98
CA TYR B 147 -12.06 -6.57 23.32
C TYR B 147 -11.43 -7.94 23.54
N SER B 148 -11.93 -8.63 24.56
CA SER B 148 -11.42 -9.96 24.95
C SER B 148 -11.70 -11.08 23.93
N ILE B 149 -12.95 -11.53 23.87
CA ILE B 149 -13.38 -12.59 22.95
C ILE B 149 -12.41 -13.77 22.79
N PRO B 150 -12.21 -14.55 23.87
CA PRO B 150 -11.29 -15.70 23.83
C PRO B 150 -11.80 -16.83 22.92
N PHE B 151 -12.94 -16.59 22.29
CA PHE B 151 -13.57 -17.57 21.40
C PHE B 151 -12.80 -17.74 20.09
N LEU B 152 -12.20 -16.65 19.60
CA LEU B 152 -11.45 -16.69 18.34
C LEU B 152 -9.96 -16.41 18.52
N THR B 153 -9.58 -15.89 19.69
CA THR B 153 -8.18 -15.57 19.95
C THR B 153 -7.44 -16.62 20.78
N GLY B 154 -8.17 -17.27 21.68
CA GLY B 154 -7.56 -18.27 22.54
C GLY B 154 -6.79 -17.62 23.67
N VAL B 155 -7.26 -16.46 24.12
CA VAL B 155 -6.61 -15.73 25.20
C VAL B 155 -7.54 -15.53 26.40
N ASP B 156 -7.10 -15.98 27.57
CA ASP B 156 -7.88 -15.85 28.81
C ASP B 156 -7.15 -15.06 29.89
N MET B 157 -7.62 -13.85 30.17
CA MET B 157 -7.00 -13.02 31.19
C MET B 157 -7.76 -13.16 32.50
N SER B 158 -7.07 -12.92 33.61
CA SER B 158 -7.69 -13.04 34.93
C SER B 158 -8.17 -11.70 35.44
N LEU B 159 -8.77 -11.73 36.63
CA LEU B 159 -9.29 -10.53 37.28
C LEU B 159 -8.17 -9.54 37.58
N ASP B 160 -7.09 -10.03 38.18
CA ASP B 160 -5.95 -9.18 38.53
C ASP B 160 -5.32 -8.56 37.28
N GLN B 161 -5.18 -9.36 36.22
CA GLN B 161 -4.59 -8.87 34.98
C GLN B 161 -5.37 -7.66 34.50
N PHE B 162 -6.69 -7.75 34.56
CA PHE B 162 -7.53 -6.65 34.15
C PHE B 162 -7.23 -5.44 35.01
N GLY B 163 -7.04 -5.68 36.29
CA GLY B 163 -6.72 -4.59 37.20
C GLY B 163 -5.51 -3.82 36.71
N GLU B 164 -4.49 -4.54 36.24
CA GLU B 164 -3.28 -3.91 35.73
C GLU B 164 -3.58 -3.08 34.50
N LEU B 165 -4.30 -3.66 33.55
CA LEU B 165 -4.65 -2.96 32.34
C LEU B 165 -5.43 -1.70 32.72
N PHE B 166 -6.37 -1.84 33.64
CA PHE B 166 -7.19 -0.71 34.08
C PHE B 166 -6.47 0.39 34.81
N GLU B 167 -5.17 0.22 35.04
CA GLU B 167 -4.42 1.27 35.72
C GLU B 167 -4.20 2.45 34.78
N ASN B 168 -4.33 2.20 33.48
CA ASN B 168 -4.22 3.26 32.49
C ASN B 168 -5.64 3.83 32.51
N GLU B 169 -5.77 5.07 32.99
CA GLU B 169 -7.08 5.71 33.08
C GLU B 169 -7.79 5.93 31.75
N LYS B 170 -7.06 5.85 30.65
CA LYS B 170 -7.71 6.05 29.36
C LYS B 170 -8.40 4.79 28.86
N ILE B 171 -8.22 3.69 29.59
CA ILE B 171 -8.84 2.42 29.27
C ILE B 171 -10.11 2.36 30.13
N ILE B 172 -11.22 2.75 29.51
CA ILE B 172 -12.51 2.86 30.18
C ILE B 172 -13.42 1.65 30.27
N GLY B 173 -13.11 0.57 29.55
CA GLY B 173 -13.99 -0.57 29.62
C GLY B 173 -13.51 -1.81 28.90
N VAL B 174 -14.41 -2.79 28.81
CA VAL B 174 -14.10 -4.05 28.17
C VAL B 174 -15.34 -4.68 27.54
N LYS B 175 -15.14 -5.31 26.39
CA LYS B 175 -16.22 -6.01 25.71
C LYS B 175 -16.01 -7.45 26.15
N PHE B 176 -16.91 -7.91 27.01
CA PHE B 176 -16.86 -9.26 27.56
C PHE B 176 -17.55 -10.26 26.64
N THR B 177 -16.75 -11.07 25.95
CA THR B 177 -17.29 -12.07 25.04
C THR B 177 -16.97 -13.49 25.51
N ALA B 178 -16.65 -13.63 26.78
CA ALA B 178 -16.33 -14.92 27.37
C ALA B 178 -17.58 -15.54 27.96
N ALA B 179 -17.64 -16.87 27.99
CA ALA B 179 -18.82 -17.55 28.53
C ALA B 179 -18.67 -17.83 30.03
N ASP B 180 -18.03 -16.92 30.75
CA ASP B 180 -17.84 -17.08 32.19
C ASP B 180 -18.57 -15.96 32.92
N PHE B 181 -19.80 -16.23 33.34
CA PHE B 181 -20.57 -15.22 34.04
C PHE B 181 -20.17 -15.05 35.49
N TYR B 182 -19.37 -15.98 36.01
CA TYR B 182 -18.90 -15.86 37.38
C TYR B 182 -17.86 -14.75 37.32
N LEU B 183 -17.00 -14.85 36.31
CA LEU B 183 -15.97 -13.87 36.06
C LEU B 183 -16.59 -12.50 35.84
N LEU B 184 -17.67 -12.45 35.07
CA LEU B 184 -18.36 -11.20 34.79
C LEU B 184 -18.88 -10.57 36.06
N GLU B 185 -19.47 -11.40 36.93
CA GLU B 185 -20.01 -10.94 38.19
C GLU B 185 -18.91 -10.34 39.07
N ARG B 186 -17.75 -10.98 39.10
CA ARG B 186 -16.64 -10.46 39.90
C ARG B 186 -16.11 -9.17 39.28
N MET B 187 -16.07 -9.15 37.95
CA MET B 187 -15.60 -7.97 37.25
C MET B 187 -16.47 -6.78 37.63
N ARG B 188 -17.78 -6.95 37.52
CA ARG B 188 -18.72 -5.89 37.83
C ARG B 188 -18.44 -5.25 39.20
N LYS B 189 -18.21 -6.07 40.22
CA LYS B 189 -17.96 -5.58 41.57
C LYS B 189 -16.53 -5.11 41.84
N THR B 190 -15.57 -5.64 41.08
CA THR B 190 -14.17 -5.25 41.26
C THR B 190 -13.84 -3.97 40.48
N PHE B 191 -14.56 -3.70 39.40
CA PHE B 191 -14.34 -2.51 38.58
C PHE B 191 -15.66 -1.82 38.29
N PRO B 192 -16.30 -1.26 39.33
CA PRO B 192 -17.60 -0.56 39.21
C PRO B 192 -17.59 0.72 38.37
N ASN B 193 -16.40 1.30 38.18
CA ASN B 193 -16.30 2.53 37.41
C ASN B 193 -15.92 2.30 35.95
N LYS B 194 -15.82 1.04 35.54
CA LYS B 194 -15.47 0.71 34.16
C LYS B 194 -16.70 0.25 33.38
N LEU B 195 -16.67 0.46 32.08
CA LEU B 195 -17.77 0.03 31.23
C LEU B 195 -17.57 -1.46 30.91
N ILE B 196 -18.67 -2.22 30.94
CA ILE B 196 -18.64 -3.64 30.61
C ILE B 196 -19.76 -3.92 29.63
N PHE B 197 -19.38 -4.29 28.42
CA PHE B 197 -20.34 -4.59 27.36
C PHE B 197 -20.45 -6.08 27.09
N ALA B 198 -21.68 -6.57 26.99
CA ALA B 198 -21.93 -7.97 26.70
C ALA B 198 -21.63 -8.17 25.22
N GLY B 199 -20.92 -9.25 24.88
CA GLY B 199 -20.58 -9.51 23.49
C GLY B 199 -21.31 -10.70 22.88
N PHE B 200 -22.03 -11.43 23.71
CA PHE B 200 -22.77 -12.63 23.30
C PHE B 200 -24.28 -12.37 23.26
N ASP B 201 -24.80 -12.09 22.07
CA ASP B 201 -26.22 -11.80 21.86
C ASP B 201 -27.22 -12.78 22.48
N GLU B 202 -26.91 -14.07 22.42
CA GLU B 202 -27.81 -15.09 22.94
C GLU B 202 -27.82 -15.19 24.46
N MET B 203 -26.96 -14.43 25.13
CA MET B 203 -26.89 -14.45 26.58
C MET B 203 -26.99 -13.04 27.15
N MET B 204 -27.72 -12.19 26.44
CA MET B 204 -27.91 -10.80 26.84
C MET B 204 -28.62 -10.65 28.19
N LEU B 205 -29.71 -11.38 28.39
CA LEU B 205 -30.47 -11.31 29.62
C LEU B 205 -29.64 -11.58 30.87
N PRO B 206 -28.95 -12.73 30.95
CA PRO B 206 -28.15 -12.98 32.15
C PRO B 206 -27.03 -11.95 32.35
N ALA B 207 -26.49 -11.41 31.25
CA ALA B 207 -25.43 -10.42 31.36
C ALA B 207 -25.97 -9.12 31.92
N THR B 208 -27.19 -8.77 31.53
CA THR B 208 -27.79 -7.53 32.00
C THR B 208 -28.12 -7.59 33.49
N VAL B 209 -28.55 -8.75 33.99
CA VAL B 209 -28.86 -8.85 35.42
C VAL B 209 -27.55 -8.71 36.21
N LEU B 210 -26.45 -9.15 35.61
CA LEU B 210 -25.15 -9.06 36.26
C LEU B 210 -24.55 -7.66 36.12
N GLY B 211 -25.32 -6.74 35.56
CA GLY B 211 -24.88 -5.36 35.43
C GLY B 211 -24.09 -4.80 34.26
N VAL B 212 -24.05 -5.46 33.10
CA VAL B 212 -23.31 -4.87 31.98
C VAL B 212 -23.92 -3.53 31.66
N ASP B 213 -23.09 -2.61 31.18
CA ASP B 213 -23.51 -1.26 30.85
C ASP B 213 -24.07 -1.16 29.44
N GLY B 214 -24.22 -2.31 28.80
CA GLY B 214 -24.73 -2.35 27.44
C GLY B 214 -24.27 -3.60 26.72
N ALA B 215 -24.48 -3.64 25.42
CA ALA B 215 -24.09 -4.78 24.61
C ALA B 215 -23.65 -4.35 23.23
N ILE B 216 -22.89 -5.23 22.59
CA ILE B 216 -22.37 -4.99 21.26
C ILE B 216 -22.62 -6.31 20.57
N GLY B 217 -23.43 -6.31 19.52
CA GLY B 217 -23.72 -7.56 18.86
C GLY B 217 -23.95 -7.48 17.37
N SER B 218 -23.65 -8.58 16.69
CA SER B 218 -23.84 -8.65 15.24
C SER B 218 -25.32 -8.75 14.86
N THR B 219 -26.09 -9.50 15.63
CA THR B 219 -27.50 -9.67 15.30
C THR B 219 -28.34 -8.43 15.52
N PHE B 220 -27.78 -7.40 16.16
CA PHE B 220 -28.55 -6.19 16.39
C PHE B 220 -28.78 -5.45 15.07
N ASN B 221 -28.04 -5.82 14.03
CA ASN B 221 -28.21 -5.19 12.72
C ASN B 221 -29.63 -5.36 12.22
N VAL B 222 -30.32 -6.40 12.68
CA VAL B 222 -31.71 -6.66 12.30
C VAL B 222 -32.65 -6.88 13.49
N ASN B 223 -32.08 -7.19 14.66
CA ASN B 223 -32.90 -7.48 15.84
C ASN B 223 -32.67 -6.47 16.97
N GLY B 224 -32.33 -5.25 16.60
CA GLY B 224 -32.07 -4.23 17.60
C GLY B 224 -33.22 -3.92 18.55
N VAL B 225 -34.45 -3.92 18.04
CA VAL B 225 -35.61 -3.61 18.87
C VAL B 225 -35.79 -4.62 19.99
N ARG B 226 -35.73 -5.91 19.68
CA ARG B 226 -35.86 -6.93 20.72
C ARG B 226 -34.70 -6.83 21.69
N ALA B 227 -33.51 -6.56 21.17
CA ALA B 227 -32.34 -6.47 22.03
C ALA B 227 -32.56 -5.36 23.05
N ARG B 228 -33.07 -4.22 22.58
CA ARG B 228 -33.34 -3.09 23.47
C ARG B 228 -34.40 -3.43 24.51
N GLN B 229 -35.43 -4.19 24.10
CA GLN B 229 -36.48 -4.58 25.03
C GLN B 229 -35.90 -5.50 26.10
N ILE B 230 -35.18 -6.54 25.69
CA ILE B 230 -34.57 -7.45 26.64
C ILE B 230 -33.86 -6.62 27.68
N PHE B 231 -33.04 -5.68 27.21
CA PHE B 231 -32.26 -4.83 28.11
C PHE B 231 -33.09 -3.95 29.04
N GLU B 232 -33.99 -3.17 28.47
CA GLU B 232 -34.82 -2.27 29.26
C GLU B 232 -35.81 -3.00 30.18
N LEU B 233 -36.36 -4.13 29.73
CA LEU B 233 -37.28 -4.88 30.57
C LEU B 233 -36.53 -5.35 31.82
N THR B 234 -35.32 -5.86 31.64
CA THR B 234 -34.50 -6.35 32.76
C THR B 234 -34.28 -5.24 33.79
N LYS B 235 -33.85 -4.08 33.32
CA LYS B 235 -33.59 -2.93 34.18
C LYS B 235 -34.86 -2.48 34.91
N ASN B 236 -36.02 -2.87 34.39
CA ASN B 236 -37.29 -2.52 35.01
C ASN B 236 -37.79 -3.73 35.78
N GLU B 237 -36.91 -4.72 35.90
CA GLU B 237 -37.16 -5.95 36.62
C GLU B 237 -38.28 -6.83 36.07
N LYS B 238 -38.58 -6.66 34.78
CA LYS B 238 -39.59 -7.50 34.15
C LYS B 238 -38.77 -8.64 33.54
N ILE B 239 -38.23 -9.49 34.41
CA ILE B 239 -37.38 -10.61 34.02
C ILE B 239 -38.06 -11.70 33.19
N SER B 240 -39.25 -12.10 33.60
CA SER B 240 -39.99 -13.13 32.88
C SER B 240 -40.22 -12.69 31.44
N GLU B 241 -40.74 -11.48 31.27
CA GLU B 241 -41.03 -10.97 29.94
C GLU B 241 -39.73 -10.83 29.14
N ALA B 242 -38.66 -10.45 29.81
CA ALA B 242 -37.38 -10.32 29.12
C ALA B 242 -36.95 -11.71 28.65
N LEU B 243 -37.22 -12.72 29.48
CA LEU B 243 -36.87 -14.09 29.16
C LEU B 243 -37.61 -14.57 27.90
N GLU B 244 -38.88 -14.20 27.78
CA GLU B 244 -39.65 -14.59 26.60
C GLU B 244 -39.08 -13.93 25.35
N VAL B 245 -38.64 -12.69 25.49
CA VAL B 245 -38.05 -11.99 24.35
C VAL B 245 -36.70 -12.64 24.03
N GLN B 246 -35.97 -13.05 25.06
CA GLN B 246 -34.68 -13.69 24.84
C GLN B 246 -34.90 -15.05 24.18
N HIS B 247 -36.00 -15.71 24.53
CA HIS B 247 -36.33 -17.03 23.94
C HIS B 247 -36.57 -16.86 22.44
N VAL B 248 -37.44 -15.90 22.07
CA VAL B 248 -37.74 -15.65 20.66
C VAL B 248 -36.48 -15.20 19.93
N THR B 249 -35.69 -14.35 20.59
CA THR B 249 -34.45 -13.86 20.01
C THR B 249 -33.50 -15.03 19.76
N ASN B 250 -33.45 -15.94 20.72
CA ASN B 250 -32.56 -17.07 20.57
C ASN B 250 -33.05 -18.08 19.54
N ASP B 251 -34.36 -18.11 19.29
CA ASP B 251 -34.88 -19.00 18.27
C ASP B 251 -34.33 -18.44 16.95
N LEU B 252 -34.38 -17.11 16.83
CA LEU B 252 -33.88 -16.44 15.63
C LEU B 252 -32.38 -16.63 15.45
N ILE B 253 -31.64 -16.48 16.55
CA ILE B 253 -30.20 -16.63 16.49
C ILE B 253 -29.80 -18.06 16.17
N THR B 254 -30.51 -19.00 16.76
CA THR B 254 -30.22 -20.41 16.52
C THR B 254 -30.44 -20.75 15.05
N ASP B 255 -31.49 -20.18 14.46
CA ASP B 255 -31.77 -20.42 13.04
C ASP B 255 -30.70 -19.78 12.17
N ILE B 256 -30.33 -18.56 12.53
CA ILE B 256 -29.30 -17.83 11.81
C ILE B 256 -27.97 -18.59 11.83
N LEU B 257 -27.53 -18.99 13.02
CA LEU B 257 -26.28 -19.72 13.17
C LEU B 257 -26.28 -20.98 12.30
N GLY B 258 -27.39 -21.71 12.32
CA GLY B 258 -27.50 -22.93 11.54
C GLY B 258 -27.56 -22.72 10.04
N ASN B 259 -27.87 -21.50 9.59
CA ASN B 259 -27.97 -21.21 8.16
C ASN B 259 -26.75 -20.45 7.64
N GLY B 260 -25.91 -19.96 8.55
CA GLY B 260 -24.75 -19.19 8.16
C GLY B 260 -24.92 -17.78 8.71
N LEU B 261 -24.32 -17.55 9.88
CA LEU B 261 -24.41 -16.28 10.59
C LEU B 261 -24.43 -14.98 9.78
N TYR B 262 -23.28 -14.63 9.21
CA TYR B 262 -23.14 -13.40 8.45
C TYR B 262 -23.94 -13.37 7.15
N GLN B 263 -23.93 -14.46 6.41
CA GLN B 263 -24.68 -14.51 5.17
C GLN B 263 -26.18 -14.33 5.42
N THR B 264 -26.70 -14.96 6.47
CA THR B 264 -28.13 -14.90 6.79
C THR B 264 -28.60 -13.52 7.26
N ILE B 265 -27.83 -12.86 8.10
CA ILE B 265 -28.22 -11.54 8.56
C ILE B 265 -28.26 -10.59 7.36
N LYS B 266 -27.34 -10.78 6.43
CA LYS B 266 -27.31 -9.94 5.24
C LYS B 266 -28.52 -10.23 4.36
N LEU B 267 -28.90 -11.50 4.26
CA LEU B 267 -30.07 -11.87 3.47
C LEU B 267 -31.33 -11.32 4.13
N LEU B 268 -31.36 -11.36 5.45
CA LEU B 268 -32.51 -10.86 6.18
C LEU B 268 -32.66 -9.37 5.88
N LEU B 269 -31.53 -8.67 5.73
CA LEU B 269 -31.53 -7.25 5.41
C LEU B 269 -31.97 -7.06 3.95
N GLU B 270 -31.56 -7.98 3.07
CA GLU B 270 -31.92 -7.91 1.66
C GLU B 270 -33.44 -7.98 1.51
N GLU B 271 -34.07 -8.81 2.34
CA GLU B 271 -35.53 -8.97 2.31
C GLU B 271 -36.23 -7.65 2.61
N GLN B 272 -35.52 -6.73 3.26
CA GLN B 272 -36.09 -5.44 3.63
C GLN B 272 -35.62 -4.27 2.76
N GLY B 273 -35.14 -4.58 1.57
CA GLY B 273 -34.68 -3.53 0.67
C GLY B 273 -33.30 -2.97 0.95
N VAL B 274 -32.55 -3.60 1.85
CA VAL B 274 -31.20 -3.14 2.17
C VAL B 274 -30.18 -3.99 1.40
N GLU B 275 -29.32 -3.36 0.62
CA GLU B 275 -28.31 -4.07 -0.17
C GLU B 275 -27.13 -4.53 0.67
N ALA B 276 -27.36 -5.44 1.62
CA ALA B 276 -26.30 -5.92 2.48
C ALA B 276 -25.26 -6.70 1.69
N GLY B 277 -25.69 -7.32 0.60
CA GLY B 277 -24.77 -8.06 -0.26
C GLY B 277 -24.15 -9.35 0.21
N TYR B 278 -22.96 -9.63 -0.32
CA TYR B 278 -22.20 -10.85 -0.01
C TYR B 278 -21.20 -10.66 1.11
N CYS B 279 -20.60 -11.77 1.54
CA CYS B 279 -19.56 -11.76 2.54
C CYS B 279 -18.29 -11.92 1.73
N ARG B 280 -17.15 -11.66 2.35
CA ARG B 280 -15.88 -11.80 1.67
C ARG B 280 -15.42 -13.24 1.62
N GLN B 281 -14.94 -13.69 0.46
CA GLN B 281 -14.42 -15.05 0.32
C GLN B 281 -13.23 -15.10 1.27
N PRO B 282 -12.87 -16.29 1.78
CA PRO B 282 -13.46 -17.62 1.58
C PRO B 282 -14.78 -17.90 2.29
N MET B 283 -15.41 -16.87 2.85
CA MET B 283 -16.72 -17.09 3.47
C MET B 283 -17.63 -17.44 2.31
N LYS B 284 -18.25 -18.61 2.38
CA LYS B 284 -19.12 -19.08 1.30
C LYS B 284 -20.28 -18.15 0.94
N GLU B 285 -20.65 -18.22 -0.34
CA GLU B 285 -21.75 -17.45 -0.87
C GLU B 285 -23.00 -18.21 -0.47
N ALA B 286 -24.09 -17.51 -0.19
CA ALA B 286 -25.33 -18.17 0.19
C ALA B 286 -25.83 -19.08 -0.94
N THR B 287 -26.14 -20.33 -0.58
CA THR B 287 -26.64 -21.30 -1.54
C THR B 287 -28.14 -21.06 -1.66
N ASP B 288 -28.80 -21.76 -2.58
CA ASP B 288 -30.25 -21.58 -2.74
C ASP B 288 -30.94 -22.02 -1.45
N GLU B 289 -30.42 -23.08 -0.85
CA GLU B 289 -30.97 -23.60 0.40
C GLU B 289 -30.97 -22.48 1.44
N MET B 290 -29.80 -21.91 1.66
CA MET B 290 -29.64 -20.82 2.62
C MET B 290 -30.58 -19.66 2.30
N LYS B 291 -30.60 -19.22 1.03
CA LYS B 291 -31.46 -18.11 0.64
C LYS B 291 -32.91 -18.43 0.97
N SER B 292 -33.31 -19.65 0.62
CA SER B 292 -34.67 -20.11 0.89
C SER B 292 -34.96 -20.07 2.39
N ARG B 293 -34.08 -20.68 3.18
CA ARG B 293 -34.22 -20.71 4.64
C ARG B 293 -34.29 -19.31 5.23
N ALA B 294 -33.48 -18.40 4.71
CA ALA B 294 -33.46 -17.03 5.19
C ALA B 294 -34.83 -16.37 4.99
N LYS B 295 -35.51 -16.72 3.90
CA LYS B 295 -36.83 -16.15 3.64
C LYS B 295 -37.77 -16.71 4.67
N GLU B 296 -37.64 -18.01 4.95
CA GLU B 296 -38.49 -18.64 5.97
C GLU B 296 -38.26 -17.91 7.29
N ILE B 297 -36.99 -17.73 7.64
CA ILE B 297 -36.64 -17.07 8.89
C ILE B 297 -37.21 -15.66 8.95
N TYR B 298 -37.16 -14.95 7.83
CA TYR B 298 -37.68 -13.59 7.81
C TYR B 298 -39.19 -13.56 8.04
N ARG B 299 -39.92 -14.49 7.44
CA ARG B 299 -41.36 -14.53 7.60
C ARG B 299 -41.74 -14.96 9.01
N LYS B 300 -40.84 -15.72 9.64
CA LYS B 300 -41.09 -16.23 10.98
C LYS B 300 -40.86 -15.22 12.13
N TYR B 301 -39.83 -14.39 12.01
CA TYR B 301 -39.50 -13.46 13.09
C TYR B 301 -39.69 -11.97 12.81
N PHE B 302 -39.99 -11.62 11.57
CA PHE B 302 -40.15 -10.21 11.22
C PHE B 302 -41.47 -9.86 10.56
N THR C 13 13.70 -58.04 39.23
CA THR C 13 13.32 -58.40 37.83
C THR C 13 13.41 -57.17 36.92
N ASP C 14 14.24 -57.24 35.88
CA ASP C 14 14.35 -56.12 34.95
C ASP C 14 13.02 -56.05 34.20
N MET C 15 12.44 -54.87 34.13
CA MET C 15 11.12 -54.71 33.52
C MET C 15 11.00 -54.18 32.09
N LYS C 16 12.11 -54.13 31.35
CA LYS C 16 12.05 -53.63 29.97
C LYS C 16 11.33 -54.62 29.07
N GLY C 17 10.83 -54.16 27.93
CA GLY C 17 10.15 -55.06 27.02
C GLY C 17 8.76 -54.68 26.55
N ILE C 18 8.15 -55.60 25.80
CA ILE C 18 6.81 -55.42 25.25
C ILE C 18 5.76 -56.01 26.16
N TYR C 19 4.84 -55.18 26.61
CA TYR C 19 3.79 -55.66 27.49
C TYR C 19 2.42 -55.45 26.85
N SER C 20 1.59 -56.47 26.89
CA SER C 20 0.24 -56.33 26.35
C SER C 20 -0.63 -55.83 27.50
N ALA C 21 -1.41 -54.77 27.26
CA ALA C 21 -2.32 -54.28 28.28
C ALA C 21 -3.45 -55.29 28.19
N LEU C 22 -3.47 -56.23 29.14
CA LEU C 22 -4.42 -57.33 29.15
C LEU C 22 -5.91 -57.02 29.06
N LEU C 23 -6.60 -57.65 28.11
CA LEU C 23 -8.04 -57.48 27.96
C LEU C 23 -8.71 -58.59 28.78
N VAL C 24 -9.91 -58.32 29.24
CA VAL C 24 -10.65 -59.28 30.05
C VAL C 24 -11.83 -59.84 29.27
N SER C 25 -12.16 -61.10 29.49
CA SER C 25 -13.28 -61.73 28.81
C SER C 25 -14.55 -61.67 29.66
N PHE C 26 -15.64 -61.19 29.06
CA PHE C 26 -16.91 -61.10 29.76
C PHE C 26 -18.01 -61.76 28.96
N ASP C 27 -19.00 -62.32 29.66
CA ASP C 27 -20.12 -62.95 28.98
C ASP C 27 -21.11 -61.85 28.60
N LYS C 28 -22.20 -62.24 27.95
CA LYS C 28 -23.20 -61.27 27.53
C LYS C 28 -23.78 -60.46 28.69
N GLU C 29 -23.74 -61.03 29.89
CA GLU C 29 -24.27 -60.35 31.06
C GLU C 29 -23.23 -59.54 31.85
N GLY C 30 -22.02 -59.44 31.31
CA GLY C 30 -20.98 -58.68 31.97
C GLY C 30 -20.18 -59.42 33.03
N ASN C 31 -20.43 -60.72 33.20
CA ASN C 31 -19.69 -61.50 34.19
C ASN C 31 -18.35 -61.91 33.60
N ILE C 32 -17.33 -61.99 34.46
CA ILE C 32 -16.02 -62.39 34.00
C ILE C 32 -16.10 -63.81 33.49
N ASN C 33 -15.42 -64.07 32.37
CA ASN C 33 -15.38 -65.41 31.79
C ASN C 33 -13.95 -65.88 32.05
N GLU C 34 -13.75 -66.62 33.14
CA GLU C 34 -12.41 -67.08 33.49
C GLU C 34 -11.74 -67.90 32.39
N LYS C 35 -12.51 -68.76 31.73
CA LYS C 35 -11.94 -69.57 30.66
C LYS C 35 -11.40 -68.67 29.55
N GLY C 36 -12.20 -67.69 29.14
CA GLY C 36 -11.77 -66.78 28.09
C GLY C 36 -10.59 -65.93 28.52
N LEU C 37 -10.60 -65.48 29.77
CA LEU C 37 -9.50 -64.66 30.26
C LEU C 37 -8.19 -65.45 30.19
N ARG C 38 -8.24 -66.71 30.62
CA ARG C 38 -7.06 -67.57 30.59
C ARG C 38 -6.58 -67.79 29.15
N GLN C 39 -7.52 -67.85 28.22
CA GLN C 39 -7.17 -68.05 26.82
C GLN C 39 -6.52 -66.78 26.26
N ILE C 40 -7.01 -65.63 26.71
CA ILE C 40 -6.44 -64.36 26.27
C ILE C 40 -4.99 -64.33 26.75
N ILE C 41 -4.81 -64.65 28.02
CA ILE C 41 -3.48 -64.66 28.62
C ILE C 41 -2.55 -65.61 27.85
N ARG C 42 -3.00 -66.83 27.62
CA ARG C 42 -2.20 -67.81 26.89
C ARG C 42 -1.84 -67.34 25.49
N HIS C 43 -2.81 -66.69 24.83
CA HIS C 43 -2.59 -66.18 23.48
C HIS C 43 -1.47 -65.15 23.48
N ASN C 44 -1.52 -64.20 24.41
CA ASN C 44 -0.48 -63.18 24.49
C ASN C 44 0.90 -63.80 24.74
N ILE C 45 0.94 -64.85 25.54
CA ILE C 45 2.21 -65.52 25.86
C ILE C 45 2.76 -66.38 24.71
N ASP C 46 1.98 -67.40 24.33
CA ASP C 46 2.37 -68.35 23.30
C ASP C 46 2.36 -67.88 21.85
N VAL C 47 1.47 -66.96 21.51
CA VAL C 47 1.38 -66.48 20.12
C VAL C 47 1.92 -65.09 19.91
N CYS C 48 1.47 -64.13 20.73
CA CYS C 48 1.94 -62.76 20.60
C CYS C 48 3.38 -62.61 21.05
N LYS C 49 3.84 -63.54 21.89
CA LYS C 49 5.22 -63.53 22.38
C LYS C 49 5.63 -62.27 23.15
N VAL C 50 4.74 -61.70 23.94
CA VAL C 50 5.08 -60.50 24.70
C VAL C 50 5.99 -60.83 25.88
N ASP C 51 6.66 -59.81 26.41
CA ASP C 51 7.56 -60.00 27.54
C ASP C 51 6.83 -60.03 28.85
N GLY C 52 5.60 -59.53 28.85
CA GLY C 52 4.81 -59.52 30.06
C GLY C 52 3.42 -58.98 29.81
N LEU C 53 2.64 -58.86 30.88
CA LEU C 53 1.29 -58.34 30.79
C LEU C 53 1.11 -57.18 31.77
N TYR C 54 0.34 -56.19 31.34
CA TYR C 54 0.01 -55.01 32.14
C TYR C 54 -1.43 -55.32 32.50
N VAL C 55 -1.66 -55.71 33.75
CA VAL C 55 -2.97 -56.09 34.21
C VAL C 55 -3.72 -55.01 34.99
N GLY C 56 -5.00 -54.86 34.68
CA GLY C 56 -5.83 -53.88 35.36
C GLY C 56 -5.78 -52.49 34.77
N GLY C 57 -5.42 -52.39 33.50
CA GLY C 57 -5.36 -51.08 32.86
C GLY C 57 -6.69 -50.71 32.22
N SER C 58 -6.71 -49.60 31.51
CA SER C 58 -7.91 -49.14 30.83
C SER C 58 -8.38 -50.22 29.86
N THR C 59 -7.44 -50.70 29.05
CA THR C 59 -7.70 -51.73 28.06
C THR C 59 -8.44 -52.91 28.72
N GLY C 60 -8.07 -53.19 29.96
CA GLY C 60 -8.71 -54.30 30.66
C GLY C 60 -10.06 -53.91 31.25
N GLU C 61 -10.58 -52.76 30.84
CA GLU C 61 -11.88 -52.25 31.31
C GLU C 61 -11.96 -52.21 32.84
N ASN C 62 -10.80 -52.00 33.45
CA ASN C 62 -10.65 -51.95 34.89
C ASN C 62 -11.60 -51.03 35.66
N PHE C 63 -11.78 -49.82 35.17
CA PHE C 63 -12.63 -48.84 35.84
C PHE C 63 -14.13 -49.07 35.79
N MET C 64 -14.55 -50.14 35.12
CA MET C 64 -15.96 -50.48 35.03
C MET C 64 -16.22 -51.72 35.88
N LEU C 65 -15.21 -52.12 36.64
CA LEU C 65 -15.33 -53.32 37.48
C LEU C 65 -15.30 -53.03 38.96
N SER C 66 -15.83 -53.98 39.75
CA SER C 66 -15.84 -53.85 41.20
C SER C 66 -14.46 -54.26 41.71
N THR C 67 -14.17 -53.94 42.96
CA THR C 67 -12.89 -54.28 43.54
C THR C 67 -12.67 -55.80 43.60
N ASP C 68 -13.72 -56.55 43.92
CA ASP C 68 -13.58 -58.01 43.97
C ASP C 68 -13.25 -58.58 42.60
N GLU C 69 -13.81 -57.99 41.55
CA GLU C 69 -13.54 -58.44 40.20
C GLU C 69 -12.09 -58.15 39.85
N LYS C 70 -11.61 -56.97 40.24
CA LYS C 70 -10.23 -56.59 39.97
C LYS C 70 -9.30 -57.61 40.65
N LYS C 71 -9.63 -57.97 41.88
CA LYS C 71 -8.81 -58.93 42.62
C LYS C 71 -8.82 -60.29 41.93
N ARG C 72 -9.99 -60.72 41.47
CA ARG C 72 -10.11 -62.00 40.80
C ARG C 72 -9.29 -62.04 39.52
N ILE C 73 -9.33 -60.93 38.77
CA ILE C 73 -8.58 -60.84 37.52
C ILE C 73 -7.08 -60.88 37.82
N PHE C 74 -6.65 -60.24 38.91
CA PHE C 74 -5.24 -60.27 39.25
C PHE C 74 -4.82 -61.67 39.63
N GLU C 75 -5.71 -62.40 40.30
CA GLU C 75 -5.43 -63.77 40.73
C GLU C 75 -5.32 -64.73 39.56
N ILE C 76 -6.28 -64.66 38.65
CA ILE C 76 -6.29 -65.52 37.48
C ILE C 76 -5.02 -65.31 36.67
N ALA C 77 -4.75 -64.06 36.32
CA ALA C 77 -3.56 -63.73 35.53
C ALA C 77 -2.29 -64.32 36.17
N LYS C 78 -2.10 -64.08 37.45
CA LYS C 78 -0.93 -64.60 38.14
C LYS C 78 -0.89 -66.14 38.10
N ASP C 79 -2.03 -66.76 38.35
CA ASP C 79 -2.14 -68.22 38.35
C ASP C 79 -1.79 -68.81 36.98
N GLU C 80 -2.42 -68.27 35.93
CA GLU C 80 -2.17 -68.76 34.57
C GLU C 80 -0.76 -68.50 34.07
N VAL C 81 -0.18 -67.37 34.48
CA VAL C 81 1.15 -66.99 34.06
C VAL C 81 2.29 -67.61 34.87
N LYS C 82 2.11 -67.72 36.18
CA LYS C 82 3.15 -68.25 37.04
C LYS C 82 4.36 -67.33 36.93
N GLU C 83 5.49 -67.87 36.48
CA GLU C 83 6.70 -67.06 36.32
C GLU C 83 7.13 -67.06 34.85
N GLU C 84 6.24 -67.45 33.95
CA GLU C 84 6.57 -67.51 32.53
C GLU C 84 6.95 -66.15 31.92
N ILE C 85 6.27 -65.09 32.33
CA ILE C 85 6.58 -63.76 31.85
C ILE C 85 6.33 -62.73 32.94
N LYS C 86 6.80 -61.50 32.74
CA LYS C 86 6.65 -60.43 33.73
C LYS C 86 5.22 -59.91 33.86
N LEU C 87 4.92 -59.39 35.04
CA LEU C 87 3.59 -58.88 35.35
C LEU C 87 3.61 -57.55 36.09
N ILE C 88 2.88 -56.58 35.54
CA ILE C 88 2.76 -55.27 36.15
C ILE C 88 1.29 -55.11 36.48
N ALA C 89 1.00 -54.72 37.72
CA ALA C 89 -0.39 -54.54 38.13
C ALA C 89 -0.79 -53.06 38.24
N GLN C 90 -1.78 -52.65 37.47
CA GLN C 90 -2.25 -51.28 37.53
C GLN C 90 -3.22 -51.28 38.71
N VAL C 91 -2.93 -50.49 39.74
CA VAL C 91 -3.79 -50.45 40.91
C VAL C 91 -4.35 -49.06 41.19
N GLY C 92 -4.04 -48.11 40.31
CA GLY C 92 -4.53 -46.73 40.46
C GLY C 92 -6.04 -46.62 40.48
N SER C 93 -6.55 -45.59 41.14
CA SER C 93 -7.99 -45.38 41.29
C SER C 93 -8.32 -44.08 42.03
N VAL C 94 -9.47 -43.48 41.70
CA VAL C 94 -9.89 -42.25 42.36
C VAL C 94 -10.04 -42.53 43.86
N ASN C 95 -10.17 -43.81 44.19
CA ASN C 95 -10.32 -44.25 45.57
C ASN C 95 -8.95 -44.75 46.07
N LEU C 96 -8.20 -43.89 46.74
CA LEU C 96 -6.88 -44.24 47.25
C LEU C 96 -6.87 -45.49 48.13
N LYS C 97 -7.88 -45.63 48.98
CA LYS C 97 -7.95 -46.80 49.85
C LYS C 97 -7.99 -48.07 49.00
N GLU C 98 -8.78 -48.06 47.93
CA GLU C 98 -8.86 -49.21 47.07
C GLU C 98 -7.49 -49.46 46.43
N ALA C 99 -6.84 -48.39 45.96
CA ALA C 99 -5.54 -48.51 45.32
C ALA C 99 -4.50 -49.14 46.24
N VAL C 100 -4.53 -48.78 47.53
CA VAL C 100 -3.59 -49.34 48.49
C VAL C 100 -3.90 -50.80 48.74
N GLU C 101 -5.19 -51.11 48.87
CA GLU C 101 -5.56 -52.51 49.08
C GLU C 101 -5.09 -53.37 47.91
N LEU C 102 -5.23 -52.85 46.68
CA LEU C 102 -4.83 -53.59 45.48
C LEU C 102 -3.30 -53.71 45.34
N ALA C 103 -2.58 -52.65 45.72
CA ALA C 103 -1.12 -52.65 45.65
C ALA C 103 -0.63 -53.75 46.57
N LYS C 104 -1.27 -53.84 47.72
CA LYS C 104 -0.92 -54.83 48.73
C LYS C 104 -1.25 -56.24 48.23
N PHE C 105 -2.49 -56.39 47.74
CA PHE C 105 -2.96 -57.67 47.21
C PHE C 105 -2.06 -58.23 46.09
N THR C 106 -1.79 -57.41 45.09
CA THR C 106 -0.97 -57.85 43.95
C THR C 106 0.49 -58.08 44.31
N THR C 107 1.01 -57.33 45.28
CA THR C 107 2.39 -57.52 45.69
C THR C 107 2.49 -58.88 46.38
N ASP C 108 1.51 -59.20 47.24
CA ASP C 108 1.51 -60.48 47.93
C ASP C 108 1.35 -61.63 46.92
N LEU C 109 0.69 -61.36 45.79
CA LEU C 109 0.52 -62.39 44.78
C LEU C 109 1.83 -62.60 44.01
N GLY C 110 2.73 -61.62 44.12
CA GLY C 110 4.01 -61.74 43.45
C GLY C 110 4.18 -60.95 42.17
N TYR C 111 3.39 -59.90 41.97
CA TYR C 111 3.53 -59.09 40.77
C TYR C 111 4.88 -58.39 40.81
N ASP C 112 5.56 -58.40 39.66
CA ASP C 112 6.88 -57.82 39.51
C ASP C 112 6.96 -56.32 39.74
N ALA C 113 5.83 -55.66 39.55
CA ALA C 113 5.75 -54.22 39.75
C ALA C 113 4.30 -53.78 39.72
N ILE C 114 4.04 -52.58 40.23
CA ILE C 114 2.70 -52.04 40.21
C ILE C 114 2.72 -50.71 39.46
N SER C 115 1.54 -50.30 39.01
CA SER C 115 1.40 -49.06 38.26
C SER C 115 0.15 -48.35 38.76
N ALA C 116 0.08 -47.03 38.57
CA ALA C 116 -1.08 -46.28 39.01
C ALA C 116 -1.34 -45.05 38.17
N VAL C 117 -2.53 -44.98 37.59
CA VAL C 117 -2.93 -43.84 36.78
C VAL C 117 -3.02 -42.65 37.72
N THR C 118 -2.85 -41.45 37.18
CA THR C 118 -2.94 -40.26 38.00
C THR C 118 -4.39 -40.20 38.47
N PRO C 119 -4.62 -39.86 39.75
CA PRO C 119 -6.01 -39.79 40.23
C PRO C 119 -6.78 -38.81 39.37
N PHE C 120 -7.95 -39.24 38.88
CA PHE C 120 -8.76 -38.40 38.01
C PHE C 120 -10.10 -37.95 38.60
N TYR C 121 -10.96 -37.44 37.72
CA TYR C 121 -12.29 -36.91 38.06
C TYR C 121 -12.12 -35.58 38.78
N TYR C 122 -11.76 -35.62 40.06
CA TYR C 122 -11.55 -34.41 40.83
C TYR C 122 -10.26 -33.74 40.35
N LYS C 123 -10.17 -32.42 40.56
CA LYS C 123 -8.99 -31.66 40.16
C LYS C 123 -7.94 -31.62 41.29
N PHE C 124 -7.14 -32.68 41.40
CA PHE C 124 -6.10 -32.76 42.42
C PHE C 124 -4.88 -31.96 42.00
N ASP C 125 -4.29 -31.18 42.92
CA ASP C 125 -3.10 -30.43 42.54
C ASP C 125 -1.89 -31.35 42.62
N PHE C 126 -0.73 -30.89 42.19
CA PHE C 126 0.47 -31.73 42.20
C PHE C 126 0.83 -32.26 43.58
N GLU C 127 0.70 -31.42 44.60
CA GLU C 127 0.99 -31.83 45.97
C GLU C 127 0.16 -33.06 46.33
N GLU C 128 -1.12 -33.02 45.98
CA GLU C 128 -2.02 -34.13 46.27
C GLU C 128 -1.69 -35.35 45.42
N ILE C 129 -1.32 -35.11 44.17
CA ILE C 129 -0.95 -36.20 43.27
C ILE C 129 0.28 -36.92 43.82
N LYS C 130 1.24 -36.15 44.32
CA LYS C 130 2.45 -36.74 44.90
C LYS C 130 2.11 -37.57 46.14
N HIS C 131 1.19 -37.06 46.96
CA HIS C 131 0.78 -37.78 48.16
C HIS C 131 0.19 -39.12 47.77
N TYR C 132 -0.58 -39.11 46.69
CA TYR C 132 -1.23 -40.29 46.15
C TYR C 132 -0.22 -41.35 45.74
N TYR C 133 0.80 -40.95 44.97
CA TYR C 133 1.81 -41.91 44.53
C TYR C 133 2.68 -42.45 45.67
N ASN C 134 3.07 -41.58 46.61
CA ASN C 134 3.89 -42.04 47.72
C ASN C 134 3.12 -42.92 48.69
N THR C 135 1.81 -42.65 48.83
CA THR C 135 0.99 -43.45 49.72
C THR C 135 0.86 -44.87 49.16
N ILE C 136 0.70 -44.96 47.85
CA ILE C 136 0.57 -46.26 47.22
C ILE C 136 1.85 -47.09 47.30
N ILE C 137 2.97 -46.52 46.86
CA ILE C 137 4.22 -47.28 46.86
C ILE C 137 4.91 -47.48 48.20
N ASN C 138 4.77 -46.53 49.12
CA ASN C 138 5.40 -46.66 50.42
C ASN C 138 4.72 -47.67 51.33
N SER C 139 3.53 -48.12 50.97
CA SER C 139 2.82 -49.09 51.80
C SER C 139 3.13 -50.53 51.38
N VAL C 140 3.93 -50.70 50.34
CA VAL C 140 4.28 -52.03 49.87
C VAL C 140 5.75 -52.15 49.48
N ASP C 141 6.24 -53.38 49.52
CA ASP C 141 7.63 -53.69 49.17
C ASP C 141 7.62 -54.04 47.69
N ASN C 142 7.59 -53.02 46.84
CA ASN C 142 7.55 -53.23 45.40
C ASN C 142 8.04 -51.98 44.69
N ARG C 143 7.91 -51.98 43.37
CA ARG C 143 8.34 -50.84 42.57
C ARG C 143 7.12 -50.31 41.83
N LEU C 144 7.07 -48.99 41.64
CA LEU C 144 5.93 -48.38 40.98
C LEU C 144 6.21 -47.66 39.67
N ILE C 145 5.29 -47.80 38.73
CA ILE C 145 5.39 -47.15 37.43
C ILE C 145 4.23 -46.16 37.27
N ILE C 146 4.57 -44.90 37.00
CA ILE C 146 3.58 -43.84 36.83
C ILE C 146 2.80 -43.98 35.51
N TYR C 147 1.50 -43.77 35.59
CA TYR C 147 0.62 -43.87 34.41
C TYR C 147 0.05 -42.46 34.18
N SER C 148 0.54 -41.80 33.14
CA SER C 148 0.12 -40.42 32.82
C SER C 148 -1.18 -40.26 32.04
N ILE C 149 -1.26 -40.88 30.87
CA ILE C 149 -2.44 -40.83 30.00
C ILE C 149 -3.31 -39.56 30.12
N PRO C 150 -2.78 -38.39 29.72
CA PRO C 150 -3.53 -37.13 29.80
C PRO C 150 -4.79 -37.15 28.93
N PHE C 151 -4.77 -37.99 27.91
CA PHE C 151 -5.88 -38.13 26.97
C PHE C 151 -7.20 -38.52 27.63
N LEU C 152 -7.13 -39.46 28.57
CA LEU C 152 -8.33 -39.93 29.27
C LEU C 152 -8.48 -39.35 30.67
N THR C 153 -7.43 -38.71 31.19
CA THR C 153 -7.48 -38.12 32.52
C THR C 153 -7.54 -36.60 32.52
N GLY C 154 -6.65 -35.98 31.76
CA GLY C 154 -6.60 -34.52 31.69
C GLY C 154 -5.48 -33.93 32.54
N VAL C 155 -4.63 -34.81 33.08
CA VAL C 155 -3.51 -34.38 33.91
C VAL C 155 -2.20 -34.32 33.12
N ASP C 156 -1.74 -33.09 32.87
CA ASP C 156 -0.51 -32.86 32.11
C ASP C 156 0.64 -32.44 33.03
N MET C 157 1.40 -33.43 33.52
CA MET C 157 2.51 -33.13 34.42
C MET C 157 3.75 -32.67 33.66
N SER C 158 4.46 -31.71 34.25
CA SER C 158 5.67 -31.17 33.66
C SER C 158 6.91 -31.98 34.03
N LEU C 159 8.01 -31.69 33.34
CA LEU C 159 9.28 -32.36 33.57
C LEU C 159 9.74 -32.25 35.03
N ASP C 160 9.58 -31.06 35.60
CA ASP C 160 9.97 -30.83 36.99
C ASP C 160 9.15 -31.66 37.97
N GLN C 161 7.84 -31.73 37.73
CA GLN C 161 6.96 -32.49 38.60
C GLN C 161 7.40 -33.96 38.60
N PHE C 162 7.72 -34.50 37.42
CA PHE C 162 8.18 -35.87 37.31
C PHE C 162 9.44 -36.00 38.15
N GLY C 163 10.30 -35.00 38.09
CA GLY C 163 11.53 -35.03 38.85
C GLY C 163 11.25 -35.20 40.33
N GLU C 164 10.26 -34.48 40.83
CA GLU C 164 9.90 -34.58 42.24
C GLU C 164 9.40 -35.99 42.55
N LEU C 165 8.52 -36.51 41.70
CA LEU C 165 8.01 -37.85 41.90
C LEU C 165 9.14 -38.87 41.90
N PHE C 166 10.04 -38.76 40.93
CA PHE C 166 11.19 -39.68 40.84
C PHE C 166 12.17 -39.58 42.00
N GLU C 167 11.87 -38.71 42.96
CA GLU C 167 12.71 -38.56 44.15
C GLU C 167 12.70 -39.91 44.84
N ASN C 168 11.51 -40.49 44.96
CA ASN C 168 11.30 -41.79 45.58
C ASN C 168 11.95 -42.85 44.70
N GLU C 169 13.01 -43.49 45.20
CA GLU C 169 13.70 -44.51 44.42
C GLU C 169 12.83 -45.73 44.09
N LYS C 170 11.69 -45.86 44.78
CA LYS C 170 10.80 -46.98 44.51
C LYS C 170 9.91 -46.75 43.29
N ILE C 171 9.87 -45.51 42.81
CA ILE C 171 9.11 -45.16 41.62
C ILE C 171 10.14 -45.23 40.48
N ILE C 172 10.22 -46.39 39.85
CA ILE C 172 11.22 -46.64 38.79
C ILE C 172 10.94 -46.24 37.34
N GLY C 173 9.79 -45.63 37.06
CA GLY C 173 9.52 -45.25 35.69
C GLY C 173 8.14 -44.73 35.42
N VAL C 174 7.82 -44.60 34.14
CA VAL C 174 6.53 -44.07 33.71
C VAL C 174 6.05 -44.66 32.39
N LYS C 175 4.73 -44.84 32.28
CA LYS C 175 4.12 -45.32 31.06
C LYS C 175 3.69 -44.00 30.43
N PHE C 176 4.32 -43.65 29.32
CA PHE C 176 4.06 -42.41 28.63
C PHE C 176 2.98 -42.55 27.56
N THR C 177 1.82 -41.96 27.80
CA THR C 177 0.73 -42.05 26.84
C THR C 177 0.26 -40.67 26.39
N ALA C 178 1.14 -39.94 25.71
CA ALA C 178 0.85 -38.60 25.23
C ALA C 178 1.55 -38.37 23.89
N ALA C 179 1.05 -37.42 23.11
CA ALA C 179 1.63 -37.12 21.81
C ALA C 179 2.82 -36.18 21.90
N ASP C 180 3.15 -35.76 23.12
CA ASP C 180 4.25 -34.83 23.34
C ASP C 180 5.63 -35.49 23.25
N PHE C 181 6.16 -35.62 22.05
CA PHE C 181 7.48 -36.22 21.88
C PHE C 181 8.57 -35.26 22.34
N TYR C 182 8.20 -34.02 22.62
CA TYR C 182 9.17 -33.05 23.11
C TYR C 182 9.43 -33.41 24.58
N LEU C 183 8.36 -33.63 25.33
CA LEU C 183 8.48 -34.00 26.74
C LEU C 183 9.09 -35.38 26.83
N LEU C 184 8.74 -36.26 25.89
CA LEU C 184 9.28 -37.61 25.88
C LEU C 184 10.81 -37.58 25.78
N GLU C 185 11.31 -36.78 24.83
CA GLU C 185 12.74 -36.64 24.61
C GLU C 185 13.38 -36.03 25.85
N ARG C 186 12.73 -35.02 26.44
CA ARG C 186 13.26 -34.39 27.64
C ARG C 186 13.31 -35.41 28.77
N MET C 187 12.26 -36.21 28.90
CA MET C 187 12.18 -37.23 29.94
C MET C 187 13.33 -38.22 29.83
N ARG C 188 13.56 -38.71 28.61
CA ARG C 188 14.62 -39.67 28.35
C ARG C 188 15.97 -39.09 28.76
N LYS C 189 16.18 -37.83 28.38
CA LYS C 189 17.42 -37.12 28.65
C LYS C 189 17.60 -36.79 30.14
N THR C 190 16.54 -36.34 30.79
CA THR C 190 16.59 -35.95 32.20
C THR C 190 16.60 -37.10 33.20
N PHE C 191 15.97 -38.22 32.83
CA PHE C 191 15.89 -39.39 33.73
C PHE C 191 16.42 -40.65 33.04
N PRO C 192 17.73 -40.70 32.77
CA PRO C 192 18.34 -41.86 32.11
C PRO C 192 18.26 -43.16 32.90
N ASN C 193 18.15 -43.02 34.23
CA ASN C 193 18.08 -44.18 35.11
C ASN C 193 16.66 -44.67 35.37
N LYS C 194 15.68 -44.05 34.74
CA LYS C 194 14.29 -44.46 34.92
C LYS C 194 13.77 -45.14 33.68
N LEU C 195 12.77 -46.00 33.86
CA LEU C 195 12.16 -46.70 32.74
C LEU C 195 11.07 -45.85 32.09
N ILE C 196 11.02 -45.87 30.77
CA ILE C 196 10.02 -45.11 30.04
C ILE C 196 9.34 -46.03 29.04
N PHE C 197 8.04 -46.22 29.21
CA PHE C 197 7.29 -47.08 28.31
C PHE C 197 6.41 -46.26 27.40
N ALA C 198 6.35 -46.68 26.13
CA ALA C 198 5.51 -46.03 25.13
C ALA C 198 4.10 -46.63 25.27
N GLY C 199 3.09 -45.77 25.37
CA GLY C 199 1.73 -46.25 25.52
C GLY C 199 0.83 -45.93 24.34
N PHE C 200 1.43 -45.57 23.22
CA PHE C 200 0.69 -45.22 22.00
C PHE C 200 1.16 -46.14 20.87
N ASP C 201 0.45 -47.24 20.72
CA ASP C 201 0.77 -48.27 19.72
C ASP C 201 1.05 -47.70 18.32
N GLU C 202 0.21 -46.78 17.86
CA GLU C 202 0.37 -46.20 16.53
C GLU C 202 1.58 -45.27 16.39
N MET C 203 2.33 -45.08 17.46
CA MET C 203 3.51 -44.22 17.43
C MET C 203 4.71 -44.93 18.04
N MET C 204 4.68 -46.27 18.02
CA MET C 204 5.76 -47.05 18.59
C MET C 204 7.13 -46.71 17.99
N LEU C 205 7.23 -46.73 16.66
CA LEU C 205 8.48 -46.44 15.97
C LEU C 205 9.15 -45.12 16.39
N PRO C 206 8.44 -43.98 16.27
CA PRO C 206 9.05 -42.72 16.67
C PRO C 206 9.39 -42.65 18.17
N ALA C 207 8.67 -43.42 18.98
CA ALA C 207 8.95 -43.43 20.41
C ALA C 207 10.19 -44.27 20.71
N THR C 208 10.38 -45.34 19.94
CA THR C 208 11.53 -46.22 20.14
C THR C 208 12.85 -45.53 19.79
N VAL C 209 12.84 -44.66 18.77
CA VAL C 209 14.06 -43.94 18.41
C VAL C 209 14.42 -42.87 19.44
N LEU C 210 13.47 -42.53 20.30
CA LEU C 210 13.72 -41.55 21.34
C LEU C 210 14.17 -42.20 22.65
N GLY C 211 14.47 -43.51 22.59
CA GLY C 211 14.97 -44.22 23.75
C GLY C 211 14.05 -44.89 24.77
N VAL C 212 12.80 -45.24 24.41
CA VAL C 212 11.95 -45.90 25.38
C VAL C 212 12.47 -47.30 25.66
N ASP C 213 12.24 -47.75 26.89
CA ASP C 213 12.68 -49.05 27.36
C ASP C 213 11.68 -50.16 27.04
N GLY C 214 10.59 -49.80 26.37
CA GLY C 214 9.58 -50.78 26.03
C GLY C 214 8.24 -50.12 25.74
N ALA C 215 7.20 -50.94 25.57
CA ALA C 215 5.88 -50.41 25.28
C ALA C 215 4.77 -51.25 25.90
N ILE C 216 3.68 -50.58 26.25
CA ILE C 216 2.54 -51.24 26.84
C ILE C 216 1.35 -50.82 26.00
N GLY C 217 0.74 -51.77 25.31
CA GLY C 217 -0.38 -51.42 24.46
C GLY C 217 -1.51 -52.42 24.40
N SER C 218 -2.69 -51.91 24.03
CA SER C 218 -3.88 -52.71 23.89
C SER C 218 -3.88 -53.56 22.62
N THR C 219 -3.33 -53.06 21.53
CA THR C 219 -3.33 -53.82 20.29
C THR C 219 -2.33 -54.97 20.28
N PHE C 220 -1.43 -55.02 21.26
CA PHE C 220 -0.44 -56.09 21.33
C PHE C 220 -1.13 -57.42 21.64
N ASN C 221 -2.38 -57.36 22.06
CA ASN C 221 -3.13 -58.59 22.36
C ASN C 221 -3.34 -59.38 21.06
N VAL C 222 -3.35 -58.69 19.93
CA VAL C 222 -3.54 -59.36 18.64
C VAL C 222 -2.44 -59.03 17.63
N ASN C 223 -1.62 -58.03 17.93
CA ASN C 223 -0.57 -57.62 17.01
C ASN C 223 0.82 -57.62 17.63
N GLY C 224 1.01 -58.44 18.66
CA GLY C 224 2.29 -58.52 19.34
C GLY C 224 3.49 -58.82 18.45
N VAL C 225 3.34 -59.76 17.52
CA VAL C 225 4.43 -60.10 16.63
C VAL C 225 4.91 -58.85 15.88
N ARG C 226 3.98 -58.19 15.20
CA ARG C 226 4.34 -56.98 14.47
C ARG C 226 4.93 -55.94 15.43
N ALA C 227 4.29 -55.77 16.58
CA ALA C 227 4.77 -54.79 17.56
C ALA C 227 6.23 -55.05 17.91
N ARG C 228 6.57 -56.30 18.16
CA ARG C 228 7.95 -56.66 18.49
C ARG C 228 8.86 -56.41 17.28
N GLN C 229 8.35 -56.65 16.08
CA GLN C 229 9.14 -56.42 14.88
C GLN C 229 9.58 -54.95 14.82
N ILE C 230 8.63 -54.05 15.02
CA ILE C 230 8.92 -52.61 14.99
C ILE C 230 9.99 -52.22 16.00
N PHE C 231 9.84 -52.73 17.22
CA PHE C 231 10.76 -52.43 18.31
C PHE C 231 12.17 -52.98 18.05
N GLU C 232 12.25 -54.22 17.58
CA GLU C 232 13.56 -54.83 17.33
C GLU C 232 14.23 -54.33 16.06
N LEU C 233 13.44 -53.98 15.05
CA LEU C 233 14.01 -53.45 13.82
C LEU C 233 14.67 -52.11 14.17
N THR C 234 13.95 -51.30 14.93
CA THR C 234 14.44 -49.99 15.34
C THR C 234 15.74 -50.10 16.13
N LYS C 235 15.80 -51.04 17.05
CA LYS C 235 17.01 -51.24 17.85
C LYS C 235 18.17 -51.66 16.94
N ASN C 236 17.84 -52.36 15.87
CA ASN C 236 18.82 -52.81 14.90
C ASN C 236 19.02 -51.76 13.82
N GLU C 237 18.42 -50.60 14.03
CA GLU C 237 18.52 -49.49 13.10
C GLU C 237 18.01 -49.75 11.69
N LYS C 238 17.09 -50.70 11.54
CA LYS C 238 16.52 -51.00 10.22
C LYS C 238 15.24 -50.17 10.14
N ILE C 239 15.41 -48.85 10.08
CA ILE C 239 14.29 -47.92 10.05
C ILE C 239 13.28 -48.01 8.92
N SER C 240 13.75 -48.05 7.67
CA SER C 240 12.81 -48.13 6.57
C SER C 240 11.93 -49.36 6.76
N GLU C 241 12.53 -50.46 7.21
CA GLU C 241 11.78 -51.67 7.43
C GLU C 241 10.79 -51.52 8.58
N ALA C 242 11.21 -50.86 9.65
CA ALA C 242 10.33 -50.66 10.79
C ALA C 242 9.15 -49.79 10.38
N LEU C 243 9.41 -48.77 9.58
CA LEU C 243 8.33 -47.88 9.15
C LEU C 243 7.24 -48.64 8.42
N GLU C 244 7.64 -49.57 7.54
CA GLU C 244 6.67 -50.35 6.80
C GLU C 244 5.80 -51.20 7.72
N VAL C 245 6.41 -51.73 8.77
CA VAL C 245 5.67 -52.54 9.73
C VAL C 245 4.70 -51.64 10.51
N GLN C 246 5.12 -50.39 10.75
CA GLN C 246 4.31 -49.42 11.46
C GLN C 246 3.16 -49.01 10.55
N HIS C 247 3.44 -48.91 9.25
CA HIS C 247 2.42 -48.54 8.27
C HIS C 247 1.31 -49.58 8.26
N VAL C 248 1.68 -50.85 8.19
CA VAL C 248 0.69 -51.91 8.19
C VAL C 248 -0.03 -51.94 9.53
N THR C 249 0.73 -51.73 10.61
CA THR C 249 0.18 -51.74 11.96
C THR C 249 -0.86 -50.63 12.11
N ASN C 250 -0.55 -49.46 11.57
CA ASN C 250 -1.47 -48.35 11.66
C ASN C 250 -2.67 -48.49 10.74
N ASP C 251 -2.56 -49.29 9.67
CA ASP C 251 -3.72 -49.51 8.82
C ASP C 251 -4.72 -50.26 9.69
N LEU C 252 -4.19 -51.27 10.40
CA LEU C 252 -5.00 -52.10 11.30
C LEU C 252 -5.60 -51.26 12.43
N ILE C 253 -4.76 -50.48 13.10
CA ILE C 253 -5.25 -49.64 14.18
C ILE C 253 -6.32 -48.68 13.68
N THR C 254 -6.11 -48.13 12.48
CA THR C 254 -7.10 -47.20 11.93
C THR C 254 -8.43 -47.91 11.73
N ASP C 255 -8.40 -49.12 11.19
CA ASP C 255 -9.62 -49.89 10.97
C ASP C 255 -10.28 -50.26 12.31
N ILE C 256 -9.45 -50.63 13.27
CA ILE C 256 -9.93 -51.01 14.59
C ILE C 256 -10.66 -49.85 15.26
N LEU C 257 -10.02 -48.68 15.24
CA LEU C 257 -10.58 -47.49 15.85
C LEU C 257 -11.89 -47.05 15.20
N GLY C 258 -11.99 -47.17 13.88
CA GLY C 258 -13.20 -46.78 13.20
C GLY C 258 -14.35 -47.78 13.35
N ASN C 259 -14.05 -48.97 13.87
CA ASN C 259 -15.07 -49.99 14.04
C ASN C 259 -15.47 -50.19 15.50
N GLY C 260 -14.68 -49.62 16.41
CA GLY C 260 -14.94 -49.78 17.83
C GLY C 260 -13.73 -50.47 18.41
N LEU C 261 -12.85 -49.70 19.03
CA LEU C 261 -11.61 -50.20 19.60
C LEU C 261 -11.67 -51.52 20.37
N TYR C 262 -12.30 -51.49 21.53
CA TYR C 262 -12.39 -52.68 22.36
C TYR C 262 -13.20 -53.81 21.75
N GLN C 263 -14.33 -53.47 21.13
CA GLN C 263 -15.18 -54.49 20.53
C GLN C 263 -14.45 -55.19 19.39
N THR C 264 -13.73 -54.43 18.58
CA THR C 264 -13.01 -54.99 17.44
C THR C 264 -11.81 -55.84 17.84
N ILE C 265 -11.11 -55.44 18.90
CA ILE C 265 -9.96 -56.22 19.35
C ILE C 265 -10.47 -57.54 19.86
N LYS C 266 -11.58 -57.51 20.62
CA LYS C 266 -12.14 -58.76 21.12
C LYS C 266 -12.68 -59.61 19.97
N LEU C 267 -13.30 -58.99 18.98
CA LEU C 267 -13.81 -59.75 17.84
C LEU C 267 -12.64 -60.36 17.08
N LEU C 268 -11.50 -59.68 17.07
CA LEU C 268 -10.32 -60.20 16.37
C LEU C 268 -9.75 -61.40 17.10
N LEU C 269 -9.79 -61.35 18.42
CA LEU C 269 -9.31 -62.44 19.24
C LEU C 269 -10.19 -63.69 19.05
N GLU C 270 -11.49 -63.47 18.85
CA GLU C 270 -12.42 -64.58 18.62
C GLU C 270 -11.99 -65.33 17.37
N GLU C 271 -11.68 -64.58 16.32
CA GLU C 271 -11.23 -65.15 15.06
C GLU C 271 -9.93 -65.92 15.25
N GLN C 272 -9.29 -65.72 16.40
CA GLN C 272 -8.04 -66.39 16.71
C GLN C 272 -8.21 -67.50 17.73
N GLY C 273 -9.46 -67.92 17.93
CA GLY C 273 -9.74 -69.00 18.85
C GLY C 273 -9.73 -68.64 20.33
N VAL C 274 -9.79 -67.35 20.62
CA VAL C 274 -9.80 -66.87 21.99
C VAL C 274 -11.18 -66.32 22.32
N GLU C 275 -11.79 -66.85 23.39
CA GLU C 275 -13.11 -66.41 23.83
C GLU C 275 -13.06 -65.03 24.50
N ALA C 276 -12.69 -64.02 23.73
CA ALA C 276 -12.59 -62.66 24.27
C ALA C 276 -13.94 -62.16 24.76
N GLY C 277 -15.01 -62.64 24.14
CA GLY C 277 -16.34 -62.25 24.55
C GLY C 277 -16.76 -60.82 24.31
N TYR C 278 -17.65 -60.34 25.17
CA TYR C 278 -18.20 -59.00 25.08
C TYR C 278 -17.46 -57.97 25.91
N CYS C 279 -17.73 -56.71 25.60
CA CYS C 279 -17.18 -55.61 26.35
C CYS C 279 -18.23 -55.33 27.41
N ARG C 280 -17.80 -54.71 28.50
CA ARG C 280 -18.70 -54.38 29.58
C ARG C 280 -19.58 -53.18 29.18
N GLN C 281 -20.89 -53.27 29.41
CA GLN C 281 -21.79 -52.16 29.09
C GLN C 281 -21.39 -51.00 30.00
N PRO C 282 -21.68 -49.74 29.62
CA PRO C 282 -22.37 -49.32 28.40
C PRO C 282 -21.55 -49.32 27.11
N MET C 283 -20.43 -50.04 27.07
CA MET C 283 -19.70 -50.10 25.81
C MET C 283 -20.65 -50.97 25.01
N LYS C 284 -21.05 -50.50 23.84
CA LYS C 284 -22.01 -51.23 23.03
C LYS C 284 -21.62 -52.63 22.58
N GLU C 285 -22.64 -53.45 22.38
CA GLU C 285 -22.46 -54.80 21.90
C GLU C 285 -22.20 -54.61 20.41
N ALA C 286 -21.32 -55.43 19.85
CA ALA C 286 -21.00 -55.31 18.43
C ALA C 286 -22.24 -55.60 17.58
N THR C 287 -22.51 -54.72 16.61
CA THR C 287 -23.64 -54.92 15.71
C THR C 287 -23.21 -55.86 14.59
N ASP C 288 -24.17 -56.35 13.82
CA ASP C 288 -23.87 -57.24 12.70
C ASP C 288 -22.87 -56.54 11.79
N GLU C 289 -23.14 -55.27 11.51
CA GLU C 289 -22.25 -54.47 10.69
C GLU C 289 -20.84 -54.51 11.29
N MET C 290 -20.76 -54.21 12.58
CA MET C 290 -19.48 -54.20 13.28
C MET C 290 -18.78 -55.55 13.22
N LYS C 291 -19.55 -56.62 13.37
CA LYS C 291 -19.01 -57.98 13.34
C LYS C 291 -18.51 -58.30 11.94
N SER C 292 -19.27 -57.87 10.94
CA SER C 292 -18.90 -58.11 9.55
C SER C 292 -17.57 -57.42 9.24
N ARG C 293 -17.47 -56.15 9.63
CA ARG C 293 -16.27 -55.36 9.41
C ARG C 293 -15.07 -55.96 10.16
N ALA C 294 -15.33 -56.45 11.36
CA ALA C 294 -14.28 -57.04 12.18
C ALA C 294 -13.68 -58.25 11.43
N LYS C 295 -14.53 -59.01 10.76
CA LYS C 295 -14.03 -60.17 10.03
C LYS C 295 -13.28 -59.77 8.76
N GLU C 296 -13.70 -58.68 8.11
CA GLU C 296 -12.99 -58.22 6.93
C GLU C 296 -11.59 -57.81 7.41
N ILE C 297 -11.57 -57.08 8.52
CA ILE C 297 -10.33 -56.62 9.13
C ILE C 297 -9.43 -57.80 9.48
N TYR C 298 -10.05 -58.85 10.02
CA TYR C 298 -9.32 -60.04 10.40
C TYR C 298 -8.66 -60.65 9.15
N ARG C 299 -9.45 -60.79 8.09
CA ARG C 299 -8.95 -61.37 6.83
C ARG C 299 -7.80 -60.55 6.25
N LYS C 300 -7.92 -59.24 6.36
CA LYS C 300 -6.92 -58.32 5.83
C LYS C 300 -5.55 -58.27 6.51
N TYR C 301 -5.51 -58.34 7.83
CA TYR C 301 -4.23 -58.23 8.51
C TYR C 301 -3.68 -59.48 9.20
N PHE C 302 -4.52 -60.52 9.31
CA PHE C 302 -4.09 -61.75 9.95
C PHE C 302 -4.32 -62.98 9.06
N THR D 13 38.79 54.70 -28.86
CA THR D 13 38.17 55.18 -27.59
C THR D 13 37.76 54.00 -26.72
N ASP D 14 38.23 53.99 -25.47
CA ASP D 14 37.90 52.91 -24.53
C ASP D 14 36.43 52.98 -24.15
N MET D 15 35.69 51.95 -24.53
CA MET D 15 34.24 51.89 -24.31
C MET D 15 33.70 51.31 -23.00
N LYS D 16 34.56 50.99 -22.05
CA LYS D 16 34.08 50.43 -20.79
C LYS D 16 33.24 51.45 -20.02
N GLY D 17 32.34 50.99 -19.15
CA GLY D 17 31.54 51.93 -18.39
C GLY D 17 30.05 51.70 -18.31
N ILE D 18 29.36 52.66 -17.66
CA ILE D 18 27.92 52.63 -17.46
C ILE D 18 27.16 53.46 -18.50
N TYR D 19 26.35 52.79 -19.32
CA TYR D 19 25.58 53.47 -20.37
C TYR D 19 24.08 53.36 -20.15
N SER D 20 23.39 54.49 -20.32
CA SER D 20 21.94 54.49 -20.19
C SER D 20 21.34 54.22 -21.56
N ALA D 21 20.39 53.30 -21.64
CA ALA D 21 19.74 53.05 -22.91
C ALA D 21 18.79 54.25 -23.00
N LEU D 22 19.19 55.25 -23.76
CA LEU D 22 18.43 56.48 -23.89
C LEU D 22 16.93 56.37 -24.21
N LEU D 23 16.11 57.01 -23.37
CA LEU D 23 14.68 57.06 -23.58
C LEU D 23 14.44 58.29 -24.43
N VAL D 24 13.35 58.28 -25.19
CA VAL D 24 13.02 59.40 -26.05
C VAL D 24 11.68 60.00 -25.62
N SER D 25 11.59 61.32 -25.63
CA SER D 25 10.34 61.97 -25.24
C SER D 25 9.44 62.20 -26.46
N PHE D 26 8.17 61.87 -26.30
CA PHE D 26 7.17 62.03 -27.36
C PHE D 26 5.97 62.78 -26.79
N ASP D 27 5.27 63.53 -27.63
CA ASP D 27 4.07 64.21 -27.15
C ASP D 27 2.94 63.19 -27.31
N LYS D 28 1.73 63.58 -26.94
CA LYS D 28 0.58 62.69 -26.99
C LYS D 28 0.25 62.15 -28.38
N GLU D 29 0.66 62.86 -29.42
CA GLU D 29 0.39 62.44 -30.78
C GLU D 29 1.52 61.60 -31.38
N GLY D 30 2.55 61.35 -30.59
CA GLY D 30 3.66 60.54 -31.08
C GLY D 30 4.85 61.30 -31.65
N ASN D 31 4.75 62.62 -31.72
CA ASN D 31 5.84 63.43 -32.24
C ASN D 31 6.99 63.44 -31.25
N ILE D 32 8.21 63.44 -31.78
CA ILE D 32 9.40 63.49 -30.96
C ILE D 32 9.43 64.86 -30.30
N ASN D 33 9.53 64.90 -28.99
CA ASN D 33 9.60 66.15 -28.25
C ASN D 33 11.09 66.43 -28.05
N GLU D 34 11.67 67.23 -28.94
CA GLU D 34 13.11 67.55 -28.87
C GLU D 34 13.54 68.17 -27.54
N LYS D 35 12.86 69.22 -27.11
CA LYS D 35 13.14 69.87 -25.84
C LYS D 35 13.24 68.79 -24.75
N GLY D 36 12.24 67.91 -24.71
CA GLY D 36 12.22 66.85 -23.72
C GLY D 36 13.37 65.85 -23.88
N LEU D 37 13.74 65.54 -25.11
CA LEU D 37 14.82 64.60 -25.35
C LEU D 37 16.13 65.16 -24.78
N ARG D 38 16.41 66.42 -25.08
CA ARG D 38 17.63 67.04 -24.60
C ARG D 38 17.64 67.07 -23.07
N GLN D 39 16.46 67.20 -22.46
CA GLN D 39 16.42 67.21 -21.01
C GLN D 39 16.76 65.82 -20.48
N ILE D 40 16.24 64.78 -21.14
CA ILE D 40 16.56 63.43 -20.72
C ILE D 40 18.07 63.26 -20.82
N ILE D 41 18.63 63.70 -21.94
CA ILE D 41 20.06 63.60 -22.16
C ILE D 41 20.84 64.31 -21.05
N ARG D 42 20.44 65.55 -20.74
CA ARG D 42 21.10 66.34 -19.70
C ARG D 42 21.01 65.67 -18.33
N HIS D 43 19.85 65.11 -18.01
CA HIS D 43 19.66 64.43 -16.74
C HIS D 43 20.67 63.27 -16.60
N ASN D 44 20.78 62.45 -17.64
CA ASN D 44 21.70 61.32 -17.63
C ASN D 44 23.14 61.79 -17.45
N ILE D 45 23.50 62.87 -18.15
CA ILE D 45 24.85 63.40 -18.06
C ILE D 45 25.16 64.13 -16.76
N ASP D 46 24.30 65.07 -16.40
CA ASP D 46 24.47 65.91 -15.22
C ASP D 46 24.05 65.34 -13.88
N VAL D 47 22.97 64.56 -13.85
CA VAL D 47 22.48 63.98 -12.61
C VAL D 47 22.90 62.52 -12.41
N CYS D 48 22.57 61.66 -13.37
CA CYS D 48 22.91 60.25 -13.28
C CYS D 48 24.41 60.00 -13.47
N LYS D 49 25.10 60.98 -14.03
CA LYS D 49 26.55 60.89 -14.27
C LYS D 49 26.99 59.62 -14.99
N VAL D 50 26.22 59.16 -15.96
CA VAL D 50 26.62 57.94 -16.68
C VAL D 50 27.86 58.21 -17.53
N ASP D 51 28.51 57.14 -17.98
CA ASP D 51 29.69 57.30 -18.81
C ASP D 51 29.35 57.46 -20.28
N GLY D 52 28.10 57.15 -20.63
CA GLY D 52 27.70 57.28 -22.01
C GLY D 52 26.23 56.96 -22.26
N LEU D 53 25.81 57.10 -23.51
CA LEU D 53 24.42 56.85 -23.86
C LEU D 53 24.35 55.80 -24.97
N TYR D 54 23.41 54.88 -24.84
CA TYR D 54 23.19 53.83 -25.84
C TYR D 54 21.92 54.31 -26.57
N VAL D 55 22.12 54.86 -27.76
CA VAL D 55 21.02 55.42 -28.54
C VAL D 55 20.44 54.53 -29.62
N GLY D 56 19.11 54.50 -29.70
CA GLY D 56 18.43 53.69 -30.70
C GLY D 56 18.10 52.27 -30.28
N GLY D 57 18.13 52.03 -28.96
CA GLY D 57 17.81 50.70 -28.47
C GLY D 57 16.33 50.50 -28.25
N SER D 58 15.98 49.37 -27.65
CA SER D 58 14.59 49.06 -27.36
C SER D 58 14.00 50.16 -26.48
N THR D 59 14.77 50.57 -25.48
CA THR D 59 14.34 51.59 -24.53
C THR D 59 13.98 52.89 -25.23
N GLY D 60 14.67 53.19 -26.33
CA GLY D 60 14.36 54.40 -27.07
C GLY D 60 13.18 54.21 -28.01
N GLU D 61 12.48 53.08 -27.88
CA GLU D 61 11.30 52.78 -28.70
C GLU D 61 11.67 52.87 -30.19
N ASN D 62 12.94 52.59 -30.44
CA ASN D 62 13.53 52.64 -31.76
C ASN D 62 12.79 51.96 -32.92
N PHE D 63 12.30 50.75 -32.70
CA PHE D 63 11.63 50.02 -33.76
C PHE D 63 10.20 50.43 -34.07
N MET D 64 9.72 51.47 -33.38
CA MET D 64 8.38 51.99 -33.60
C MET D 64 8.50 53.28 -34.41
N LEU D 65 9.74 53.63 -34.75
CA LEU D 65 10.02 54.86 -35.47
C LEU D 65 10.42 54.67 -36.92
N SER D 66 10.44 55.77 -37.66
CA SER D 66 10.83 55.74 -39.06
C SER D 66 12.33 55.99 -39.09
N THR D 67 12.96 55.71 -40.23
CA THR D 67 14.39 55.90 -40.38
C THR D 67 14.82 57.35 -40.12
N ASP D 68 14.09 58.32 -40.66
CA ASP D 68 14.46 59.72 -40.45
C ASP D 68 14.22 60.17 -39.00
N GLU D 69 13.32 59.49 -38.29
CA GLU D 69 13.09 59.84 -36.91
C GLU D 69 14.29 59.33 -36.12
N LYS D 70 14.76 58.14 -36.51
CA LYS D 70 15.92 57.54 -35.86
C LYS D 70 17.11 58.48 -36.10
N LYS D 71 17.25 58.96 -37.33
CA LYS D 71 18.35 59.86 -37.66
C LYS D 71 18.32 61.13 -36.83
N ARG D 72 17.12 61.70 -36.64
CA ARG D 72 16.98 62.92 -35.85
C ARG D 72 17.45 62.68 -34.42
N ILE D 73 17.04 61.54 -33.86
CA ILE D 73 17.43 61.19 -32.49
C ILE D 73 18.95 61.06 -32.36
N PHE D 74 19.60 60.44 -33.35
CA PHE D 74 21.05 60.29 -33.31
C PHE D 74 21.75 61.64 -33.40
N GLU D 75 21.22 62.54 -34.21
CA GLU D 75 21.87 63.83 -34.33
C GLU D 75 21.63 64.64 -33.06
N ILE D 76 20.43 64.60 -32.51
CA ILE D 76 20.12 65.34 -31.29
C ILE D 76 21.00 64.90 -30.13
N ALA D 77 21.09 63.59 -29.91
CA ALA D 77 21.91 63.08 -28.83
C ALA D 77 23.36 63.51 -29.01
N LYS D 78 23.85 63.44 -30.25
CA LYS D 78 25.21 63.84 -30.56
C LYS D 78 25.45 65.31 -30.21
N ASP D 79 24.53 66.16 -30.66
CA ASP D 79 24.62 67.60 -30.43
C ASP D 79 24.58 67.96 -28.94
N GLU D 80 23.57 67.46 -28.25
CA GLU D 80 23.41 67.76 -26.82
C GLU D 80 24.55 67.27 -25.95
N VAL D 81 25.10 66.11 -26.29
CA VAL D 81 26.21 65.54 -25.53
C VAL D 81 27.49 66.32 -25.77
N LYS D 82 27.67 66.75 -27.01
CA LYS D 82 28.88 67.45 -27.41
C LYS D 82 29.94 66.36 -27.38
N GLU D 83 30.90 66.48 -26.47
CA GLU D 83 31.95 65.47 -26.35
C GLU D 83 32.10 65.12 -24.87
N GLU D 84 31.07 65.44 -24.08
CA GLU D 84 31.08 65.18 -22.65
C GLU D 84 31.19 63.69 -22.29
N ILE D 85 30.38 62.84 -22.92
CA ILE D 85 30.43 61.41 -22.64
C ILE D 85 30.42 60.61 -23.94
N LYS D 86 30.65 59.30 -23.81
CA LYS D 86 30.68 58.43 -24.97
C LYS D 86 29.31 58.12 -25.54
N LEU D 87 29.29 57.71 -26.80
CA LEU D 87 28.05 57.40 -27.49
C LEU D 87 28.11 56.14 -28.33
N ILE D 88 27.13 55.26 -28.14
CA ILE D 88 27.01 54.02 -28.92
C ILE D 88 25.68 54.06 -29.68
N ALA D 89 25.73 53.79 -30.97
CA ALA D 89 24.52 53.80 -31.79
C ALA D 89 24.00 52.41 -32.19
N GLN D 90 22.79 52.10 -31.75
CA GLN D 90 22.15 50.83 -32.10
C GLN D 90 21.56 51.06 -33.49
N VAL D 91 22.09 50.34 -34.48
CA VAL D 91 21.63 50.51 -35.84
C VAL D 91 21.03 49.25 -36.46
N GLY D 92 20.95 48.18 -35.68
CA GLY D 92 20.39 46.93 -36.16
C GLY D 92 18.96 47.08 -36.66
N SER D 93 18.56 46.19 -37.56
CA SER D 93 17.22 46.21 -38.14
C SER D 93 16.98 44.98 -39.02
N VAL D 94 15.71 44.63 -39.20
CA VAL D 94 15.32 43.50 -40.05
C VAL D 94 15.70 43.84 -41.49
N ASN D 95 15.75 45.14 -41.78
CA ASN D 95 16.13 45.62 -43.10
C ASN D 95 17.62 45.95 -43.06
N LEU D 96 18.44 45.03 -43.58
CA LEU D 96 19.89 45.21 -43.58
C LEU D 96 20.32 46.51 -44.21
N LYS D 97 19.62 46.93 -45.27
CA LYS D 97 19.97 48.18 -45.92
C LYS D 97 19.79 49.38 -44.99
N GLU D 98 18.75 49.37 -44.16
CA GLU D 98 18.55 50.46 -43.23
C GLU D 98 19.67 50.43 -42.20
N ALA D 99 20.04 49.23 -41.76
CA ALA D 99 21.11 49.08 -40.78
C ALA D 99 22.41 49.69 -41.32
N VAL D 100 22.70 49.43 -42.59
CA VAL D 100 23.91 49.98 -43.20
C VAL D 100 23.80 51.50 -43.33
N GLU D 101 22.64 51.98 -43.75
CA GLU D 101 22.42 53.40 -43.90
C GLU D 101 22.64 54.10 -42.56
N LEU D 102 22.10 53.52 -41.49
CA LEU D 102 22.23 54.11 -40.16
C LEU D 102 23.64 54.00 -39.59
N ALA D 103 24.37 52.96 -39.96
CA ALA D 103 25.74 52.77 -39.48
C ALA D 103 26.63 53.88 -40.05
N LYS D 104 26.39 54.20 -41.32
CA LYS D 104 27.17 55.23 -41.98
C LYS D 104 26.80 56.60 -41.42
N PHE D 105 25.50 56.83 -41.23
CA PHE D 105 25.03 58.09 -40.68
C PHE D 105 25.66 58.38 -39.31
N THR D 106 25.54 57.42 -38.40
CA THR D 106 26.10 57.57 -37.06
C THR D 106 27.63 57.60 -37.03
N THR D 107 28.27 56.84 -37.92
CA THR D 107 29.72 56.84 -37.95
C THR D 107 30.16 58.24 -38.38
N ASP D 108 29.51 58.76 -39.42
CA ASP D 108 29.83 60.09 -39.91
C ASP D 108 29.56 61.16 -38.86
N LEU D 109 28.57 60.94 -38.00
CA LEU D 109 28.26 61.91 -36.94
C LEU D 109 29.31 61.85 -35.83
N GLY D 110 30.12 60.80 -35.84
CA GLY D 110 31.15 60.67 -34.82
C GLY D 110 30.82 59.77 -33.65
N TYR D 111 29.86 58.87 -33.79
CA TYR D 111 29.54 57.95 -32.70
C TYR D 111 30.77 57.07 -32.44
N ASP D 112 31.07 56.86 -31.17
CA ASP D 112 32.24 56.09 -30.75
C ASP D 112 32.20 54.62 -31.17
N ALA D 113 31.00 54.07 -31.26
CA ALA D 113 30.84 52.69 -31.68
C ALA D 113 29.39 52.44 -32.09
N ILE D 114 29.18 51.38 -32.86
CA ILE D 114 27.83 51.03 -33.27
C ILE D 114 27.47 49.68 -32.67
N SER D 115 26.16 49.43 -32.56
CA SER D 115 25.65 48.19 -32.01
C SER D 115 24.55 47.71 -32.96
N ALA D 116 24.27 46.41 -32.95
CA ALA D 116 23.23 45.88 -33.82
C ALA D 116 22.61 44.61 -33.27
N VAL D 117 21.31 44.65 -33.06
CA VAL D 117 20.59 43.50 -32.56
C VAL D 117 20.57 42.45 -33.66
N THR D 118 20.50 41.19 -33.26
CA THR D 118 20.44 40.12 -34.24
C THR D 118 19.16 40.32 -35.05
N PRO D 119 19.21 40.06 -36.36
CA PRO D 119 18.02 40.24 -37.21
C PRO D 119 16.91 39.32 -36.72
N PHE D 120 15.71 39.86 -36.54
CA PHE D 120 14.59 39.05 -36.05
C PHE D 120 13.43 38.85 -37.04
N TYR D 121 12.30 38.43 -36.48
CA TYR D 121 11.08 38.14 -37.22
C TYR D 121 11.27 36.92 -38.10
N TYR D 122 12.11 37.03 -39.12
CA TYR D 122 12.37 35.88 -39.98
C TYR D 122 13.39 35.03 -39.25
N LYS D 123 13.39 33.73 -39.52
CA LYS D 123 14.33 32.83 -38.88
C LYS D 123 15.57 32.71 -39.76
N PHE D 124 16.65 33.37 -39.34
CA PHE D 124 17.91 33.34 -40.07
C PHE D 124 18.86 32.33 -39.41
N ASP D 125 19.65 31.62 -40.21
CA ASP D 125 20.60 30.67 -39.62
C ASP D 125 21.86 31.46 -39.27
N PHE D 126 22.82 30.82 -38.63
CA PHE D 126 24.03 31.53 -38.24
C PHE D 126 24.83 32.13 -39.39
N GLU D 127 24.97 31.37 -40.47
CA GLU D 127 25.71 31.84 -41.64
C GLU D 127 25.14 33.19 -42.07
N GLU D 128 23.82 33.28 -42.12
CA GLU D 128 23.15 34.51 -42.53
C GLU D 128 23.33 35.64 -41.52
N ILE D 129 23.29 35.29 -40.24
CA ILE D 129 23.47 36.29 -39.18
C ILE D 129 24.90 36.85 -39.26
N LYS D 130 25.85 35.97 -39.57
CA LYS D 130 27.25 36.36 -39.71
C LYS D 130 27.40 37.33 -40.89
N HIS D 131 26.69 37.03 -41.98
CA HIS D 131 26.74 37.90 -43.15
C HIS D 131 26.15 39.26 -42.74
N TYR D 132 25.09 39.22 -41.94
CA TYR D 132 24.43 40.42 -41.45
C TYR D 132 25.41 41.33 -40.73
N TYR D 133 26.01 40.84 -39.66
CA TYR D 133 26.97 41.64 -38.91
C TYR D 133 28.16 42.09 -39.75
N ASN D 134 28.78 41.17 -40.49
CA ASN D 134 29.93 41.56 -41.31
C ASN D 134 29.55 42.67 -42.28
N THR D 135 28.39 42.55 -42.93
CA THR D 135 27.95 43.58 -43.87
C THR D 135 27.88 44.94 -43.19
N ILE D 136 27.36 44.97 -41.97
CA ILE D 136 27.24 46.23 -41.26
C ILE D 136 28.59 46.82 -40.90
N ILE D 137 29.40 46.06 -40.18
CA ILE D 137 30.70 46.58 -39.76
C ILE D 137 31.68 46.84 -40.91
N ASN D 138 31.61 46.03 -41.96
CA ASN D 138 32.53 46.24 -43.07
C ASN D 138 32.19 47.48 -43.92
N SER D 139 31.01 48.07 -43.71
CA SER D 139 30.59 49.24 -44.48
C SER D 139 31.07 50.57 -43.90
N VAL D 140 31.59 50.55 -42.68
CA VAL D 140 32.04 51.78 -42.05
C VAL D 140 33.35 51.69 -41.29
N ASP D 141 33.93 52.85 -41.04
CA ASP D 141 35.18 52.93 -40.30
C ASP D 141 34.78 53.11 -38.83
N ASN D 142 34.38 52.02 -38.20
CA ASN D 142 33.94 52.06 -36.81
C ASN D 142 34.11 50.66 -36.18
N ARG D 143 33.61 50.51 -34.96
CA ARG D 143 33.66 49.23 -34.23
C ARG D 143 32.24 48.84 -33.85
N LEU D 144 31.93 47.55 -33.85
CA LEU D 144 30.60 47.09 -33.52
C LEU D 144 30.49 46.22 -32.27
N ILE D 145 29.33 46.34 -31.62
CA ILE D 145 29.02 45.57 -30.42
C ILE D 145 27.75 44.76 -30.69
N ILE D 146 27.82 43.45 -30.47
CA ILE D 146 26.70 42.57 -30.69
C ILE D 146 25.62 42.75 -29.62
N TYR D 147 24.38 42.95 -30.07
CA TYR D 147 23.25 43.12 -29.17
C TYR D 147 22.48 41.80 -29.25
N SER D 148 22.60 40.99 -28.21
CA SER D 148 21.95 39.68 -28.19
C SER D 148 20.45 39.67 -27.83
N ILE D 149 20.13 40.04 -26.59
CA ILE D 149 18.76 40.06 -26.09
C ILE D 149 17.87 38.92 -26.64
N PRO D 150 18.04 37.71 -26.11
CA PRO D 150 17.29 36.53 -26.53
C PRO D 150 15.78 36.49 -26.25
N PHE D 151 15.29 37.25 -25.26
CA PHE D 151 13.87 37.20 -24.95
C PHE D 151 12.92 37.99 -25.85
N LEU D 152 13.45 38.96 -26.60
CA LEU D 152 12.61 39.75 -27.50
C LEU D 152 12.77 39.30 -28.96
N THR D 153 13.87 38.61 -29.25
CA THR D 153 14.13 38.11 -30.60
C THR D 153 14.09 36.60 -30.68
N GLY D 154 14.28 35.94 -29.54
CA GLY D 154 14.26 34.49 -29.50
C GLY D 154 15.47 33.85 -30.15
N VAL D 155 16.57 34.59 -30.22
CA VAL D 155 17.79 34.08 -30.83
C VAL D 155 18.84 33.71 -29.78
N ASP D 156 19.29 32.46 -29.81
CA ASP D 156 20.30 31.96 -28.87
C ASP D 156 21.57 31.54 -29.61
N MET D 157 22.66 32.24 -29.34
CA MET D 157 23.94 31.89 -29.98
C MET D 157 24.87 31.20 -29.02
N SER D 158 25.53 30.15 -29.51
CA SER D 158 26.46 29.38 -28.70
C SER D 158 27.78 30.14 -28.59
N LEU D 159 28.64 29.66 -27.70
CA LEU D 159 29.94 30.28 -27.49
C LEU D 159 30.76 30.20 -28.77
N ASP D 160 30.65 29.09 -29.49
CA ASP D 160 31.39 28.89 -30.73
C ASP D 160 30.94 29.84 -31.83
N GLN D 161 29.66 30.17 -31.85
CA GLN D 161 29.12 31.07 -32.85
C GLN D 161 29.67 32.47 -32.58
N PHE D 162 29.71 32.84 -31.31
CA PHE D 162 30.25 34.14 -30.92
C PHE D 162 31.73 34.18 -31.30
N GLY D 163 32.38 33.03 -31.21
CA GLY D 163 33.79 32.95 -31.57
C GLY D 163 33.99 33.37 -33.02
N GLU D 164 33.14 32.87 -33.91
CA GLU D 164 33.24 33.23 -35.33
C GLU D 164 33.08 34.72 -35.53
N LEU D 165 31.97 35.25 -35.02
CA LEU D 165 31.69 36.68 -35.15
C LEU D 165 32.89 37.50 -34.69
N PHE D 166 33.50 37.11 -33.58
CA PHE D 166 34.65 37.84 -33.06
C PHE D 166 35.90 37.73 -33.93
N GLU D 167 35.85 36.88 -34.95
CA GLU D 167 37.00 36.75 -35.84
C GLU D 167 37.34 38.14 -36.37
N ASN D 168 36.28 38.88 -36.69
CA ASN D 168 36.41 40.25 -37.20
C ASN D 168 36.84 41.15 -36.05
N GLU D 169 38.06 41.68 -36.13
CA GLU D 169 38.55 42.53 -35.05
C GLU D 169 37.79 43.83 -34.84
N LYS D 170 36.94 44.19 -35.79
CA LYS D 170 36.14 45.40 -35.68
C LYS D 170 34.90 45.15 -34.80
N ILE D 171 34.62 43.87 -34.54
CA ILE D 171 33.49 43.48 -33.68
C ILE D 171 34.12 43.32 -32.30
N ILE D 172 34.20 44.43 -31.57
CA ILE D 172 34.84 44.49 -30.27
C ILE D 172 34.09 44.01 -29.04
N GLY D 173 32.80 43.72 -29.16
CA GLY D 173 32.08 43.28 -27.98
C GLY D 173 30.64 42.87 -28.19
N VAL D 174 29.96 42.60 -27.08
CA VAL D 174 28.57 42.16 -27.10
C VAL D 174 27.80 42.66 -25.87
N LYS D 175 26.53 42.99 -26.07
CA LYS D 175 25.67 43.42 -24.97
C LYS D 175 24.94 42.14 -24.61
N PHE D 176 25.24 41.61 -23.42
CA PHE D 176 24.67 40.36 -22.94
C PHE D 176 23.36 40.58 -22.20
N THR D 177 22.26 40.33 -22.90
CA THR D 177 20.93 40.51 -22.29
C THR D 177 20.22 39.18 -22.14
N ALA D 178 20.91 38.22 -21.53
CA ALA D 178 20.38 36.88 -21.29
C ALA D 178 20.69 36.53 -19.84
N ALA D 179 19.99 35.56 -19.26
CA ALA D 179 20.23 35.20 -17.87
C ALA D 179 21.17 34.02 -17.71
N ASP D 180 21.87 33.65 -18.79
CA ASP D 180 22.78 32.52 -18.72
C ASP D 180 24.15 32.92 -18.20
N PHE D 181 24.33 32.85 -16.89
CA PHE D 181 25.62 33.21 -16.30
C PHE D 181 26.71 32.19 -16.60
N TYR D 182 26.32 31.02 -17.08
CA TYR D 182 27.29 30.00 -17.44
C TYR D 182 27.90 30.48 -18.75
N LEU D 183 27.05 30.85 -19.71
CA LEU D 183 27.52 31.35 -21.00
C LEU D 183 28.32 32.63 -20.77
N LEU D 184 27.84 33.46 -19.83
CA LEU D 184 28.53 34.70 -19.51
C LEU D 184 29.96 34.39 -19.06
N GLU D 185 30.08 33.50 -18.08
CA GLU D 185 31.38 33.12 -17.55
C GLU D 185 32.30 32.57 -18.64
N ARG D 186 31.75 31.76 -19.53
CA ARG D 186 32.55 31.20 -20.61
C ARG D 186 32.99 32.30 -21.57
N MET D 187 32.10 33.27 -21.79
CA MET D 187 32.40 34.39 -22.68
C MET D 187 33.58 35.17 -22.15
N ARG D 188 33.55 35.46 -20.86
CA ARG D 188 34.62 36.22 -20.23
C ARG D 188 35.95 35.50 -20.42
N LYS D 189 35.99 34.25 -19.98
CA LYS D 189 37.21 33.45 -20.07
C LYS D 189 37.72 33.25 -21.49
N THR D 190 36.82 32.94 -22.43
CA THR D 190 37.21 32.69 -23.81
C THR D 190 37.61 33.93 -24.62
N PHE D 191 37.01 35.08 -24.32
CA PHE D 191 37.32 36.30 -25.06
C PHE D 191 37.72 37.41 -24.10
N PRO D 192 38.93 37.29 -23.51
CA PRO D 192 39.45 38.28 -22.55
C PRO D 192 39.72 39.64 -23.19
N ASN D 193 39.81 39.67 -24.50
CA ASN D 193 40.10 40.90 -25.23
C ASN D 193 38.86 41.60 -25.77
N LYS D 194 37.68 41.01 -25.58
CA LYS D 194 36.44 41.61 -26.06
C LYS D 194 35.66 42.27 -24.94
N LEU D 195 34.90 43.31 -25.27
CA LEU D 195 34.08 43.96 -24.26
C LEU D 195 32.80 43.18 -24.04
N ILE D 196 32.36 43.11 -22.80
CA ILE D 196 31.12 42.41 -22.48
C ILE D 196 30.29 43.33 -21.58
N PHE D 197 29.11 43.70 -22.04
CA PHE D 197 28.25 44.58 -21.27
C PHE D 197 27.04 43.82 -20.74
N ALA D 198 26.69 44.08 -19.48
CA ALA D 198 25.53 43.45 -18.89
C ALA D 198 24.31 44.24 -19.36
N GLY D 199 23.21 43.54 -19.67
CA GLY D 199 22.01 44.21 -20.12
C GLY D 199 20.82 44.07 -19.18
N PHE D 200 21.06 43.44 -18.03
CA PHE D 200 20.03 43.19 -17.02
C PHE D 200 20.34 43.98 -15.73
N ASP D 201 19.71 45.14 -15.61
CA ASP D 201 19.88 46.04 -14.48
C ASP D 201 19.75 45.41 -13.10
N GLU D 202 18.81 44.48 -12.96
CA GLU D 202 18.56 43.84 -11.69
C GLU D 202 19.54 42.71 -11.35
N MET D 203 20.55 42.52 -12.19
CA MET D 203 21.54 41.46 -11.98
C MET D 203 22.94 42.00 -12.23
N MET D 204 23.13 43.29 -11.98
CA MET D 204 24.41 43.93 -12.18
C MET D 204 25.49 43.31 -11.27
N LEU D 205 25.17 43.11 -9.99
CA LEU D 205 26.14 42.51 -9.06
C LEU D 205 26.67 41.15 -9.55
N PRO D 206 25.78 40.16 -9.74
CA PRO D 206 26.29 38.86 -10.18
C PRO D 206 27.02 38.88 -11.52
N ALA D 207 26.67 39.82 -12.38
CA ALA D 207 27.31 39.93 -13.69
C ALA D 207 28.71 40.53 -13.55
N THR D 208 28.85 41.51 -12.67
CA THR D 208 30.13 42.15 -12.46
C THR D 208 31.19 41.22 -11.88
N VAL D 209 30.82 40.39 -10.91
CA VAL D 209 31.80 39.48 -10.32
C VAL D 209 32.31 38.52 -11.38
N LEU D 210 31.62 38.46 -12.52
CA LEU D 210 32.02 37.59 -13.60
C LEU D 210 32.91 38.31 -14.61
N GLY D 211 33.20 39.58 -14.35
CA GLY D 211 34.08 40.32 -15.25
C GLY D 211 33.55 41.18 -16.38
N VAL D 212 32.27 41.55 -16.36
CA VAL D 212 31.73 42.39 -17.42
C VAL D 212 32.49 43.70 -17.39
N ASP D 213 32.58 44.38 -18.54
CA ASP D 213 33.32 45.64 -18.62
C ASP D 213 32.45 46.87 -18.44
N GLY D 214 31.19 46.65 -18.11
CA GLY D 214 30.26 47.75 -17.91
C GLY D 214 28.84 47.27 -18.05
N ALA D 215 27.91 48.21 -18.21
CA ALA D 215 26.51 47.84 -18.34
C ALA D 215 25.73 48.87 -19.14
N ILE D 216 24.69 48.40 -19.82
CA ILE D 216 23.82 49.24 -20.62
C ILE D 216 22.41 48.93 -20.15
N GLY D 217 21.74 49.91 -19.54
CA GLY D 217 20.41 49.65 -19.04
C GLY D 217 19.41 50.78 -19.15
N SER D 218 18.13 50.41 -19.12
CA SER D 218 17.05 51.38 -19.24
C SER D 218 16.79 52.14 -17.94
N THR D 219 16.97 51.48 -16.80
CA THR D 219 16.71 52.15 -15.53
C THR D 219 17.80 53.14 -15.13
N PHE D 220 18.92 53.15 -15.87
CA PHE D 220 20.00 54.08 -15.54
C PHE D 220 19.60 55.51 -15.83
N ASN D 221 18.52 55.68 -16.60
CA ASN D 221 18.04 57.02 -16.93
C ASN D 221 17.67 57.76 -15.65
N VAL D 222 17.40 57.01 -14.58
CA VAL D 222 17.06 57.64 -13.31
C VAL D 222 17.85 57.10 -12.13
N ASN D 223 18.39 55.89 -12.28
CA ASN D 223 19.14 55.26 -11.21
C ASN D 223 20.62 55.09 -11.54
N GLY D 224 21.14 55.91 -12.44
CA GLY D 224 22.53 55.82 -12.83
C GLY D 224 23.55 55.86 -11.69
N VAL D 225 23.25 56.61 -10.63
CA VAL D 225 24.18 56.71 -9.51
C VAL D 225 24.33 55.37 -8.78
N ARG D 226 23.21 54.82 -8.33
CA ARG D 226 23.26 53.53 -7.63
C ARG D 226 23.88 52.47 -8.54
N ALA D 227 23.57 52.53 -9.83
CA ALA D 227 24.09 51.56 -10.78
C ALA D 227 25.62 51.61 -10.81
N ARG D 228 26.16 52.82 -10.81
CA ARG D 228 27.61 52.97 -10.82
C ARG D 228 28.19 52.42 -9.51
N GLN D 229 27.52 52.71 -8.40
CA GLN D 229 27.97 52.22 -7.10
C GLN D 229 28.07 50.70 -7.11
N ILE D 230 27.01 50.04 -7.55
CA ILE D 230 27.00 48.59 -7.59
C ILE D 230 28.19 48.11 -8.42
N PHE D 231 28.48 48.81 -9.51
CA PHE D 231 29.60 48.43 -10.36
C PHE D 231 30.96 48.65 -9.69
N GLU D 232 31.19 49.84 -9.16
CA GLU D 232 32.45 50.14 -8.50
C GLU D 232 32.65 49.35 -7.22
N LEU D 233 31.63 49.31 -6.38
CA LEU D 233 31.73 48.58 -5.12
C LEU D 233 32.11 47.15 -5.38
N THR D 234 31.54 46.56 -6.43
CA THR D 234 31.84 45.18 -6.76
C THR D 234 33.27 45.06 -7.24
N LYS D 235 33.69 46.00 -8.09
CA LYS D 235 35.03 46.00 -8.63
C LYS D 235 36.08 46.16 -7.52
N ASN D 236 35.73 46.93 -6.49
CA ASN D 236 36.63 47.13 -5.36
C ASN D 236 36.48 45.96 -4.39
N GLU D 237 35.64 45.00 -4.77
CA GLU D 237 35.39 43.80 -3.98
C GLU D 237 34.71 44.04 -2.64
N LYS D 238 33.88 45.07 -2.55
CA LYS D 238 33.13 45.38 -1.33
C LYS D 238 31.72 44.82 -1.56
N ILE D 239 31.64 43.50 -1.63
CA ILE D 239 30.39 42.80 -1.89
C ILE D 239 29.18 43.12 -1.03
N SER D 240 29.37 43.10 0.29
CA SER D 240 28.26 43.40 1.21
C SER D 240 27.57 44.72 0.88
N GLU D 241 28.35 45.76 0.62
CA GLU D 241 27.79 47.06 0.28
C GLU D 241 27.15 47.03 -1.11
N ALA D 242 27.78 46.31 -2.02
CA ALA D 242 27.28 46.19 -3.38
C ALA D 242 25.90 45.53 -3.36
N LEU D 243 25.78 44.46 -2.57
CA LEU D 243 24.52 43.75 -2.48
C LEU D 243 23.42 44.62 -1.92
N GLU D 244 23.76 45.49 -0.96
CA GLU D 244 22.76 46.36 -0.37
C GLU D 244 22.18 47.34 -1.39
N VAL D 245 23.03 47.89 -2.25
CA VAL D 245 22.60 48.83 -3.27
C VAL D 245 21.77 48.09 -4.31
N GLN D 246 22.15 46.85 -4.59
CA GLN D 246 21.43 46.05 -5.57
C GLN D 246 20.02 45.78 -5.02
N HIS D 247 19.93 45.56 -3.71
CA HIS D 247 18.63 45.30 -3.07
C HIS D 247 17.69 46.50 -3.21
N VAL D 248 18.21 47.69 -2.91
CA VAL D 248 17.37 48.89 -3.02
C VAL D 248 17.05 49.14 -4.49
N THR D 249 18.04 48.88 -5.35
CA THR D 249 17.85 49.06 -6.78
C THR D 249 16.74 48.11 -7.25
N ASN D 250 16.84 46.86 -6.85
CA ASN D 250 15.82 45.90 -7.26
C ASN D 250 14.47 46.17 -6.64
N ASP D 251 14.44 46.95 -5.56
CA ASP D 251 13.16 47.30 -4.95
C ASP D 251 12.51 48.28 -5.93
N LEU D 252 13.33 49.19 -6.42
CA LEU D 252 12.91 50.20 -7.39
C LEU D 252 12.49 49.55 -8.70
N ILE D 253 13.34 48.71 -9.27
CA ILE D 253 13.04 48.04 -10.53
C ILE D 253 11.75 47.22 -10.44
N THR D 254 11.55 46.54 -9.31
CA THR D 254 10.35 45.73 -9.11
C THR D 254 9.11 46.63 -9.19
N ASP D 255 9.13 47.75 -8.47
CA ASP D 255 8.00 48.66 -8.49
C ASP D 255 7.76 49.24 -9.89
N ILE D 256 8.85 49.65 -10.54
CA ILE D 256 8.78 50.20 -11.89
C ILE D 256 8.13 49.18 -12.84
N LEU D 257 8.65 47.96 -12.81
CA LEU D 257 8.12 46.89 -13.66
C LEU D 257 6.65 46.64 -13.42
N GLY D 258 6.25 46.66 -12.16
CA GLY D 258 4.86 46.42 -11.82
C GLY D 258 3.92 47.52 -12.26
N ASN D 259 4.46 48.73 -12.45
CA ASN D 259 3.65 49.88 -12.83
C ASN D 259 3.65 50.17 -14.33
N GLY D 260 4.63 49.62 -15.05
CA GLY D 260 4.75 49.85 -16.48
C GLY D 260 6.11 50.50 -16.70
N LEU D 261 7.10 49.67 -17.03
CA LEU D 261 8.49 50.10 -17.22
C LEU D 261 8.75 51.46 -17.88
N TYR D 262 8.53 51.56 -19.19
CA TYR D 262 8.79 52.81 -19.90
C TYR D 262 8.00 54.00 -19.38
N GLN D 263 6.69 53.83 -19.24
CA GLN D 263 5.85 54.91 -18.76
C GLN D 263 6.27 55.39 -17.38
N THR D 264 6.62 54.45 -16.50
CA THR D 264 7.00 54.81 -15.14
C THR D 264 8.35 55.51 -15.02
N ILE D 265 9.33 55.11 -15.82
CA ILE D 265 10.63 55.77 -15.75
C ILE D 265 10.44 57.21 -16.24
N LYS D 266 9.62 57.38 -17.27
CA LYS D 266 9.35 58.70 -17.80
C LYS D 266 8.62 59.57 -16.76
N LEU D 267 7.67 58.97 -16.03
CA LEU D 267 6.94 59.72 -15.01
C LEU D 267 7.86 60.10 -13.88
N LEU D 268 8.84 59.25 -13.61
CA LEU D 268 9.82 59.50 -12.55
C LEU D 268 10.69 60.67 -12.96
N LEU D 269 10.89 60.81 -14.27
CA LEU D 269 11.68 61.91 -14.82
C LEU D 269 10.85 63.19 -14.77
N GLU D 270 9.57 63.10 -15.12
CA GLU D 270 8.69 64.26 -15.10
C GLU D 270 8.72 64.88 -13.69
N GLU D 271 8.68 64.01 -12.68
CA GLU D 271 8.72 64.47 -11.29
C GLU D 271 9.93 65.36 -11.05
N GLN D 272 10.96 65.17 -11.88
CA GLN D 272 12.18 65.95 -11.71
C GLN D 272 12.32 67.10 -12.72
N GLY D 273 11.23 67.43 -13.38
CA GLY D 273 11.26 68.51 -14.34
C GLY D 273 11.68 68.13 -15.75
N VAL D 274 12.03 66.87 -15.96
CA VAL D 274 12.44 66.40 -17.30
C VAL D 274 11.17 65.99 -18.05
N GLU D 275 10.86 66.68 -19.14
CA GLU D 275 9.66 66.36 -19.90
C GLU D 275 9.84 65.12 -20.78
N ALA D 276 9.86 63.95 -20.15
CA ALA D 276 10.03 62.66 -20.81
C ALA D 276 8.82 62.28 -21.66
N GLY D 277 7.69 62.91 -21.38
CA GLY D 277 6.47 62.68 -22.14
C GLY D 277 5.84 61.32 -22.19
N TYR D 278 5.17 61.05 -23.31
CA TYR D 278 4.48 59.78 -23.53
C TYR D 278 5.36 58.77 -24.24
N CYS D 279 4.81 57.58 -24.44
CA CYS D 279 5.47 56.52 -25.19
C CYS D 279 4.70 56.53 -26.50
N ARG D 280 5.27 55.93 -27.53
CA ARG D 280 4.63 55.85 -28.83
C ARG D 280 3.52 54.81 -28.77
N GLN D 281 2.35 55.12 -29.31
CA GLN D 281 1.27 54.14 -29.36
C GLN D 281 1.80 53.05 -30.30
N PRO D 282 1.32 51.81 -30.15
CA PRO D 282 0.31 51.30 -29.20
C PRO D 282 0.67 51.20 -27.71
N MET D 283 1.88 51.61 -27.31
CA MET D 283 2.21 51.55 -25.88
C MET D 283 1.22 52.49 -25.19
N LYS D 284 0.56 52.00 -24.15
CA LYS D 284 -0.46 52.79 -23.46
C LYS D 284 -0.02 54.06 -22.77
N GLU D 285 -0.99 54.95 -22.64
CA GLU D 285 -0.82 56.23 -21.98
C GLU D 285 -0.91 55.89 -20.49
N ALA D 286 -0.08 56.50 -19.67
CA ALA D 286 -0.13 56.22 -18.24
C ALA D 286 -1.53 56.58 -17.72
N THR D 287 -2.11 55.70 -16.91
CA THR D 287 -3.43 55.98 -16.34
C THR D 287 -3.25 56.81 -15.07
N ASP D 288 -4.34 57.31 -14.51
CA ASP D 288 -4.25 58.11 -13.29
C ASP D 288 -3.62 57.29 -12.17
N GLU D 289 -3.97 56.00 -12.12
CA GLU D 289 -3.43 55.11 -11.12
C GLU D 289 -1.92 54.97 -11.29
N MET D 290 -1.48 54.76 -12.53
CA MET D 290 -0.05 54.63 -12.81
C MET D 290 0.71 55.87 -12.38
N LYS D 291 0.10 57.03 -12.60
CA LYS D 291 0.73 58.30 -12.25
C LYS D 291 0.83 58.46 -10.73
N SER D 292 -0.24 58.08 -10.04
CA SER D 292 -0.27 58.16 -8.59
C SER D 292 0.81 57.27 -7.99
N ARG D 293 0.89 56.05 -8.52
CA ARG D 293 1.88 55.07 -8.06
C ARG D 293 3.28 55.59 -8.35
N ALA D 294 3.46 56.17 -9.54
CA ALA D 294 4.75 56.72 -9.94
C ALA D 294 5.26 57.74 -8.93
N LYS D 295 4.34 58.56 -8.41
CA LYS D 295 4.70 59.57 -7.43
C LYS D 295 5.22 58.91 -6.15
N GLU D 296 4.52 57.87 -5.72
CA GLU D 296 4.91 57.16 -4.51
C GLU D 296 6.31 56.60 -4.70
N ILE D 297 6.54 56.00 -5.86
CA ILE D 297 7.84 55.42 -6.15
C ILE D 297 8.93 56.47 -6.07
N TYR D 298 8.67 57.64 -6.66
CA TYR D 298 9.63 58.72 -6.63
C TYR D 298 9.99 59.11 -5.20
N ARG D 299 8.96 59.33 -4.37
CA ARG D 299 9.18 59.69 -2.98
C ARG D 299 9.97 58.64 -2.21
N LYS D 300 9.67 57.37 -2.46
CA LYS D 300 10.33 56.29 -1.75
C LYS D 300 11.80 56.04 -2.09
N TYR D 301 12.19 56.25 -3.34
CA TYR D 301 13.56 55.96 -3.72
C TYR D 301 14.44 57.14 -4.07
N PHE D 302 13.85 58.33 -4.16
CA PHE D 302 14.63 59.50 -4.52
C PHE D 302 14.62 60.61 -3.47
N THR E 13 12.04 -27.44 -9.73
CA THR E 13 13.02 -27.47 -8.61
C THR E 13 12.62 -28.46 -7.53
N ASP E 14 13.48 -29.44 -7.25
CA ASP E 14 13.18 -30.41 -6.20
C ASP E 14 13.19 -29.63 -4.90
N MET E 15 12.05 -29.62 -4.21
CA MET E 15 11.91 -28.87 -2.97
C MET E 15 12.28 -29.62 -1.68
N LYS E 16 12.77 -30.85 -1.81
CA LYS E 16 13.16 -31.61 -0.62
C LYS E 16 14.35 -30.93 0.01
N GLY E 17 14.47 -31.00 1.33
CA GLY E 17 15.61 -30.39 1.98
C GLY E 17 15.32 -29.66 3.27
N ILE E 18 16.36 -29.02 3.82
CA ILE E 18 16.29 -28.27 5.06
C ILE E 18 16.08 -26.78 4.76
N TYR E 19 15.08 -26.19 5.38
CA TYR E 19 14.77 -24.78 5.17
C TYR E 19 14.68 -23.99 6.47
N SER E 20 15.35 -22.84 6.51
CA SER E 20 15.26 -22.00 7.68
C SER E 20 14.05 -21.08 7.49
N ALA E 21 13.16 -21.02 8.48
CA ALA E 21 12.03 -20.11 8.39
C ALA E 21 12.76 -18.81 8.72
N LEU E 22 13.04 -18.03 7.68
CA LEU E 22 13.79 -16.81 7.79
C LEU E 22 13.33 -15.71 8.75
N LEU E 23 14.25 -15.29 9.61
CA LEU E 23 14.00 -14.23 10.57
C LEU E 23 14.23 -12.91 9.83
N VAL E 24 13.66 -11.84 10.36
CA VAL E 24 13.82 -10.52 9.76
C VAL E 24 14.40 -9.56 10.79
N SER E 25 15.33 -8.72 10.34
CA SER E 25 15.95 -7.74 11.22
C SER E 25 15.14 -6.45 11.26
N PHE E 26 14.87 -5.95 12.46
CA PHE E 26 14.11 -4.72 12.62
C PHE E 26 14.86 -3.76 13.55
N ASP E 27 14.79 -2.46 13.28
CA ASP E 27 15.45 -1.51 14.16
C ASP E 27 14.53 -1.28 15.36
N LYS E 28 14.91 -0.37 16.25
CA LYS E 28 14.08 -0.10 17.43
C LYS E 28 12.71 0.48 17.06
N GLU E 29 12.64 1.19 15.94
CA GLU E 29 11.38 1.79 15.50
C GLU E 29 10.48 0.79 14.76
N GLY E 30 10.91 -0.47 14.71
CA GLY E 30 10.13 -1.49 14.05
C GLY E 30 10.29 -1.48 12.54
N ASN E 31 11.26 -0.69 12.06
CA ASN E 31 11.51 -0.62 10.63
C ASN E 31 12.40 -1.76 10.17
N ILE E 32 12.16 -2.21 8.94
CA ILE E 32 12.96 -3.28 8.37
C ILE E 32 14.37 -2.72 8.20
N ASN E 33 15.36 -3.50 8.61
CA ASN E 33 16.76 -3.13 8.46
C ASN E 33 17.29 -4.03 7.33
N GLU E 34 17.28 -3.52 6.10
CA GLU E 34 17.72 -4.30 4.96
C GLU E 34 19.14 -4.83 5.08
N LYS E 35 20.02 -4.05 5.69
CA LYS E 35 21.40 -4.43 5.88
C LYS E 35 21.47 -5.69 6.74
N GLY E 36 20.75 -5.67 7.87
CA GLY E 36 20.73 -6.81 8.77
C GLY E 36 20.01 -8.03 8.20
N LEU E 37 18.96 -7.80 7.43
CA LEU E 37 18.21 -8.90 6.84
C LEU E 37 19.12 -9.64 5.85
N ARG E 38 19.88 -8.88 5.08
CA ARG E 38 20.78 -9.48 4.11
C ARG E 38 21.89 -10.28 4.81
N GLN E 39 22.26 -9.85 6.02
CA GLN E 39 23.26 -10.54 6.81
C GLN E 39 22.69 -11.85 7.35
N ILE E 40 21.42 -11.81 7.76
CA ILE E 40 20.76 -13.01 8.27
C ILE E 40 20.68 -14.04 7.16
N ILE E 41 20.42 -13.56 5.95
CA ILE E 41 20.32 -14.43 4.78
C ILE E 41 21.66 -15.07 4.43
N ARG E 42 22.72 -14.27 4.46
CA ARG E 42 24.05 -14.79 4.16
C ARG E 42 24.46 -15.82 5.21
N HIS E 43 24.18 -15.52 6.48
CA HIS E 43 24.50 -16.44 7.55
C HIS E 43 23.87 -17.81 7.33
N ASN E 44 22.59 -17.82 6.95
CA ASN E 44 21.90 -19.08 6.71
C ASN E 44 22.47 -19.82 5.50
N ILE E 45 22.89 -19.10 4.47
CA ILE E 45 23.43 -19.75 3.29
C ILE E 45 24.85 -20.26 3.46
N ASP E 46 25.74 -19.36 3.86
CA ASP E 46 27.15 -19.67 4.00
C ASP E 46 27.61 -20.38 5.27
N VAL E 47 26.91 -20.14 6.39
CA VAL E 47 27.28 -20.76 7.67
C VAL E 47 26.38 -21.91 8.09
N CYS E 48 25.06 -21.69 8.06
CA CYS E 48 24.13 -22.75 8.43
C CYS E 48 24.00 -23.77 7.31
N LYS E 49 24.42 -23.39 6.11
CA LYS E 49 24.38 -24.29 4.96
C LYS E 49 23.02 -24.94 4.73
N VAL E 50 21.93 -24.20 4.88
CA VAL E 50 20.60 -24.75 4.66
C VAL E 50 20.30 -24.85 3.17
N ASP E 51 19.44 -25.79 2.80
CA ASP E 51 19.07 -25.98 1.39
C ASP E 51 18.21 -24.85 0.84
N GLY E 52 17.49 -24.16 1.71
CA GLY E 52 16.65 -23.09 1.22
C GLY E 52 16.10 -22.21 2.32
N LEU E 53 15.26 -21.26 1.94
CA LEU E 53 14.67 -20.35 2.89
C LEU E 53 13.15 -20.32 2.75
N TYR E 54 12.47 -20.30 3.90
CA TYR E 54 11.02 -20.23 3.96
C TYR E 54 10.81 -18.76 4.35
N VAL E 55 10.38 -17.96 3.38
CA VAL E 55 10.18 -16.53 3.60
C VAL E 55 8.74 -16.12 3.85
N GLY E 56 8.55 -15.22 4.81
CA GLY E 56 7.22 -14.73 5.12
C GLY E 56 6.44 -15.60 6.10
N GLY E 57 7.14 -16.46 6.82
CA GLY E 57 6.47 -17.32 7.79
C GLY E 57 6.28 -16.64 9.14
N SER E 58 5.76 -17.39 10.11
CA SER E 58 5.53 -16.87 11.47
C SER E 58 6.85 -16.36 12.02
N THR E 59 7.89 -17.14 11.79
CA THR E 59 9.23 -16.82 12.27
C THR E 59 9.70 -15.47 11.75
N GLY E 60 9.22 -15.09 10.57
CA GLY E 60 9.60 -13.81 10.00
C GLY E 60 8.73 -12.67 10.50
N GLU E 61 7.90 -12.95 11.49
CA GLU E 61 6.99 -11.95 12.08
C GLU E 61 6.02 -11.39 11.04
N ASN E 62 5.84 -12.15 9.98
CA ASN E 62 4.98 -11.80 8.84
C ASN E 62 3.62 -11.17 9.16
N PHE E 63 2.90 -11.73 10.11
CA PHE E 63 1.57 -11.21 10.44
C PHE E 63 1.53 -9.92 11.25
N MET E 64 2.69 -9.36 11.50
CA MET E 64 2.78 -8.10 12.23
C MET E 64 3.16 -7.03 11.22
N LEU E 65 3.32 -7.44 9.97
CA LEU E 65 3.74 -6.52 8.93
C LEU E 65 2.65 -6.13 7.95
N SER E 66 2.91 -5.03 7.24
CA SER E 66 2.00 -4.54 6.22
C SER E 66 2.34 -5.29 4.93
N THR E 67 1.46 -5.23 3.95
CA THR E 67 1.69 -5.90 2.70
C THR E 67 2.94 -5.37 2.00
N ASP E 68 3.13 -4.04 2.03
CA ASP E 68 4.31 -3.45 1.41
C ASP E 68 5.59 -3.99 2.05
N GLU E 69 5.56 -4.20 3.37
CA GLU E 69 6.72 -4.73 4.08
C GLU E 69 6.98 -6.19 3.71
N LYS E 70 5.91 -6.95 3.57
CA LYS E 70 6.07 -8.35 3.21
C LYS E 70 6.72 -8.41 1.84
N LYS E 71 6.24 -7.55 0.93
CA LYS E 71 6.78 -7.53 -0.41
C LYS E 71 8.25 -7.15 -0.42
N ARG E 72 8.62 -6.13 0.36
CA ARG E 72 10.00 -5.69 0.42
C ARG E 72 10.91 -6.83 0.88
N ILE E 73 10.45 -7.59 1.87
CA ILE E 73 11.22 -8.72 2.38
C ILE E 73 11.38 -9.81 1.31
N PHE E 74 10.32 -10.05 0.54
CA PHE E 74 10.36 -11.05 -0.52
C PHE E 74 11.36 -10.67 -1.60
N GLU E 75 11.48 -9.37 -1.87
CA GLU E 75 12.41 -8.87 -2.87
C GLU E 75 13.84 -8.99 -2.37
N ILE E 76 14.07 -8.55 -1.14
CA ILE E 76 15.40 -8.61 -0.53
C ILE E 76 15.90 -10.05 -0.49
N ALA E 77 15.07 -10.95 0.03
CA ALA E 77 15.46 -12.35 0.14
C ALA E 77 15.84 -12.93 -1.22
N LYS E 78 15.01 -12.66 -2.22
CA LYS E 78 15.25 -13.16 -3.57
C LYS E 78 16.51 -12.57 -4.18
N ASP E 79 16.72 -11.29 -3.93
CA ASP E 79 17.88 -10.57 -4.44
C ASP E 79 19.19 -11.06 -3.83
N GLU E 80 19.22 -11.15 -2.51
CA GLU E 80 20.41 -11.59 -1.80
C GLU E 80 20.76 -13.04 -2.11
N VAL E 81 19.75 -13.90 -2.16
CA VAL E 81 19.94 -15.32 -2.44
C VAL E 81 20.32 -15.58 -3.90
N LYS E 82 19.77 -14.75 -4.79
CA LYS E 82 20.02 -14.90 -6.21
C LYS E 82 19.37 -16.22 -6.59
N GLU E 83 20.18 -17.17 -7.05
CA GLU E 83 19.68 -18.48 -7.43
C GLU E 83 20.51 -19.52 -6.67
N GLU E 84 21.18 -19.08 -5.61
CA GLU E 84 22.03 -19.95 -4.79
C GLU E 84 21.28 -21.13 -4.18
N ILE E 85 20.22 -20.82 -3.42
CA ILE E 85 19.41 -21.85 -2.79
C ILE E 85 17.93 -21.73 -3.15
N LYS E 86 17.14 -22.70 -2.74
CA LYS E 86 15.71 -22.70 -3.03
C LYS E 86 14.93 -21.74 -2.13
N LEU E 87 13.77 -21.30 -2.63
CA LEU E 87 12.95 -20.36 -1.88
C LEU E 87 11.46 -20.68 -1.90
N ILE E 88 10.86 -20.64 -0.73
CA ILE E 88 9.43 -20.87 -0.57
C ILE E 88 8.86 -19.60 0.05
N ALA E 89 7.75 -19.12 -0.52
CA ALA E 89 7.11 -17.92 0.00
C ALA E 89 5.79 -18.25 0.70
N GLN E 90 5.68 -17.88 1.96
CA GLN E 90 4.44 -18.11 2.70
C GLN E 90 3.61 -16.89 2.36
N VAL E 91 2.49 -17.09 1.68
CA VAL E 91 1.62 -15.98 1.27
C VAL E 91 0.24 -16.02 1.88
N GLY E 92 0.01 -17.02 2.73
CA GLY E 92 -1.27 -17.15 3.39
C GLY E 92 -1.66 -15.89 4.14
N SER E 93 -2.96 -15.69 4.35
CA SER E 93 -3.47 -14.51 5.04
C SER E 93 -4.98 -14.63 5.26
N VAL E 94 -5.50 -13.91 6.25
CA VAL E 94 -6.93 -13.93 6.49
C VAL E 94 -7.60 -13.14 5.36
N ASN E 95 -6.80 -12.37 4.64
CA ASN E 95 -7.27 -11.58 3.51
C ASN E 95 -6.90 -12.37 2.24
N LEU E 96 -7.86 -13.11 1.70
CA LEU E 96 -7.61 -13.90 0.51
C LEU E 96 -7.13 -13.02 -0.65
N LYS E 97 -7.63 -11.80 -0.72
CA LYS E 97 -7.20 -10.89 -1.78
C LYS E 97 -5.71 -10.62 -1.64
N GLU E 98 -5.24 -10.47 -0.41
CA GLU E 98 -3.83 -10.21 -0.17
C GLU E 98 -3.00 -11.46 -0.47
N ALA E 99 -3.57 -12.63 -0.20
CA ALA E 99 -2.85 -13.88 -0.44
C ALA E 99 -2.63 -14.11 -1.94
N VAL E 100 -3.67 -13.84 -2.74
CA VAL E 100 -3.55 -14.00 -4.18
C VAL E 100 -2.52 -13.04 -4.74
N GLU E 101 -2.55 -11.80 -4.26
CA GLU E 101 -1.61 -10.79 -4.71
C GLU E 101 -0.17 -11.17 -4.40
N LEU E 102 0.08 -11.59 -3.17
CA LEU E 102 1.42 -11.98 -2.77
C LEU E 102 1.84 -13.24 -3.55
N ALA E 103 0.87 -14.09 -3.84
CA ALA E 103 1.16 -15.31 -4.59
C ALA E 103 1.72 -14.95 -5.96
N LYS E 104 1.10 -13.98 -6.62
CA LYS E 104 1.58 -13.56 -7.94
C LYS E 104 2.89 -12.80 -7.85
N PHE E 105 3.00 -11.96 -6.83
CA PHE E 105 4.22 -11.19 -6.63
C PHE E 105 5.43 -12.12 -6.51
N THR E 106 5.39 -13.04 -5.56
CA THR E 106 6.51 -13.95 -5.35
C THR E 106 6.76 -14.89 -6.53
N THR E 107 5.71 -15.27 -7.22
CA THR E 107 5.85 -16.14 -8.38
C THR E 107 6.65 -15.38 -9.45
N ASP E 108 6.27 -14.13 -9.71
CA ASP E 108 6.97 -13.32 -10.69
C ASP E 108 8.41 -13.07 -10.25
N LEU E 109 8.64 -13.04 -8.94
CA LEU E 109 9.99 -12.84 -8.43
C LEU E 109 10.85 -14.06 -8.70
N GLY E 110 10.22 -15.20 -8.95
CA GLY E 110 10.97 -16.41 -9.23
C GLY E 110 11.08 -17.39 -8.06
N TYR E 111 10.21 -17.23 -7.07
CA TYR E 111 10.22 -18.13 -5.93
C TYR E 111 9.88 -19.53 -6.43
N ASP E 112 10.63 -20.51 -5.98
CA ASP E 112 10.44 -21.89 -6.41
C ASP E 112 9.10 -22.49 -6.05
N ALA E 113 8.48 -21.96 -4.99
CA ALA E 113 7.18 -22.42 -4.57
C ALA E 113 6.58 -21.51 -3.53
N ILE E 114 5.28 -21.64 -3.33
CA ILE E 114 4.60 -20.83 -2.33
C ILE E 114 3.99 -21.74 -1.28
N SER E 115 3.55 -21.14 -0.18
CA SER E 115 2.96 -21.84 0.94
C SER E 115 1.88 -20.94 1.55
N ALA E 116 0.89 -21.54 2.20
CA ALA E 116 -0.16 -20.72 2.80
C ALA E 116 -0.78 -21.37 4.01
N VAL E 117 -0.71 -20.66 5.13
CA VAL E 117 -1.29 -21.15 6.36
C VAL E 117 -2.80 -21.20 6.11
N THR E 118 -3.49 -22.06 6.85
CA THR E 118 -4.93 -22.18 6.72
C THR E 118 -5.52 -20.86 7.23
N PRO E 119 -6.60 -20.38 6.59
CA PRO E 119 -7.18 -19.11 7.04
C PRO E 119 -7.53 -19.22 8.53
N PHE E 120 -7.28 -18.17 9.29
CA PHE E 120 -7.57 -18.22 10.72
C PHE E 120 -8.51 -17.13 11.24
N TYR E 121 -8.51 -16.94 12.56
CA TYR E 121 -9.36 -15.97 13.26
C TYR E 121 -10.81 -16.42 13.14
N TYR E 122 -11.38 -16.27 11.95
CA TYR E 122 -12.75 -16.70 11.70
C TYR E 122 -12.79 -18.23 11.65
N LYS E 123 -13.98 -18.78 11.86
CA LYS E 123 -14.14 -20.23 11.81
C LYS E 123 -14.66 -20.66 10.44
N PHE E 124 -13.74 -21.01 9.54
CA PHE E 124 -14.10 -21.43 8.20
C PHE E 124 -14.27 -22.94 8.18
N ASP E 125 -15.26 -23.45 7.46
CA ASP E 125 -15.41 -24.89 7.38
C ASP E 125 -14.49 -25.38 6.26
N PHE E 126 -14.43 -26.68 6.05
CA PHE E 126 -13.53 -27.23 5.03
C PHE E 126 -13.84 -26.75 3.62
N GLU E 127 -15.12 -26.56 3.31
CA GLU E 127 -15.51 -26.09 1.98
C GLU E 127 -14.83 -24.75 1.70
N GLU E 128 -14.88 -23.87 2.69
CA GLU E 128 -14.29 -22.55 2.57
C GLU E 128 -12.76 -22.60 2.55
N ILE E 129 -12.18 -23.52 3.33
CA ILE E 129 -10.73 -23.68 3.35
C ILE E 129 -10.25 -24.17 2.00
N LYS E 130 -10.94 -25.15 1.43
CA LYS E 130 -10.59 -25.69 0.12
C LYS E 130 -10.68 -24.61 -0.97
N HIS E 131 -11.65 -23.71 -0.83
CA HIS E 131 -11.82 -22.62 -1.79
C HIS E 131 -10.64 -21.66 -1.67
N TYR E 132 -10.25 -21.38 -0.42
CA TYR E 132 -9.12 -20.49 -0.16
C TYR E 132 -7.87 -21.03 -0.84
N TYR E 133 -7.54 -22.30 -0.60
CA TYR E 133 -6.37 -22.90 -1.20
C TYR E 133 -6.45 -22.95 -2.73
N ASN E 134 -7.58 -23.43 -3.26
CA ASN E 134 -7.72 -23.51 -4.71
C ASN E 134 -7.63 -22.14 -5.37
N THR E 135 -8.21 -21.12 -4.72
CA THR E 135 -8.19 -19.76 -5.25
C THR E 135 -6.76 -19.25 -5.43
N ILE E 136 -5.94 -19.47 -4.40
CA ILE E 136 -4.54 -19.05 -4.41
C ILE E 136 -3.69 -19.75 -5.47
N ILE E 137 -3.65 -21.09 -5.44
CA ILE E 137 -2.82 -21.81 -6.41
C ILE E 137 -3.35 -21.76 -7.83
N ASN E 138 -4.66 -21.69 -8.01
CA ASN E 138 -5.21 -21.62 -9.37
C ASN E 138 -4.94 -20.26 -10.00
N SER E 139 -4.54 -19.28 -9.18
CA SER E 139 -4.26 -17.95 -9.68
C SER E 139 -2.83 -17.77 -10.22
N VAL E 140 -1.94 -18.70 -9.91
CA VAL E 140 -0.57 -18.59 -10.38
C VAL E 140 0.00 -19.87 -10.98
N ASP E 141 1.07 -19.71 -11.76
CA ASP E 141 1.74 -20.84 -12.37
C ASP E 141 2.88 -21.18 -11.41
N ASN E 142 2.51 -21.83 -10.31
CA ASN E 142 3.50 -22.20 -9.30
C ASN E 142 3.00 -23.44 -8.57
N ARG E 143 3.69 -23.79 -7.49
CA ARG E 143 3.32 -24.96 -6.70
C ARG E 143 3.07 -24.51 -5.26
N LEU E 144 2.05 -25.08 -4.63
CA LEU E 144 1.69 -24.70 -3.27
C LEU E 144 1.84 -25.78 -2.21
N ILE E 145 2.37 -25.36 -1.06
CA ILE E 145 2.57 -26.23 0.08
C ILE E 145 1.60 -25.77 1.16
N ILE E 146 0.84 -26.68 1.73
CA ILE E 146 -0.12 -26.34 2.79
C ILE E 146 0.59 -26.15 4.13
N TYR E 147 0.22 -25.08 4.83
CA TYR E 147 0.79 -24.77 6.15
C TYR E 147 -0.34 -24.92 7.16
N SER E 148 -0.27 -25.97 7.99
CA SER E 148 -1.32 -26.25 8.96
C SER E 148 -1.17 -25.56 10.33
N ILE E 149 -0.14 -25.95 11.07
CA ILE E 149 0.17 -25.40 12.40
C ILE E 149 -1.05 -25.06 13.27
N PRO E 150 -1.79 -26.09 13.73
CA PRO E 150 -2.98 -25.91 14.57
C PRO E 150 -2.67 -25.18 15.89
N PHE E 151 -1.42 -25.30 16.33
CA PHE E 151 -0.97 -24.68 17.57
C PHE E 151 -1.27 -23.19 17.65
N LEU E 152 -1.21 -22.50 16.50
CA LEU E 152 -1.46 -21.06 16.46
C LEU E 152 -2.80 -20.68 15.85
N THR E 153 -3.29 -21.48 14.91
CA THR E 153 -4.55 -21.18 14.24
C THR E 153 -5.76 -21.92 14.81
N GLY E 154 -5.52 -23.09 15.41
CA GLY E 154 -6.60 -23.87 15.97
C GLY E 154 -7.33 -24.74 14.97
N VAL E 155 -6.82 -24.80 13.74
CA VAL E 155 -7.42 -25.60 12.67
C VAL E 155 -6.77 -26.98 12.55
N ASP E 156 -7.54 -28.01 12.93
CA ASP E 156 -7.08 -29.40 12.87
C ASP E 156 -7.76 -30.14 11.73
N MET E 157 -7.08 -30.28 10.60
CA MET E 157 -7.68 -30.97 9.45
C MET E 157 -7.45 -32.47 9.50
N SER E 158 -8.40 -33.22 8.93
CA SER E 158 -8.33 -34.68 8.91
C SER E 158 -7.61 -35.22 7.69
N LEU E 159 -7.32 -36.51 7.72
CA LEU E 159 -6.62 -37.20 6.63
C LEU E 159 -7.38 -37.10 5.31
N ASP E 160 -8.70 -37.22 5.38
CA ASP E 160 -9.53 -37.16 4.18
C ASP E 160 -9.70 -35.75 3.63
N GLN E 161 -9.51 -34.75 4.49
CA GLN E 161 -9.63 -33.36 4.06
C GLN E 161 -8.36 -33.02 3.28
N PHE E 162 -7.21 -33.50 3.76
CA PHE E 162 -5.95 -33.28 3.08
C PHE E 162 -6.00 -33.95 1.70
N GLY E 163 -6.72 -35.07 1.63
CA GLY E 163 -6.85 -35.79 0.38
C GLY E 163 -7.57 -34.98 -0.66
N GLU E 164 -8.68 -34.34 -0.27
CA GLU E 164 -9.43 -33.52 -1.22
C GLU E 164 -8.52 -32.42 -1.75
N LEU E 165 -7.79 -31.78 -0.83
CA LEU E 165 -6.87 -30.72 -1.23
C LEU E 165 -5.83 -31.25 -2.21
N PHE E 166 -5.23 -32.39 -1.88
CA PHE E 166 -4.20 -32.97 -2.75
C PHE E 166 -4.73 -33.41 -4.11
N GLU E 167 -6.03 -33.26 -4.34
CA GLU E 167 -6.62 -33.61 -5.62
C GLU E 167 -5.97 -32.72 -6.67
N ASN E 168 -5.76 -31.46 -6.28
CA ASN E 168 -5.15 -30.45 -7.14
C ASN E 168 -3.66 -30.78 -7.28
N GLU E 169 -3.24 -31.12 -8.48
CA GLU E 169 -1.85 -31.48 -8.74
C GLU E 169 -0.83 -30.39 -8.45
N LYS E 170 -1.27 -29.14 -8.38
CA LYS E 170 -0.37 -28.03 -8.11
C LYS E 170 -0.13 -27.85 -6.61
N ILE E 171 -0.86 -28.60 -5.80
CA ILE E 171 -0.67 -28.57 -4.35
C ILE E 171 0.22 -29.79 -4.11
N ILE E 172 1.51 -29.54 -4.01
CA ILE E 172 2.53 -30.58 -3.88
C ILE E 172 2.91 -31.10 -2.50
N GLY E 173 2.47 -30.44 -1.44
CA GLY E 173 2.85 -30.93 -0.12
C GLY E 173 2.28 -30.16 1.05
N VAL E 174 2.77 -30.50 2.24
CA VAL E 174 2.32 -29.85 3.46
C VAL E 174 3.42 -29.68 4.49
N LYS E 175 3.38 -28.55 5.20
CA LYS E 175 4.32 -28.29 6.29
C LYS E 175 3.49 -28.70 7.49
N PHE E 176 3.89 -29.79 8.11
CA PHE E 176 3.20 -30.36 9.25
C PHE E 176 3.80 -29.89 10.57
N THR E 177 3.14 -28.93 11.22
CA THR E 177 3.63 -28.41 12.49
C THR E 177 2.67 -28.74 13.62
N ALA E 178 2.24 -29.99 13.69
CA ALA E 178 1.32 -30.45 14.73
C ALA E 178 2.00 -31.58 15.49
N ALA E 179 1.55 -31.83 16.71
CA ALA E 179 2.15 -32.89 17.52
C ALA E 179 1.51 -34.25 17.30
N ASP E 180 0.83 -34.44 16.18
CA ASP E 180 0.16 -35.70 15.89
C ASP E 180 0.96 -36.59 14.93
N PHE E 181 1.86 -37.39 15.48
CA PHE E 181 2.66 -38.28 14.63
C PHE E 181 1.83 -39.42 14.05
N TYR E 182 0.59 -39.55 14.53
CA TYR E 182 -0.29 -40.58 14.01
C TYR E 182 -0.79 -40.07 12.66
N LEU E 183 -1.21 -38.81 12.63
CA LEU E 183 -1.67 -38.21 11.39
C LEU E 183 -0.52 -38.10 10.39
N LEU E 184 0.65 -37.75 10.89
CA LEU E 184 1.84 -37.63 10.05
C LEU E 184 2.12 -38.95 9.33
N GLU E 185 2.11 -40.03 10.10
CA GLU E 185 2.36 -41.36 9.57
C GLU E 185 1.29 -41.73 8.54
N ARG E 186 0.03 -41.38 8.83
CA ARG E 186 -1.05 -41.67 7.89
C ARG E 186 -0.87 -40.86 6.63
N MET E 187 -0.37 -39.63 6.78
CA MET E 187 -0.12 -38.74 5.65
C MET E 187 0.98 -39.32 4.74
N ARG E 188 2.08 -39.73 5.36
CA ARG E 188 3.21 -40.29 4.62
C ARG E 188 2.77 -41.48 3.79
N LYS E 189 2.03 -42.38 4.43
CA LYS E 189 1.54 -43.60 3.80
C LYS E 189 0.46 -43.37 2.73
N THR E 190 -0.46 -42.46 3.02
CA THR E 190 -1.55 -42.18 2.09
C THR E 190 -1.16 -41.32 0.90
N PHE E 191 -0.19 -40.44 1.09
CA PHE E 191 0.23 -39.55 0.01
C PHE E 191 1.72 -39.69 -0.30
N PRO E 192 2.14 -40.87 -0.78
CA PRO E 192 3.55 -41.14 -1.11
C PRO E 192 4.17 -40.19 -2.15
N ASN E 193 3.34 -39.54 -2.94
CA ASN E 193 3.82 -38.64 -3.98
C ASN E 193 3.85 -37.17 -3.56
N LYS E 194 3.52 -36.90 -2.30
CA LYS E 194 3.52 -35.52 -1.81
C LYS E 194 4.67 -35.25 -0.87
N LEU E 195 5.03 -33.97 -0.76
CA LEU E 195 6.11 -33.54 0.13
C LEU E 195 5.54 -33.28 1.52
N ILE E 196 6.22 -33.79 2.54
CA ILE E 196 5.81 -33.57 3.91
C ILE E 196 6.99 -32.97 4.66
N PHE E 197 6.81 -31.76 5.14
CA PHE E 197 7.86 -31.06 5.88
C PHE E 197 7.55 -31.02 7.38
N ALA E 198 8.57 -31.23 8.19
CA ALA E 198 8.41 -31.18 9.64
C ALA E 198 8.59 -29.71 10.08
N GLY E 199 7.69 -29.22 10.92
CA GLY E 199 7.78 -27.84 11.39
C GLY E 199 8.13 -27.68 12.85
N PHE E 200 8.35 -28.78 13.55
CA PHE E 200 8.68 -28.78 14.97
C PHE E 200 10.15 -29.18 15.16
N ASP E 201 11.01 -28.18 15.30
CA ASP E 201 12.43 -28.37 15.47
C ASP E 201 12.82 -29.37 16.55
N GLU E 202 12.12 -29.34 17.67
CA GLU E 202 12.47 -30.26 18.77
C GLU E 202 11.94 -31.68 18.60
N MET E 203 11.25 -31.95 17.49
CA MET E 203 10.72 -33.29 17.24
C MET E 203 11.15 -33.77 15.86
N MET E 204 12.23 -33.21 15.35
CA MET E 204 12.76 -33.56 14.05
C MET E 204 13.11 -35.04 13.89
N LEU E 205 13.77 -35.63 14.88
CA LEU E 205 14.14 -37.05 14.79
C LEU E 205 12.94 -37.98 14.59
N PRO E 206 11.96 -37.96 15.51
CA PRO E 206 10.82 -38.86 15.30
C PRO E 206 10.03 -38.54 14.04
N ALA E 207 10.11 -37.31 13.54
CA ALA E 207 9.39 -36.96 12.33
C ALA E 207 10.10 -37.52 11.11
N THR E 208 11.42 -37.51 11.14
CA THR E 208 12.21 -38.04 10.02
C THR E 208 12.08 -39.55 9.87
N VAL E 209 12.04 -40.29 10.98
CA VAL E 209 11.92 -41.74 10.85
C VAL E 209 10.56 -42.13 10.25
N LEU E 210 9.61 -41.19 10.29
CA LEU E 210 8.28 -41.42 9.71
C LEU E 210 8.28 -41.07 8.21
N GLY E 211 9.44 -40.68 7.70
CA GLY E 211 9.57 -40.39 6.29
C GLY E 211 9.36 -38.98 5.74
N VAL E 212 9.52 -37.95 6.57
CA VAL E 212 9.32 -36.59 6.07
C VAL E 212 10.39 -36.31 5.00
N ASP E 213 10.07 -35.42 4.07
CA ASP E 213 10.97 -35.08 2.97
C ASP E 213 11.91 -33.92 3.29
N GLY E 214 11.79 -33.38 4.49
CA GLY E 214 12.63 -32.27 4.90
C GLY E 214 12.04 -31.58 6.11
N ALA E 215 12.55 -30.40 6.45
CA ALA E 215 12.05 -29.66 7.61
C ALA E 215 12.18 -28.15 7.43
N ILE E 216 11.28 -27.42 8.08
CA ILE E 216 11.26 -25.96 8.03
C ILE E 216 11.25 -25.54 9.49
N GLY E 217 12.25 -24.79 9.92
CA GLY E 217 12.31 -24.41 11.31
C GLY E 217 12.93 -23.07 11.60
N SER E 218 12.49 -22.46 12.69
CA SER E 218 12.97 -21.16 13.10
C SER E 218 14.36 -21.20 13.73
N THR E 219 14.66 -22.28 14.43
CA THR E 219 15.95 -22.38 15.08
C THR E 219 17.08 -22.75 14.11
N PHE E 220 16.72 -23.10 12.87
CA PHE E 220 17.75 -23.45 11.89
C PHE E 220 18.56 -22.21 11.54
N ASN E 221 18.01 -21.03 11.83
CA ASN E 221 18.70 -19.77 11.57
C ASN E 221 20.07 -19.77 12.29
N VAL E 222 20.17 -20.50 13.40
CA VAL E 222 21.43 -20.59 14.15
C VAL E 222 21.91 -22.02 14.35
N ASN E 223 20.99 -22.98 14.27
CA ASN E 223 21.30 -24.37 14.50
C ASN E 223 21.19 -25.22 13.23
N GLY E 224 21.29 -24.57 12.08
CA GLY E 224 21.18 -25.27 10.82
C GLY E 224 22.06 -26.50 10.60
N VAL E 225 23.31 -26.46 11.09
CA VAL E 225 24.20 -27.61 10.91
C VAL E 225 23.69 -28.84 11.66
N ARG E 226 23.42 -28.68 12.95
CA ARG E 226 22.90 -29.80 13.74
C ARG E 226 21.62 -30.35 13.13
N ALA E 227 20.69 -29.46 12.78
CA ALA E 227 19.42 -29.87 12.20
C ALA E 227 19.66 -30.75 10.99
N ARG E 228 20.60 -30.36 10.14
CA ARG E 228 20.92 -31.15 8.96
C ARG E 228 21.46 -32.52 9.39
N GLN E 229 22.25 -32.52 10.47
CA GLN E 229 22.84 -33.75 10.99
C GLN E 229 21.76 -34.72 11.46
N ILE E 230 20.82 -34.22 12.25
CA ILE E 230 19.74 -35.07 12.76
C ILE E 230 19.05 -35.71 11.57
N PHE E 231 18.80 -34.91 10.53
CA PHE E 231 18.13 -35.39 9.33
C PHE E 231 18.96 -36.41 8.53
N GLU E 232 20.21 -36.07 8.24
CA GLU E 232 21.04 -36.97 7.44
C GLU E 232 21.46 -38.23 8.20
N LEU E 233 21.71 -38.09 9.50
CA LEU E 233 22.08 -39.24 10.31
C LEU E 233 20.94 -40.25 10.32
N THR E 234 19.72 -39.75 10.47
CA THR E 234 18.54 -40.60 10.50
C THR E 234 18.37 -41.31 9.16
N LYS E 235 18.55 -40.56 8.08
CA LYS E 235 18.42 -41.14 6.74
C LYS E 235 19.50 -42.20 6.55
N ASN E 236 20.67 -42.02 7.16
CA ASN E 236 21.74 -43.01 7.05
C ASN E 236 21.54 -44.07 8.12
N GLU E 237 20.42 -43.99 8.83
CA GLU E 237 20.06 -44.93 9.88
C GLU E 237 21.02 -44.98 11.06
N LYS E 238 21.63 -43.83 11.36
CA LYS E 238 22.54 -43.70 12.50
C LYS E 238 21.68 -43.04 13.57
N ILE E 239 20.65 -43.76 14.01
CA ILE E 239 19.70 -43.26 15.01
C ILE E 239 20.29 -42.93 16.38
N SER E 240 21.25 -43.71 16.82
CA SER E 240 21.87 -43.47 18.12
C SER E 240 22.51 -42.08 18.14
N GLU E 241 23.31 -41.79 17.13
CA GLU E 241 23.98 -40.50 17.01
C GLU E 241 22.99 -39.35 16.76
N ALA E 242 21.91 -39.62 16.03
CA ALA E 242 20.92 -38.58 15.76
C ALA E 242 20.25 -38.14 17.06
N LEU E 243 19.92 -39.12 17.90
CA LEU E 243 19.27 -38.85 19.17
C LEU E 243 20.10 -37.92 20.02
N GLU E 244 21.40 -38.20 20.07
CA GLU E 244 22.31 -37.38 20.85
C GLU E 244 22.27 -35.95 20.32
N VAL E 245 22.25 -35.83 19.00
CA VAL E 245 22.20 -34.51 18.38
C VAL E 245 20.87 -33.83 18.65
N GLN E 246 19.80 -34.61 18.77
CA GLN E 246 18.48 -34.05 19.05
C GLN E 246 18.45 -33.63 20.51
N HIS E 247 19.20 -34.36 21.34
CA HIS E 247 19.26 -34.03 22.76
C HIS E 247 19.93 -32.68 22.92
N VAL E 248 21.14 -32.55 22.36
CA VAL E 248 21.87 -31.30 22.44
C VAL E 248 21.00 -30.18 21.89
N THR E 249 20.41 -30.44 20.72
CA THR E 249 19.55 -29.47 20.07
C THR E 249 18.38 -29.07 20.96
N ASN E 250 17.77 -30.04 21.64
CA ASN E 250 16.65 -29.73 22.50
C ASN E 250 17.05 -28.99 23.77
N ASP E 251 18.30 -29.14 24.21
CA ASP E 251 18.77 -28.40 25.37
C ASP E 251 18.79 -26.93 24.95
N LEU E 252 19.32 -26.69 23.76
CA LEU E 252 19.40 -25.35 23.19
C LEU E 252 18.02 -24.72 23.05
N ILE E 253 17.10 -25.44 22.42
CA ILE E 253 15.73 -24.96 22.22
C ILE E 253 15.05 -24.66 23.56
N THR E 254 15.20 -25.56 24.53
CA THR E 254 14.58 -25.37 25.84
C THR E 254 15.08 -24.04 26.41
N ASP E 255 16.38 -23.81 26.36
CA ASP E 255 16.96 -22.58 26.87
C ASP E 255 16.48 -21.37 26.06
N ILE E 256 16.41 -21.52 24.73
CA ILE E 256 15.95 -20.43 23.88
C ILE E 256 14.50 -20.09 24.22
N LEU E 257 13.65 -21.12 24.31
CA LEU E 257 12.25 -20.93 24.64
C LEU E 257 12.09 -20.24 25.99
N GLY E 258 12.86 -20.68 26.97
CA GLY E 258 12.79 -20.10 28.30
C GLY E 258 13.27 -18.66 28.37
N ASN E 259 14.08 -18.23 27.41
CA ASN E 259 14.61 -16.88 27.41
C ASN E 259 13.91 -15.94 26.41
N GLY E 260 12.97 -16.48 25.64
CA GLY E 260 12.28 -15.66 24.64
C GLY E 260 12.77 -16.07 23.26
N LEU E 261 12.06 -17.01 22.65
CA LEU E 261 12.37 -17.56 21.34
C LEU E 261 12.96 -16.61 20.27
N TYR E 262 12.13 -15.70 19.75
CA TYR E 262 12.60 -14.81 18.71
C TYR E 262 13.68 -13.82 19.16
N GLN E 263 13.54 -13.27 20.36
CA GLN E 263 14.57 -12.35 20.81
C GLN E 263 15.90 -13.08 20.98
N THR E 264 15.87 -14.27 21.58
CA THR E 264 17.10 -15.00 21.82
C THR E 264 17.80 -15.45 20.55
N ILE E 265 17.05 -15.93 19.56
CA ILE E 265 17.67 -16.35 18.31
C ILE E 265 18.37 -15.17 17.66
N LYS E 266 17.76 -13.99 17.74
CA LYS E 266 18.36 -12.79 17.17
C LYS E 266 19.60 -12.38 17.96
N LEU E 267 19.58 -12.59 19.26
CA LEU E 267 20.74 -12.24 20.09
C LEU E 267 21.90 -13.20 19.79
N LEU E 268 21.58 -14.45 19.48
CA LEU E 268 22.61 -15.43 19.16
C LEU E 268 23.26 -15.06 17.82
N LEU E 269 22.45 -14.55 16.91
CA LEU E 269 22.94 -14.13 15.60
C LEU E 269 23.81 -12.87 15.75
N GLU E 270 23.46 -12.03 16.73
CA GLU E 270 24.21 -10.81 17.02
C GLU E 270 25.62 -11.16 17.49
N GLU E 271 25.70 -12.19 18.35
CA GLU E 271 26.97 -12.66 18.88
C GLU E 271 27.93 -13.00 17.75
N GLN E 272 27.38 -13.51 16.65
CA GLN E 272 28.20 -13.89 15.51
C GLN E 272 28.37 -12.76 14.51
N GLY E 273 28.11 -11.53 14.95
CA GLY E 273 28.26 -10.40 14.06
C GLY E 273 27.11 -10.17 13.08
N VAL E 274 26.00 -10.87 13.27
CA VAL E 274 24.84 -10.68 12.40
C VAL E 274 23.86 -9.73 13.09
N GLU E 275 23.56 -8.61 12.46
CA GLU E 275 22.64 -7.61 13.02
C GLU E 275 21.18 -8.01 12.86
N ALA E 276 20.73 -8.98 13.64
CA ALA E 276 19.35 -9.44 13.56
C ALA E 276 18.38 -8.42 14.17
N GLY E 277 18.93 -7.46 14.91
CA GLY E 277 18.12 -6.43 15.52
C GLY E 277 17.02 -6.83 16.50
N TYR E 278 15.96 -6.02 16.54
CA TYR E 278 14.84 -6.23 17.45
C TYR E 278 13.67 -6.98 16.82
N CYS E 279 12.77 -7.42 17.67
CA CYS E 279 11.54 -8.08 17.23
C CYS E 279 10.49 -6.97 17.21
N ARG E 280 9.47 -7.16 16.38
CA ARG E 280 8.40 -6.18 16.27
C ARG E 280 7.53 -6.09 17.51
N GLN E 281 7.25 -4.87 17.96
CA GLN E 281 6.37 -4.70 19.11
C GLN E 281 5.03 -5.30 18.70
N PRO E 282 4.24 -5.81 19.66
CA PRO E 282 4.52 -5.85 21.09
C PRO E 282 5.45 -6.95 21.59
N MET E 283 6.24 -7.58 20.71
CA MET E 283 7.18 -8.59 21.17
C MET E 283 8.13 -7.77 22.05
N LYS E 284 8.27 -8.15 23.31
CA LYS E 284 9.10 -7.39 24.22
C LYS E 284 10.55 -7.26 23.75
N GLU E 285 11.16 -6.16 24.14
CA GLU E 285 12.55 -5.88 23.81
C GLU E 285 13.36 -6.67 24.83
N ALA E 286 14.49 -7.22 24.41
CA ALA E 286 15.32 -8.00 25.32
C ALA E 286 15.83 -7.19 26.51
N THR E 287 15.67 -7.76 27.71
CA THR E 287 16.12 -7.10 28.94
C THR E 287 17.60 -7.41 29.13
N ASP E 288 18.22 -6.77 30.11
CA ASP E 288 19.63 -7.01 30.37
C ASP E 288 19.81 -8.49 30.71
N GLU E 289 18.93 -9.00 31.56
CA GLU E 289 18.96 -10.39 31.98
C GLU E 289 18.92 -11.33 30.77
N MET E 290 18.02 -11.05 29.84
CA MET E 290 17.89 -11.86 28.63
C MET E 290 19.16 -11.77 27.80
N LYS E 291 19.71 -10.57 27.68
CA LYS E 291 20.93 -10.36 26.90
C LYS E 291 22.05 -11.17 27.55
N SER E 292 22.09 -11.12 28.88
CA SER E 292 23.08 -11.86 29.63
C SER E 292 22.90 -13.36 29.36
N ARG E 293 21.67 -13.84 29.54
CA ARG E 293 21.37 -15.25 29.31
C ARG E 293 21.74 -15.70 27.91
N ALA E 294 21.37 -14.90 26.92
CA ALA E 294 21.66 -15.22 25.53
C ALA E 294 23.16 -15.49 25.35
N LYS E 295 23.99 -14.77 26.09
CA LYS E 295 25.44 -14.97 26.00
C LYS E 295 25.87 -16.28 26.64
N GLU E 296 25.17 -16.68 27.69
CA GLU E 296 25.48 -17.95 28.35
C GLU E 296 25.08 -19.06 27.39
N ILE E 297 23.87 -18.96 26.84
CA ILE E 297 23.36 -19.96 25.90
C ILE E 297 24.34 -20.14 24.76
N TYR E 298 24.83 -19.02 24.22
CA TYR E 298 25.77 -19.05 23.12
C TYR E 298 27.09 -19.73 23.50
N ARG E 299 27.64 -19.35 24.65
CA ARG E 299 28.89 -19.91 25.11
C ARG E 299 28.74 -21.37 25.50
N LYS E 300 27.50 -21.82 25.56
CA LYS E 300 27.17 -23.19 25.94
C LYS E 300 26.97 -24.14 24.75
N TYR E 301 26.44 -23.63 23.64
CA TYR E 301 26.15 -24.47 22.49
C TYR E 301 26.88 -24.16 21.18
N PHE E 302 27.64 -23.07 21.15
CA PHE E 302 28.36 -22.67 19.95
C PHE E 302 29.86 -22.47 20.14
N THR F 13 -17.00 43.62 -51.74
CA THR F 13 -16.42 42.44 -52.46
C THR F 13 -16.30 41.25 -51.52
N ASP F 14 -16.65 40.05 -51.99
CA ASP F 14 -16.52 38.86 -51.17
C ASP F 14 -15.06 38.45 -51.26
N MET F 15 -14.41 38.34 -50.11
CA MET F 15 -13.00 38.02 -50.06
C MET F 15 -12.61 36.55 -49.95
N LYS F 16 -13.58 35.64 -49.99
CA LYS F 16 -13.26 34.22 -49.89
C LYS F 16 -12.47 33.74 -51.10
N GLY F 17 -11.71 32.66 -50.92
CA GLY F 17 -10.93 32.14 -52.02
C GLY F 17 -9.48 31.80 -51.70
N ILE F 18 -8.75 31.41 -52.74
CA ILE F 18 -7.34 31.06 -52.62
C ILE F 18 -6.47 32.28 -52.95
N TYR F 19 -5.65 32.71 -51.99
CA TYR F 19 -4.78 33.86 -52.20
C TYR F 19 -3.33 33.46 -52.10
N SER F 20 -2.50 34.00 -52.98
CA SER F 20 -1.08 33.72 -52.93
C SER F 20 -0.37 34.83 -52.17
N ALA F 21 0.45 34.45 -51.19
CA ALA F 21 1.23 35.45 -50.47
C ALA F 21 2.25 35.78 -51.55
N LEU F 22 2.10 36.94 -52.16
CA LEU F 22 2.95 37.37 -53.26
C LEU F 22 4.44 37.53 -52.98
N LEU F 23 5.23 36.83 -53.79
CA LEU F 23 6.69 36.88 -53.69
C LEU F 23 7.12 38.11 -54.49
N VAL F 24 8.27 38.68 -54.14
CA VAL F 24 8.79 39.85 -54.82
C VAL F 24 10.13 39.50 -55.45
N SER F 25 10.36 40.03 -56.65
CA SER F 25 11.61 39.77 -57.33
C SER F 25 12.61 40.86 -57.00
N PHE F 26 13.83 40.45 -56.67
CA PHE F 26 14.92 41.36 -56.33
C PHE F 26 16.12 41.03 -57.21
N ASP F 27 16.95 42.02 -57.50
CA ASP F 27 18.16 41.77 -58.29
C ASP F 27 19.29 41.40 -57.31
N LYS F 28 20.46 41.05 -57.84
CA LYS F 28 21.58 40.66 -57.00
C LYS F 28 21.93 41.65 -55.90
N GLU F 29 21.73 42.93 -56.17
CA GLU F 29 22.05 43.97 -55.19
C GLU F 29 20.96 44.14 -54.12
N GLY F 30 19.75 43.68 -54.42
CA GLY F 30 18.66 43.80 -53.47
C GLY F 30 17.57 44.76 -53.95
N ASN F 31 17.75 45.34 -55.13
CA ASN F 31 16.76 46.27 -55.68
C ASN F 31 15.55 45.50 -56.18
N ILE F 32 14.37 46.11 -56.05
CA ILE F 32 13.16 45.49 -56.54
C ILE F 32 13.30 45.35 -58.06
N ASN F 33 13.06 44.14 -58.57
CA ASN F 33 13.13 43.91 -60.01
C ASN F 33 11.68 43.99 -60.50
N GLU F 34 11.26 45.19 -60.87
CA GLU F 34 9.90 45.43 -61.32
C GLU F 34 9.41 44.53 -62.44
N LYS F 35 10.28 44.23 -63.40
CA LYS F 35 9.90 43.39 -64.52
C LYS F 35 9.55 42.00 -63.99
N GLY F 36 10.48 41.41 -63.26
CA GLY F 36 10.27 40.09 -62.69
C GLY F 36 9.08 40.01 -61.76
N LEU F 37 8.76 41.12 -61.08
CA LEU F 37 7.64 41.14 -60.15
C LEU F 37 6.34 41.02 -60.93
N ARG F 38 6.26 41.71 -62.06
CA ARG F 38 5.08 41.65 -62.89
C ARG F 38 4.89 40.26 -63.48
N GLN F 39 6.00 39.55 -63.72
CA GLN F 39 5.92 38.21 -64.25
C GLN F 39 5.43 37.24 -63.18
N ILE F 40 5.81 37.50 -61.92
CA ILE F 40 5.35 36.65 -60.82
C ILE F 40 3.84 36.81 -60.70
N ILE F 41 3.38 38.05 -60.80
CA ILE F 41 1.96 38.35 -60.70
C ILE F 41 1.17 37.69 -61.84
N ARG F 42 1.62 37.90 -63.07
CA ARG F 42 0.98 37.31 -64.23
C ARG F 42 0.92 35.79 -64.09
N HIS F 43 2.01 35.19 -63.59
CA HIS F 43 2.07 33.74 -63.41
C HIS F 43 1.00 33.27 -62.43
N ASN F 44 0.89 33.94 -61.29
CA ASN F 44 -0.09 33.60 -60.26
C ASN F 44 -1.51 33.66 -60.81
N ILE F 45 -1.78 34.68 -61.63
CA ILE F 45 -3.10 34.85 -62.21
C ILE F 45 -3.37 33.91 -63.39
N ASP F 46 -2.44 33.87 -64.34
CA ASP F 46 -2.59 33.05 -65.53
C ASP F 46 -2.31 31.56 -65.36
N VAL F 47 -1.24 31.21 -64.65
CA VAL F 47 -0.89 29.81 -64.48
C VAL F 47 -1.44 29.16 -63.21
N CYS F 48 -1.26 29.82 -62.08
CA CYS F 48 -1.72 29.29 -60.80
C CYS F 48 -3.23 29.46 -60.58
N LYS F 49 -3.84 30.30 -61.40
CA LYS F 49 -5.29 30.54 -61.34
C LYS F 49 -5.84 30.94 -59.97
N VAL F 50 -5.04 31.61 -59.15
CA VAL F 50 -5.52 32.01 -57.82
C VAL F 50 -6.66 33.03 -57.87
N ASP F 51 -7.39 33.15 -56.77
CA ASP F 51 -8.50 34.09 -56.71
C ASP F 51 -8.03 35.49 -56.38
N GLY F 52 -6.87 35.58 -55.72
CA GLY F 52 -6.35 36.89 -55.36
C GLY F 52 -4.91 36.88 -54.90
N LEU F 53 -4.40 38.07 -54.60
CA LEU F 53 -3.03 38.22 -54.14
C LEU F 53 -2.98 38.91 -52.77
N TYR F 54 -2.21 38.32 -51.86
CA TYR F 54 -2.02 38.87 -50.52
C TYR F 54 -0.68 39.57 -50.65
N VAL F 55 -0.71 40.90 -50.76
CA VAL F 55 0.50 41.68 -50.95
C VAL F 55 1.13 42.29 -49.70
N GLY F 56 2.45 42.16 -49.60
CA GLY F 56 3.16 42.72 -48.46
C GLY F 56 3.25 41.85 -47.23
N GLY F 57 3.09 40.55 -47.39
CA GLY F 57 3.16 39.65 -46.25
C GLY F 57 4.60 39.22 -45.98
N SER F 58 4.76 38.26 -45.07
CA SER F 58 6.10 37.76 -44.73
C SER F 58 6.77 37.18 -45.98
N THR F 59 6.01 36.43 -46.75
CA THR F 59 6.51 35.81 -47.97
C THR F 59 7.07 36.87 -48.93
N GLY F 60 6.52 38.08 -48.86
CA GLY F 60 6.97 39.15 -49.74
C GLY F 60 8.22 39.84 -49.20
N GLU F 61 8.78 39.29 -48.13
CA GLU F 61 9.98 39.86 -47.51
C GLU F 61 9.69 41.30 -47.10
N ASN F 62 8.41 41.57 -46.88
CA ASN F 62 7.92 42.89 -46.50
C ASN F 62 8.70 43.57 -45.38
N PHE F 63 8.98 42.85 -44.29
CA PHE F 63 9.67 43.46 -43.17
C PHE F 63 11.14 43.79 -43.32
N MET F 64 11.74 43.43 -44.46
CA MET F 64 13.14 43.76 -44.70
C MET F 64 13.23 44.93 -45.67
N LEU F 65 12.09 45.57 -45.92
CA LEU F 65 12.00 46.68 -46.86
C LEU F 65 11.65 48.01 -46.20
N SER F 66 11.87 49.10 -46.94
CA SER F 66 11.55 50.44 -46.47
C SER F 66 10.11 50.74 -46.86
N THR F 67 9.51 51.75 -46.25
CA THR F 67 8.14 52.12 -46.55
C THR F 67 7.94 52.44 -48.03
N ASP F 68 8.89 53.16 -48.61
CA ASP F 68 8.79 53.50 -50.03
C ASP F 68 8.81 52.27 -50.93
N GLU F 69 9.59 51.26 -50.56
CA GLU F 69 9.65 50.04 -51.36
C GLU F 69 8.32 49.28 -51.22
N LYS F 70 7.75 49.29 -50.03
CA LYS F 70 6.47 48.62 -49.80
C LYS F 70 5.40 49.27 -50.69
N LYS F 71 5.39 50.60 -50.71
CA LYS F 71 4.43 51.33 -51.53
C LYS F 71 4.62 51.01 -53.01
N ARG F 72 5.88 50.98 -53.44
CA ARG F 72 6.18 50.69 -54.83
C ARG F 72 5.60 49.32 -55.22
N ILE F 73 5.81 48.33 -54.37
CA ILE F 73 5.30 46.99 -54.62
C ILE F 73 3.77 47.04 -54.67
N PHE F 74 3.15 47.79 -53.77
CA PHE F 74 1.70 47.90 -53.77
C PHE F 74 1.23 48.51 -55.08
N GLU F 75 1.93 49.53 -55.56
CA GLU F 75 1.57 50.20 -56.81
C GLU F 75 1.67 49.22 -57.97
N ILE F 76 2.82 48.55 -58.08
CA ILE F 76 3.04 47.61 -59.15
C ILE F 76 1.97 46.53 -59.18
N ALA F 77 1.72 45.91 -58.04
CA ALA F 77 0.73 44.84 -57.94
C ALA F 77 -0.67 45.28 -58.39
N LYS F 78 -1.09 46.47 -57.96
CA LYS F 78 -2.39 46.99 -58.33
C LYS F 78 -2.46 47.30 -59.83
N ASP F 79 -1.38 47.88 -60.36
CA ASP F 79 -1.31 48.23 -61.76
C ASP F 79 -1.32 47.01 -62.67
N GLU F 80 -0.62 45.95 -62.27
CA GLU F 80 -0.52 44.72 -63.05
C GLU F 80 -1.76 43.85 -62.95
N VAL F 81 -2.40 43.86 -61.78
CA VAL F 81 -3.59 43.06 -61.56
C VAL F 81 -4.83 43.77 -62.12
N LYS F 82 -4.87 45.09 -61.98
CA LYS F 82 -5.99 45.88 -62.46
C LYS F 82 -7.24 45.51 -61.64
N GLU F 83 -8.15 44.76 -62.26
CA GLU F 83 -9.36 44.33 -61.58
C GLU F 83 -9.63 42.86 -61.82
N GLU F 84 -8.61 42.13 -62.26
CA GLU F 84 -8.74 40.69 -62.53
C GLU F 84 -9.06 39.89 -61.28
N ILE F 85 -8.18 39.95 -60.29
CA ILE F 85 -8.40 39.22 -59.06
C ILE F 85 -8.43 40.15 -57.86
N LYS F 86 -8.78 39.60 -56.71
CA LYS F 86 -8.85 40.39 -55.49
C LYS F 86 -7.47 40.69 -54.95
N LEU F 87 -7.36 41.79 -54.20
CA LEU F 87 -6.11 42.20 -53.60
C LEU F 87 -6.27 42.57 -52.13
N ILE F 88 -5.46 41.94 -51.29
CA ILE F 88 -5.45 42.23 -49.86
C ILE F 88 -4.07 42.81 -49.59
N ALA F 89 -4.02 43.89 -48.83
CA ALA F 89 -2.74 44.52 -48.52
C ALA F 89 -2.38 44.43 -47.04
N GLN F 90 -1.28 43.74 -46.75
CA GLN F 90 -0.77 43.58 -45.38
C GLN F 90 0.01 44.85 -45.07
N VAL F 91 -0.50 45.67 -44.15
CA VAL F 91 0.14 46.94 -43.81
C VAL F 91 0.63 47.01 -42.36
N GLY F 92 0.56 45.90 -41.65
CA GLY F 92 0.99 45.86 -40.26
C GLY F 92 2.46 46.24 -40.09
N SER F 93 2.80 46.69 -38.89
CA SER F 93 4.17 47.10 -38.58
C SER F 93 4.32 47.46 -37.12
N VAL F 94 5.55 47.38 -36.62
CA VAL F 94 5.84 47.72 -35.23
C VAL F 94 5.65 49.23 -35.09
N ASN F 95 5.71 49.93 -36.22
CA ASN F 95 5.52 51.37 -36.25
C ASN F 95 4.06 51.65 -36.62
N LEU F 96 3.22 51.89 -35.62
CA LEU F 96 1.81 52.16 -35.86
C LEU F 96 1.62 53.22 -36.93
N LYS F 97 2.43 54.28 -36.86
CA LYS F 97 2.32 55.36 -37.83
C LYS F 97 2.50 54.86 -39.26
N GLU F 98 3.48 53.98 -39.46
CA GLU F 98 3.72 53.44 -40.79
C GLU F 98 2.53 52.60 -41.25
N ALA F 99 1.98 51.79 -40.34
CA ALA F 99 0.85 50.94 -40.68
C ALA F 99 -0.35 51.79 -41.13
N VAL F 100 -0.61 52.87 -40.40
CA VAL F 100 -1.71 53.75 -40.74
C VAL F 100 -1.49 54.35 -42.13
N GLU F 101 -0.25 54.79 -42.36
CA GLU F 101 0.14 55.39 -43.62
C GLU F 101 -0.11 54.43 -44.79
N LEU F 102 0.34 53.19 -44.63
CA LEU F 102 0.18 52.16 -45.65
C LEU F 102 -1.30 51.79 -45.81
N ALA F 103 -2.06 51.84 -44.73
CA ALA F 103 -3.48 51.52 -44.79
C ALA F 103 -4.19 52.53 -45.71
N LYS F 104 -3.85 53.80 -45.56
CA LYS F 104 -4.44 54.85 -46.38
C LYS F 104 -3.98 54.72 -47.83
N PHE F 105 -2.68 54.51 -48.00
CA PHE F 105 -2.08 54.37 -49.32
C PHE F 105 -2.72 53.26 -50.16
N THR F 106 -2.81 52.06 -49.58
CA THR F 106 -3.39 50.92 -50.27
C THR F 106 -4.90 51.08 -50.47
N THR F 107 -5.57 51.71 -49.51
CA THR F 107 -7.00 51.93 -49.64
C THR F 107 -7.23 52.85 -50.83
N ASP F 108 -6.46 53.94 -50.88
CA ASP F 108 -6.54 54.91 -51.98
C ASP F 108 -6.24 54.22 -53.31
N LEU F 109 -5.38 53.22 -53.30
CA LEU F 109 -5.04 52.50 -54.53
C LEU F 109 -6.18 51.58 -54.93
N GLY F 110 -7.14 51.40 -54.03
CA GLY F 110 -8.28 50.55 -54.32
C GLY F 110 -8.12 49.09 -53.94
N TYR F 111 -7.29 48.80 -52.95
CA TYR F 111 -7.12 47.43 -52.51
C TYR F 111 -8.44 46.98 -51.89
N ASP F 112 -8.87 45.77 -52.25
CA ASP F 112 -10.13 45.22 -51.77
C ASP F 112 -10.23 45.04 -50.26
N ALA F 113 -9.07 44.98 -49.58
CA ALA F 113 -9.06 44.83 -48.13
C ALA F 113 -7.62 44.95 -47.61
N ILE F 114 -7.48 45.17 -46.31
CA ILE F 114 -6.15 45.26 -45.74
C ILE F 114 -5.99 44.25 -44.62
N SER F 115 -4.74 43.96 -44.29
CA SER F 115 -4.42 43.00 -43.25
C SER F 115 -3.28 43.56 -42.40
N ALA F 116 -3.25 43.17 -41.13
CA ALA F 116 -2.21 43.65 -40.24
C ALA F 116 -1.75 42.61 -39.24
N VAL F 117 -0.46 42.31 -39.27
CA VAL F 117 0.14 41.37 -38.34
C VAL F 117 0.07 42.01 -36.95
N THR F 118 0.05 41.19 -35.91
CA THR F 118 0.03 41.70 -34.55
C THR F 118 1.33 42.46 -34.31
N PRO F 119 1.27 43.56 -33.53
CA PRO F 119 2.52 44.29 -33.30
C PRO F 119 3.48 43.39 -32.53
N PHE F 120 4.71 43.23 -33.03
CA PHE F 120 5.69 42.35 -32.40
C PHE F 120 6.92 43.04 -31.81
N TYR F 121 7.93 42.23 -31.49
CA TYR F 121 9.19 42.69 -30.89
C TYR F 121 8.97 43.11 -29.44
N TYR F 122 8.18 44.16 -29.22
CA TYR F 122 7.87 44.60 -27.86
C TYR F 122 6.74 43.71 -27.36
N LYS F 123 6.59 43.60 -26.05
CA LYS F 123 5.53 42.77 -25.48
C LYS F 123 4.29 43.58 -25.15
N PHE F 124 3.45 43.84 -26.14
CA PHE F 124 2.22 44.61 -25.93
C PHE F 124 1.16 43.74 -25.29
N ASP F 125 0.37 44.31 -24.38
CA ASP F 125 -0.70 43.53 -23.76
C ASP F 125 -1.89 43.55 -24.71
N PHE F 126 -2.99 42.91 -24.35
CA PHE F 126 -4.11 42.92 -25.27
C PHE F 126 -4.73 44.28 -25.50
N GLU F 127 -4.97 45.05 -24.44
CA GLU F 127 -5.55 46.37 -24.58
C GLU F 127 -4.85 47.15 -25.69
N GLU F 128 -3.52 47.09 -25.67
CA GLU F 128 -2.70 47.81 -26.64
C GLU F 128 -2.80 47.24 -28.07
N ILE F 129 -2.99 45.93 -28.19
CA ILE F 129 -3.11 45.29 -29.50
C ILE F 129 -4.45 45.71 -30.10
N LYS F 130 -5.46 45.81 -29.23
CA LYS F 130 -6.80 46.22 -29.63
C LYS F 130 -6.73 47.65 -30.15
N HIS F 131 -6.00 48.50 -29.45
CA HIS F 131 -5.84 49.90 -29.83
C HIS F 131 -5.19 49.97 -31.21
N TYR F 132 -4.12 49.20 -31.37
CA TYR F 132 -3.36 49.14 -32.62
C TYR F 132 -4.26 48.79 -33.81
N TYR F 133 -5.07 47.75 -33.68
CA TYR F 133 -5.97 47.35 -34.74
C TYR F 133 -7.07 48.37 -35.01
N ASN F 134 -7.62 48.96 -33.95
CA ASN F 134 -8.68 49.96 -34.11
C ASN F 134 -8.16 51.21 -34.81
N THR F 135 -6.97 51.64 -34.42
CA THR F 135 -6.34 52.81 -35.00
C THR F 135 -6.15 52.63 -36.51
N ILE F 136 -5.67 51.47 -36.90
CA ILE F 136 -5.45 51.19 -38.31
C ILE F 136 -6.74 51.21 -39.12
N ILE F 137 -7.70 50.38 -38.72
CA ILE F 137 -8.94 50.29 -39.46
C ILE F 137 -9.87 51.49 -39.32
N ASN F 138 -9.79 52.22 -38.20
CA ASN F 138 -10.67 53.39 -38.05
C ASN F 138 -10.13 54.55 -38.88
N SER F 139 -8.92 54.40 -39.41
CA SER F 139 -8.29 55.45 -40.20
C SER F 139 -8.64 55.42 -41.68
N VAL F 140 -9.23 54.33 -42.15
CA VAL F 140 -9.56 54.22 -43.57
C VAL F 140 -10.96 53.65 -43.79
N ASP F 141 -11.45 53.81 -45.01
CA ASP F 141 -12.76 53.28 -45.38
C ASP F 141 -12.46 51.98 -46.11
N ASN F 142 -12.17 50.94 -45.34
CA ASN F 142 -11.85 49.64 -45.90
C ASN F 142 -12.22 48.59 -44.87
N ARG F 143 -11.78 47.35 -45.10
CA ARG F 143 -12.06 46.26 -44.19
C ARG F 143 -10.75 45.62 -43.78
N LEU F 144 -10.69 45.12 -42.55
CA LEU F 144 -9.45 44.56 -42.04
C LEU F 144 -9.46 43.09 -41.64
N ILE F 145 -8.36 42.43 -41.94
CA ILE F 145 -8.16 41.02 -41.61
C ILE F 145 -6.98 40.89 -40.65
N ILE F 146 -7.25 40.35 -39.45
CA ILE F 146 -6.23 40.15 -38.45
C ILE F 146 -5.23 39.10 -38.94
N TYR F 147 -3.95 39.34 -38.70
CA TYR F 147 -2.90 38.39 -39.11
C TYR F 147 -2.23 37.89 -37.83
N SER F 148 -2.60 36.68 -37.41
CA SER F 148 -2.09 36.08 -36.18
C SER F 148 -0.65 35.54 -36.16
N ILE F 149 -0.37 34.54 -36.98
CA ILE F 149 0.97 33.93 -37.05
C ILE F 149 1.83 34.04 -35.78
N PRO F 150 1.54 33.22 -34.76
CA PRO F 150 2.31 33.25 -33.50
C PRO F 150 3.67 32.56 -33.63
N PHE F 151 3.87 31.85 -34.74
CA PHE F 151 5.12 31.14 -34.98
C PHE F 151 6.32 32.08 -35.05
N LEU F 152 6.10 33.26 -35.61
CA LEU F 152 7.16 34.25 -35.76
C LEU F 152 7.01 35.45 -34.82
N THR F 153 5.81 35.65 -34.29
CA THR F 153 5.54 36.78 -33.40
C THR F 153 5.64 36.41 -31.92
N GLY F 154 5.03 35.28 -31.56
CA GLY F 154 5.04 34.85 -30.17
C GLY F 154 3.80 35.38 -29.47
N VAL F 155 2.90 35.97 -30.24
CA VAL F 155 1.66 36.52 -29.71
C VAL F 155 0.50 35.53 -29.85
N ASP F 156 0.05 34.98 -28.72
CA ASP F 156 -1.05 34.04 -28.72
C ASP F 156 -2.32 34.66 -28.15
N MET F 157 -3.32 34.85 -28.99
CA MET F 157 -4.57 35.43 -28.55
C MET F 157 -5.62 34.36 -28.33
N SER F 158 -6.47 34.58 -27.33
CA SER F 158 -7.53 33.63 -26.98
C SER F 158 -8.80 33.91 -27.78
N LEU F 159 -9.78 33.02 -27.61
CA LEU F 159 -11.06 33.16 -28.28
C LEU F 159 -11.77 34.45 -27.87
N ASP F 160 -11.71 34.77 -26.58
CA ASP F 160 -12.36 35.96 -26.05
C ASP F 160 -11.72 37.25 -26.55
N GLN F 161 -10.40 37.22 -26.77
CA GLN F 161 -9.70 38.40 -27.25
C GLN F 161 -10.05 38.63 -28.73
N PHE F 162 -10.18 37.55 -29.49
CA PHE F 162 -10.56 37.67 -30.89
C PHE F 162 -11.99 38.20 -30.89
N GLY F 163 -12.70 37.93 -29.80
CA GLY F 163 -14.07 38.40 -29.68
C GLY F 163 -14.12 39.91 -29.60
N GLU F 164 -13.26 40.49 -28.78
CA GLU F 164 -13.24 41.95 -28.64
C GLU F 164 -12.81 42.60 -29.94
N LEU F 165 -11.84 41.99 -30.61
CA LEU F 165 -11.36 42.54 -31.87
C LEU F 165 -12.52 42.56 -32.86
N PHE F 166 -13.26 41.46 -32.94
CA PHE F 166 -14.39 41.37 -33.85
C PHE F 166 -15.57 42.25 -33.47
N GLU F 167 -15.41 43.01 -32.39
CA GLU F 167 -16.47 43.93 -31.98
C GLU F 167 -16.65 44.93 -33.10
N ASN F 168 -15.52 45.30 -33.72
CA ASN F 168 -15.50 46.26 -34.83
C ASN F 168 -16.01 45.60 -36.11
N GLU F 169 -17.10 46.11 -36.66
CA GLU F 169 -17.69 45.56 -37.89
C GLU F 169 -16.73 45.61 -39.07
N LYS F 170 -15.80 46.57 -39.05
CA LYS F 170 -14.84 46.71 -40.14
C LYS F 170 -13.73 45.66 -40.08
N ILE F 171 -13.63 44.93 -38.98
CA ILE F 171 -12.65 43.87 -38.86
C ILE F 171 -13.44 42.62 -39.28
N ILE F 172 -13.30 42.26 -40.55
CA ILE F 172 -14.05 41.17 -41.14
C ILE F 172 -13.52 39.74 -41.02
N GLY F 173 -12.27 39.57 -40.62
CA GLY F 173 -11.76 38.22 -40.53
C GLY F 173 -10.38 38.10 -39.92
N VAL F 174 -9.82 36.91 -40.02
CA VAL F 174 -8.51 36.64 -39.46
C VAL F 174 -7.77 35.60 -40.30
N LYS F 175 -6.47 35.80 -40.44
CA LYS F 175 -5.63 34.85 -41.16
C LYS F 175 -5.02 34.01 -40.04
N PHE F 176 -5.44 32.75 -39.99
CA PHE F 176 -4.98 31.83 -38.97
C PHE F 176 -3.74 31.06 -39.44
N THR F 177 -2.61 31.31 -38.79
CA THR F 177 -1.37 30.63 -39.15
C THR F 177 -0.73 29.95 -37.95
N ALA F 178 -1.52 29.15 -37.25
CA ALA F 178 -1.08 28.41 -36.07
C ALA F 178 -1.56 26.97 -36.25
N ALA F 179 -1.06 26.06 -35.42
CA ALA F 179 -1.46 24.68 -35.53
C ALA F 179 -2.55 24.31 -34.55
N ASP F 180 -3.13 25.32 -33.88
CA ASP F 180 -4.18 25.05 -32.91
C ASP F 180 -5.53 24.89 -33.60
N PHE F 181 -5.83 23.66 -34.00
CA PHE F 181 -7.10 23.39 -34.66
C PHE F 181 -8.27 23.46 -33.69
N TYR F 182 -7.97 23.41 -32.40
CA TYR F 182 -9.01 23.52 -31.38
C TYR F 182 -9.52 24.96 -31.46
N LEU F 183 -8.59 25.92 -31.37
CA LEU F 183 -8.94 27.33 -31.46
C LEU F 183 -9.65 27.62 -32.79
N LEU F 184 -9.18 26.96 -33.85
CA LEU F 184 -9.76 27.15 -35.17
C LEU F 184 -11.22 26.74 -35.20
N GLU F 185 -11.51 25.57 -34.63
CA GLU F 185 -12.87 25.04 -34.56
C GLU F 185 -13.75 25.97 -33.72
N ARG F 186 -13.22 26.44 -32.59
CA ARG F 186 -13.96 27.35 -31.72
C ARG F 186 -14.26 28.64 -32.48
N MET F 187 -13.27 29.12 -33.24
CA MET F 187 -13.40 30.34 -34.02
C MET F 187 -14.52 30.23 -35.06
N ARG F 188 -14.48 29.15 -35.84
CA ARG F 188 -15.48 28.91 -36.87
C ARG F 188 -16.87 28.92 -36.26
N LYS F 189 -17.03 28.20 -35.17
CA LYS F 189 -18.31 28.08 -34.49
C LYS F 189 -18.77 29.37 -33.84
N THR F 190 -17.84 30.08 -33.18
CA THR F 190 -18.17 31.31 -32.47
C THR F 190 -18.39 32.53 -33.34
N PHE F 191 -17.70 32.59 -34.47
CA PHE F 191 -17.82 33.74 -35.36
C PHE F 191 -18.22 33.31 -36.77
N PRO F 192 -19.45 32.80 -36.91
CA PRO F 192 -19.98 32.34 -38.20
C PRO F 192 -20.02 33.43 -39.28
N ASN F 193 -20.08 34.68 -38.84
CA ASN F 193 -20.14 35.81 -39.76
C ASN F 193 -18.77 36.32 -40.21
N LYS F 194 -17.70 35.81 -39.59
CA LYS F 194 -16.36 36.27 -39.95
C LYS F 194 -15.62 35.36 -40.93
N LEU F 195 -14.64 35.93 -41.61
CA LEU F 195 -13.83 35.20 -42.57
C LEU F 195 -12.61 34.59 -41.87
N ILE F 196 -12.33 33.33 -42.17
CA ILE F 196 -11.17 32.68 -41.58
C ILE F 196 -10.32 32.10 -42.70
N PHE F 197 -9.05 32.52 -42.75
CA PHE F 197 -8.14 32.04 -43.78
C PHE F 197 -7.09 31.10 -43.21
N ALA F 198 -6.93 29.93 -43.84
CA ALA F 198 -5.92 28.98 -43.39
C ALA F 198 -4.57 29.56 -43.80
N GLY F 199 -3.60 29.46 -42.90
CA GLY F 199 -2.27 29.99 -43.18
C GLY F 199 -1.18 28.97 -43.42
N PHE F 200 -1.42 27.70 -43.06
CA PHE F 200 -0.43 26.65 -43.26
C PHE F 200 -0.73 25.75 -44.45
N ASP F 201 -0.04 26.02 -45.56
CA ASP F 201 -0.22 25.28 -46.80
C ASP F 201 -0.19 23.76 -46.63
N GLU F 202 0.73 23.26 -45.82
CA GLU F 202 0.83 21.82 -45.61
C GLU F 202 -0.25 21.21 -44.72
N MET F 203 -1.17 22.05 -44.25
CA MET F 203 -2.27 21.59 -43.40
C MET F 203 -3.61 22.10 -43.94
N MET F 204 -3.66 22.36 -45.24
CA MET F 204 -4.87 22.87 -45.87
C MET F 204 -6.08 21.94 -45.70
N LEU F 205 -5.84 20.64 -45.84
CA LEU F 205 -6.91 19.66 -45.71
C LEU F 205 -7.58 19.66 -44.32
N PRO F 206 -6.79 19.42 -43.27
CA PRO F 206 -7.40 19.42 -41.94
C PRO F 206 -8.05 20.74 -41.54
N ALA F 207 -7.52 21.85 -42.06
CA ALA F 207 -8.06 23.16 -41.73
C ALA F 207 -9.34 23.47 -42.49
N THR F 208 -9.42 23.00 -43.73
CA THR F 208 -10.60 23.25 -44.56
C THR F 208 -11.83 22.48 -44.08
N VAL F 209 -11.65 21.29 -43.52
CA VAL F 209 -12.80 20.53 -43.03
C VAL F 209 -13.40 21.24 -41.82
N LEU F 210 -12.64 22.16 -41.23
CA LEU F 210 -13.12 22.91 -40.07
C LEU F 210 -13.86 24.16 -40.52
N GLY F 211 -14.01 24.31 -41.84
CA GLY F 211 -14.76 25.42 -42.39
C GLY F 211 -14.10 26.74 -42.72
N VAL F 212 -12.79 26.77 -42.96
CA VAL F 212 -12.13 28.02 -43.31
C VAL F 212 -12.75 28.52 -44.62
N ASP F 213 -12.83 29.83 -44.76
CA ASP F 213 -13.42 30.46 -45.95
C ASP F 213 -12.43 30.64 -47.10
N GLY F 214 -11.24 30.06 -46.96
CA GLY F 214 -10.23 30.21 -47.98
C GLY F 214 -8.83 30.01 -47.43
N ALA F 215 -7.82 30.34 -48.22
CA ALA F 215 -6.44 30.18 -47.79
C ALA F 215 -5.48 31.20 -48.38
N ILE F 216 -4.42 31.48 -47.62
CA ILE F 216 -3.39 32.42 -48.01
C ILE F 216 -2.08 31.67 -47.84
N GLY F 217 -1.37 31.44 -48.94
CA GLY F 217 -0.14 30.67 -48.84
C GLY F 217 0.99 31.08 -49.76
N SER F 218 2.20 30.86 -49.29
CA SER F 218 3.39 31.21 -50.05
C SER F 218 3.64 30.25 -51.21
N THR F 219 3.42 28.95 -50.97
CA THR F 219 3.66 27.97 -52.02
C THR F 219 2.66 28.03 -53.16
N PHE F 220 1.62 28.85 -53.00
CA PHE F 220 0.61 28.99 -54.05
C PHE F 220 1.22 29.67 -55.27
N ASN F 221 2.35 30.35 -55.06
CA ASN F 221 3.05 31.04 -56.14
C ASN F 221 3.49 30.08 -57.24
N VAL F 222 3.54 28.80 -56.93
CA VAL F 222 3.95 27.80 -57.90
C VAL F 222 3.06 26.56 -57.83
N ASN F 223 2.29 26.43 -56.75
CA ASN F 223 1.45 25.25 -56.59
C ASN F 223 -0.04 25.58 -56.48
N GLY F 224 -0.43 26.73 -56.99
CA GLY F 224 -1.81 27.17 -56.94
C GLY F 224 -2.85 26.19 -57.48
N VAL F 225 -2.50 25.45 -58.52
CA VAL F 225 -3.44 24.49 -59.08
C VAL F 225 -3.75 23.40 -58.07
N ARG F 226 -2.72 22.76 -57.53
CA ARG F 226 -2.94 21.72 -56.54
C ARG F 226 -3.65 22.29 -55.30
N ALA F 227 -3.22 23.46 -54.86
CA ALA F 227 -3.81 24.10 -53.70
C ALA F 227 -5.32 24.21 -53.88
N ARG F 228 -5.75 24.66 -55.06
CA ARG F 228 -7.17 24.78 -55.34
C ARG F 228 -7.86 23.41 -55.30
N GLN F 229 -7.17 22.39 -55.79
CA GLN F 229 -7.72 21.04 -55.81
C GLN F 229 -8.00 20.56 -54.38
N ILE F 230 -7.03 20.71 -53.49
CA ILE F 230 -7.22 20.29 -52.12
C ILE F 230 -8.41 21.03 -51.53
N PHE F 231 -8.39 22.36 -51.63
CA PHE F 231 -9.47 23.19 -51.09
C PHE F 231 -10.87 22.83 -51.61
N GLU F 232 -10.99 22.74 -52.92
CA GLU F 232 -12.27 22.43 -53.54
C GLU F 232 -12.70 20.99 -53.34
N LEU F 233 -11.75 20.05 -53.38
CA LEU F 233 -12.08 18.66 -53.15
C LEU F 233 -12.60 18.49 -51.72
N THR F 234 -11.90 19.10 -50.78
CA THR F 234 -12.29 19.02 -49.37
C THR F 234 -13.66 19.64 -49.18
N LYS F 235 -13.88 20.78 -49.83
CA LYS F 235 -15.17 21.45 -49.75
C LYS F 235 -16.29 20.58 -50.32
N ASN F 236 -15.96 19.76 -51.30
CA ASN F 236 -16.96 18.86 -51.91
C ASN F 236 -17.01 17.58 -51.08
N GLU F 237 -16.17 17.52 -50.05
CA GLU F 237 -16.09 16.38 -49.14
C GLU F 237 -15.48 15.14 -49.77
N LYS F 238 -14.72 15.32 -50.85
CA LYS F 238 -14.06 14.18 -51.49
C LYS F 238 -12.70 14.08 -50.82
N ILE F 239 -12.73 13.70 -49.55
CA ILE F 239 -11.57 13.58 -48.69
C ILE F 239 -10.45 12.69 -49.18
N SER F 240 -10.76 11.45 -49.53
CA SER F 240 -9.73 10.53 -50.00
C SER F 240 -8.92 11.14 -51.14
N GLU F 241 -9.59 11.83 -52.06
CA GLU F 241 -8.89 12.46 -53.18
C GLU F 241 -8.08 13.66 -52.69
N ALA F 242 -8.71 14.46 -51.84
CA ALA F 242 -8.06 15.64 -51.27
C ALA F 242 -6.78 15.22 -50.56
N LEU F 243 -6.85 14.16 -49.77
CA LEU F 243 -5.68 13.68 -49.04
C LEU F 243 -4.55 13.27 -49.98
N GLU F 244 -4.89 12.68 -51.12
CA GLU F 244 -3.88 12.25 -52.08
C GLU F 244 -3.13 13.47 -52.61
N VAL F 245 -3.86 14.53 -52.93
CA VAL F 245 -3.23 15.74 -53.44
C VAL F 245 -2.43 16.42 -52.34
N GLN F 246 -2.90 16.33 -51.10
CA GLN F 246 -2.18 16.94 -49.98
C GLN F 246 -0.88 16.18 -49.77
N HIS F 247 -0.91 14.88 -50.02
CA HIS F 247 0.27 14.04 -49.88
C HIS F 247 1.37 14.45 -50.86
N VAL F 248 0.98 14.72 -52.10
CA VAL F 248 1.95 15.12 -53.12
C VAL F 248 2.39 16.55 -52.85
N THR F 249 1.44 17.39 -52.46
CA THR F 249 1.72 18.78 -52.14
C THR F 249 2.72 18.84 -50.99
N ASN F 250 2.53 18.00 -49.98
CA ASN F 250 3.44 18.00 -48.85
C ASN F 250 4.81 17.40 -49.19
N ASP F 251 4.89 16.60 -50.24
CA ASP F 251 6.18 16.06 -50.65
C ASP F 251 6.92 17.27 -51.21
N LEU F 252 6.18 18.06 -51.98
CA LEU F 252 6.71 19.26 -52.59
C LEU F 252 7.17 20.24 -51.52
N ILE F 253 6.27 20.58 -50.60
CA ILE F 253 6.61 21.51 -49.54
C ILE F 253 7.81 21.03 -48.73
N THR F 254 7.88 19.73 -48.47
CA THR F 254 8.98 19.18 -47.70
C THR F 254 10.32 19.38 -48.41
N ASP F 255 10.34 19.13 -49.72
CA ASP F 255 11.57 19.33 -50.49
C ASP F 255 11.92 20.82 -50.46
N ILE F 256 10.92 21.64 -50.70
CA ILE F 256 11.11 23.09 -50.72
C ILE F 256 11.76 23.56 -49.41
N LEU F 257 11.13 23.26 -48.28
CA LEU F 257 11.67 23.66 -46.97
C LEU F 257 13.09 23.14 -46.82
N GLY F 258 13.32 21.89 -47.21
CA GLY F 258 14.63 21.30 -47.09
C GLY F 258 15.70 22.02 -47.86
N ASN F 259 15.33 22.58 -49.02
CA ASN F 259 16.28 23.29 -49.87
C ASN F 259 16.32 24.82 -49.66
N GLY F 260 15.44 25.34 -48.81
CA GLY F 260 15.40 26.77 -48.57
C GLY F 260 14.09 27.29 -49.16
N LEU F 261 13.11 27.56 -48.29
CA LEU F 261 11.79 28.02 -48.70
C LEU F 261 11.71 29.10 -49.78
N TYR F 262 12.16 30.30 -49.44
CA TYR F 262 12.08 31.41 -50.39
C TYR F 262 12.92 31.29 -51.65
N GLN F 263 14.17 30.86 -51.50
CA GLN F 263 15.04 30.71 -52.65
C GLN F 263 14.44 29.71 -53.62
N THR F 264 14.06 28.54 -53.10
CA THR F 264 13.52 27.48 -53.95
C THR F 264 12.25 27.87 -54.69
N ILE F 265 11.32 28.55 -54.02
CA ILE F 265 10.10 28.94 -54.71
C ILE F 265 10.45 29.84 -55.90
N LYS F 266 11.38 30.77 -55.70
CA LYS F 266 11.79 31.66 -56.78
C LYS F 266 12.48 30.90 -57.90
N LEU F 267 13.37 29.97 -57.54
CA LEU F 267 14.07 29.16 -58.53
C LEU F 267 13.08 28.32 -59.33
N LEU F 268 12.04 27.80 -58.67
CA LEU F 268 11.04 27.00 -59.37
C LEU F 268 10.31 27.86 -60.40
N LEU F 269 10.18 29.14 -60.09
CA LEU F 269 9.53 30.08 -61.00
C LEU F 269 10.47 30.40 -62.16
N GLU F 270 11.77 30.45 -61.86
CA GLU F 270 12.78 30.72 -62.87
C GLU F 270 12.73 29.65 -63.96
N GLU F 271 12.69 28.39 -63.55
CA GLU F 271 12.63 27.27 -64.50
C GLU F 271 11.50 27.48 -65.50
N GLN F 272 10.53 28.31 -65.12
CA GLN F 272 9.39 28.58 -65.96
C GLN F 272 9.46 29.94 -66.63
N GLY F 273 10.66 30.50 -66.74
CA GLY F 273 10.83 31.78 -67.38
C GLY F 273 10.36 32.98 -66.57
N VAL F 274 10.08 32.78 -65.29
CA VAL F 274 9.65 33.88 -64.44
C VAL F 274 10.86 34.34 -63.64
N GLU F 275 11.35 35.53 -63.94
CA GLU F 275 12.50 36.10 -63.27
C GLU F 275 12.20 36.45 -61.81
N ALA F 276 12.02 35.42 -60.98
CA ALA F 276 11.73 35.61 -59.57
C ALA F 276 12.90 36.30 -58.87
N GLY F 277 14.11 36.05 -59.38
CA GLY F 277 15.30 36.67 -58.83
C GLY F 277 15.82 36.19 -57.50
N TYR F 278 16.57 37.06 -56.83
CA TYR F 278 17.18 36.77 -55.53
C TYR F 278 16.28 37.13 -54.36
N CYS F 279 16.75 36.75 -53.17
CA CYS F 279 16.07 37.07 -51.93
C CYS F 279 16.89 38.22 -51.35
N ARG F 280 16.25 39.04 -50.54
CA ARG F 280 16.91 40.17 -49.92
C ARG F 280 17.89 39.68 -48.85
N GLN F 281 19.08 40.27 -48.79
CA GLN F 281 20.05 39.89 -47.77
C GLN F 281 19.47 40.32 -46.42
N PRO F 282 19.88 39.68 -45.31
CA PRO F 282 20.83 38.58 -45.18
C PRO F 282 20.33 37.18 -45.53
N MET F 283 19.21 37.07 -46.23
CA MET F 283 18.76 35.74 -46.63
C MET F 283 19.81 35.31 -47.64
N LYS F 284 20.40 34.15 -47.45
CA LYS F 284 21.46 33.66 -48.34
C LYS F 284 21.09 33.45 -49.79
N GLU F 285 22.07 33.71 -50.64
CA GLU F 285 21.95 33.53 -52.08
C GLU F 285 21.97 32.03 -52.32
N ALA F 286 21.21 31.58 -53.31
CA ALA F 286 21.15 30.15 -53.64
C ALA F 286 22.50 29.61 -54.10
N THR F 287 22.90 28.48 -53.53
CA THR F 287 24.16 27.84 -53.90
C THR F 287 23.93 27.03 -55.18
N ASP F 288 25.01 26.49 -55.76
CA ASP F 288 24.87 25.67 -56.96
C ASP F 288 24.03 24.46 -56.59
N GLU F 289 24.40 23.82 -55.49
CA GLU F 289 23.69 22.63 -55.02
C GLU F 289 22.20 22.95 -54.91
N MET F 290 21.89 24.06 -54.25
CA MET F 290 20.50 24.47 -54.10
C MET F 290 19.84 24.59 -55.46
N LYS F 291 20.54 25.21 -56.41
CA LYS F 291 20.01 25.41 -57.75
C LYS F 291 19.76 24.12 -58.51
N SER F 292 20.66 23.14 -58.38
CA SER F 292 20.45 21.89 -59.08
C SER F 292 19.31 21.14 -58.41
N ARG F 293 19.29 21.17 -57.07
CA ARG F 293 18.24 20.53 -56.31
C ARG F 293 16.88 21.10 -56.71
N ALA F 294 16.85 22.40 -56.97
CA ALA F 294 15.61 23.07 -57.38
C ALA F 294 15.13 22.55 -58.73
N LYS F 295 16.07 22.25 -59.63
CA LYS F 295 15.70 21.73 -60.94
C LYS F 295 15.08 20.35 -60.78
N GLU F 296 15.68 19.53 -59.93
CA GLU F 296 15.17 18.19 -59.66
C GLU F 296 13.73 18.33 -59.18
N ILE F 297 13.55 19.09 -58.11
CA ILE F 297 12.22 19.33 -57.54
C ILE F 297 11.27 19.75 -58.65
N TYR F 298 11.74 20.61 -59.55
CA TYR F 298 10.90 21.07 -60.63
C TYR F 298 10.46 19.91 -61.53
N ARG F 299 11.42 19.06 -61.91
CA ARG F 299 11.13 17.92 -62.76
C ARG F 299 10.22 16.94 -62.04
N LYS F 300 10.48 16.75 -60.75
CA LYS F 300 9.70 15.84 -59.94
C LYS F 300 8.24 16.23 -59.70
N TYR F 301 7.92 17.51 -59.82
CA TYR F 301 6.54 17.92 -59.56
C TYR F 301 5.81 18.72 -60.63
N PHE F 302 6.54 19.25 -61.61
CA PHE F 302 5.90 20.04 -62.66
C PHE F 302 6.16 19.50 -64.08
N THR G 13 -43.96 -37.05 43.77
CA THR G 13 -43.29 -36.08 44.69
C THR G 13 -42.63 -34.95 43.90
N ASP G 14 -43.03 -33.71 44.19
CA ASP G 14 -42.46 -32.55 43.48
C ASP G 14 -41.01 -32.33 43.92
N MET G 15 -40.11 -32.27 42.93
CA MET G 15 -38.69 -32.14 43.21
C MET G 15 -38.04 -30.75 43.10
N LYS G 16 -38.83 -29.73 42.77
CA LYS G 16 -38.30 -28.37 42.65
C LYS G 16 -37.73 -27.90 43.99
N GLY G 17 -36.83 -26.92 43.98
CA GLY G 17 -36.28 -26.42 45.23
C GLY G 17 -34.78 -26.37 45.38
N ILE G 18 -34.33 -26.04 46.59
CA ILE G 18 -32.91 -25.97 46.91
C ILE G 18 -32.41 -27.25 47.54
N TYR G 19 -31.36 -27.82 46.96
CA TYR G 19 -30.79 -29.05 47.48
C TYR G 19 -29.31 -28.86 47.78
N SER G 20 -28.88 -29.38 48.91
CA SER G 20 -27.47 -29.31 49.29
C SER G 20 -26.84 -30.59 48.77
N ALA G 21 -25.67 -30.46 48.16
CA ALA G 21 -24.95 -31.64 47.68
C ALA G 21 -24.33 -32.04 49.00
N LEU G 22 -24.91 -33.05 49.63
CA LEU G 22 -24.49 -33.52 50.94
C LEU G 22 -23.02 -33.86 51.10
N LEU G 23 -22.39 -33.21 52.08
CA LEU G 23 -20.98 -33.45 52.39
C LEU G 23 -20.95 -34.65 53.32
N VAL G 24 -19.84 -35.38 53.30
CA VAL G 24 -19.69 -36.55 54.15
C VAL G 24 -18.55 -36.34 55.14
N SER G 25 -18.74 -36.81 56.36
CA SER G 25 -17.71 -36.66 57.37
C SER G 25 -16.80 -37.86 57.44
N PHE G 26 -15.49 -37.59 57.35
CA PHE G 26 -14.46 -38.63 57.45
C PHE G 26 -13.49 -38.16 58.53
N ASP G 27 -12.76 -39.09 59.13
CA ASP G 27 -11.78 -38.70 60.11
C ASP G 27 -10.46 -38.52 59.36
N LYS G 28 -9.40 -38.19 60.08
CA LYS G 28 -8.08 -37.97 59.49
C LYS G 28 -7.62 -39.09 58.56
N GLU G 29 -8.05 -40.33 58.83
CA GLU G 29 -7.65 -41.46 58.01
C GLU G 29 -8.67 -41.97 56.99
N GLY G 30 -9.69 -41.16 56.70
CA GLY G 30 -10.68 -41.53 55.70
C GLY G 30 -11.85 -42.37 56.15
N ASN G 31 -11.88 -42.74 57.43
CA ASN G 31 -12.99 -43.52 57.94
C ASN G 31 -14.26 -42.66 57.97
N ILE G 32 -15.39 -43.25 57.62
CA ILE G 32 -16.65 -42.53 57.65
C ILE G 32 -17.01 -42.26 59.10
N ASN G 33 -17.36 -41.01 59.41
CA ASN G 33 -17.72 -40.63 60.76
C ASN G 33 -19.24 -40.43 60.74
N GLU G 34 -19.98 -41.50 60.99
CA GLU G 34 -21.42 -41.43 60.96
C GLU G 34 -22.00 -40.37 61.90
N LYS G 35 -21.38 -40.18 63.06
CA LYS G 35 -21.87 -39.16 63.97
C LYS G 35 -21.80 -37.82 63.25
N GLY G 36 -20.65 -37.55 62.64
CA GLY G 36 -20.45 -36.30 61.93
C GLY G 36 -21.39 -36.12 60.77
N LEU G 37 -21.64 -37.21 60.03
CA LEU G 37 -22.53 -37.16 58.88
C LEU G 37 -23.94 -36.82 59.30
N ARG G 38 -24.43 -37.48 60.34
CA ARG G 38 -25.78 -37.19 60.83
C ARG G 38 -25.89 -35.73 61.26
N GLN G 39 -24.82 -35.16 61.80
CA GLN G 39 -24.84 -33.75 62.19
C GLN G 39 -24.92 -32.84 60.97
N ILE G 40 -24.15 -33.16 59.92
CA ILE G 40 -24.19 -32.35 58.71
C ILE G 40 -25.62 -32.36 58.19
N ILE G 41 -26.22 -33.54 58.16
CA ILE G 41 -27.59 -33.70 57.69
C ILE G 41 -28.56 -32.85 58.53
N ARG G 42 -28.46 -32.99 59.85
CA ARG G 42 -29.31 -32.23 60.75
C ARG G 42 -29.08 -30.74 60.55
N HIS G 43 -27.84 -30.35 60.29
CA HIS G 43 -27.55 -28.93 60.08
C HIS G 43 -28.28 -28.42 58.84
N ASN G 44 -28.19 -29.20 57.75
CA ASN G 44 -28.84 -28.83 56.50
C ASN G 44 -30.36 -28.71 56.64
N ILE G 45 -30.95 -29.61 57.41
CA ILE G 45 -32.39 -29.58 57.60
C ILE G 45 -32.90 -28.49 58.54
N ASP G 46 -32.35 -28.47 59.75
CA ASP G 46 -32.75 -27.55 60.80
C ASP G 46 -32.20 -26.12 60.75
N VAL G 47 -30.99 -25.95 60.26
CA VAL G 47 -30.36 -24.64 60.19
C VAL G 47 -30.36 -24.02 58.79
N CYS G 48 -29.94 -24.78 57.78
CA CYS G 48 -29.92 -24.26 56.42
C CYS G 48 -31.33 -24.30 55.83
N LYS G 49 -32.18 -25.13 56.43
CA LYS G 49 -33.58 -25.22 55.98
C LYS G 49 -33.73 -25.46 54.47
N VAL G 50 -32.97 -26.40 53.92
CA VAL G 50 -33.06 -26.67 52.48
C VAL G 50 -34.27 -27.56 52.19
N ASP G 51 -34.67 -27.59 50.93
CA ASP G 51 -35.80 -28.40 50.50
C ASP G 51 -35.49 -29.89 50.44
N GLY G 52 -34.21 -30.24 50.32
CA GLY G 52 -33.85 -31.63 50.22
C GLY G 52 -32.34 -31.84 50.10
N LEU G 53 -31.92 -33.10 50.07
CA LEU G 53 -30.50 -33.42 49.95
C LEU G 53 -30.18 -34.23 48.70
N TYR G 54 -29.05 -33.91 48.08
CA TYR G 54 -28.58 -34.59 46.88
C TYR G 54 -27.41 -35.41 47.39
N VAL G 55 -27.65 -36.70 47.56
CA VAL G 55 -26.69 -37.63 48.12
C VAL G 55 -25.91 -38.44 47.08
N GLY G 56 -24.61 -38.58 47.31
CA GLY G 56 -23.76 -39.33 46.41
C GLY G 56 -23.11 -38.52 45.30
N GLY G 57 -23.19 -37.19 45.41
CA GLY G 57 -22.60 -36.34 44.39
C GLY G 57 -21.10 -36.12 44.57
N SER G 58 -20.50 -35.33 43.69
CA SER G 58 -19.08 -35.03 43.77
C SER G 58 -18.76 -34.48 45.15
N THR G 59 -19.62 -33.58 45.63
CA THR G 59 -19.48 -32.94 46.94
C THR G 59 -19.36 -33.97 48.08
N GLY G 60 -20.09 -35.07 47.96
CA GLY G 60 -20.03 -36.11 48.97
C GLY G 60 -18.80 -36.98 48.77
N GLU G 61 -17.91 -36.55 47.90
CA GLU G 61 -16.68 -37.29 47.61
C GLU G 61 -17.01 -38.73 47.21
N ASN G 62 -18.17 -38.87 46.59
CA ASN G 62 -18.68 -40.16 46.14
C ASN G 62 -17.74 -41.10 45.38
N PHE G 63 -16.97 -40.57 44.45
CA PHE G 63 -16.10 -41.42 43.65
C PHE G 63 -14.80 -41.85 44.31
N MET G 64 -14.62 -41.44 45.57
CA MET G 64 -13.43 -41.82 46.31
C MET G 64 -13.81 -42.93 47.28
N LEU G 65 -15.07 -43.34 47.22
CA LEU G 65 -15.61 -44.38 48.09
C LEU G 65 -15.88 -45.71 47.42
N SER G 66 -16.02 -46.75 48.23
CA SER G 66 -16.33 -48.09 47.75
C SER G 66 -17.84 -48.22 47.66
N THR G 67 -18.31 -49.27 46.99
CA THR G 67 -19.74 -49.48 46.84
C THR G 67 -20.44 -49.66 48.19
N ASP G 68 -19.81 -50.41 49.09
CA ASP G 68 -20.37 -50.64 50.40
C ASP G 68 -20.47 -49.33 51.18
N GLU G 69 -19.53 -48.42 50.96
CA GLU G 69 -19.57 -47.14 51.66
C GLU G 69 -20.70 -46.25 51.15
N LYS G 70 -20.88 -46.25 49.83
CA LYS G 70 -21.94 -45.46 49.19
C LYS G 70 -23.29 -45.94 49.72
N LYS G 71 -23.46 -47.25 49.82
CA LYS G 71 -24.70 -47.82 50.32
C LYS G 71 -24.93 -47.37 51.77
N ARG G 72 -23.89 -47.47 52.58
CA ARG G 72 -24.00 -47.07 53.98
C ARG G 72 -24.42 -45.61 54.09
N ILE G 73 -23.79 -44.76 53.27
CA ILE G 73 -24.11 -43.33 53.31
C ILE G 73 -25.56 -43.10 52.92
N PHE G 74 -26.06 -43.81 51.91
CA PHE G 74 -27.44 -43.65 51.50
C PHE G 74 -28.38 -44.05 52.65
N GLU G 75 -28.07 -45.16 53.32
CA GLU G 75 -28.89 -45.65 54.44
C GLU G 75 -28.93 -44.64 55.58
N ILE G 76 -27.76 -44.12 55.93
CA ILE G 76 -27.67 -43.14 56.99
C ILE G 76 -28.46 -41.88 56.65
N ALA G 77 -28.28 -41.37 55.44
CA ALA G 77 -29.01 -40.17 55.02
C ALA G 77 -30.51 -40.36 55.17
N LYS G 78 -31.02 -41.47 54.64
CA LYS G 78 -32.45 -41.76 54.71
C LYS G 78 -32.93 -41.93 56.15
N ASP G 79 -32.12 -42.59 56.97
CA ASP G 79 -32.48 -42.83 58.35
C ASP G 79 -32.59 -41.53 59.15
N GLU G 80 -31.61 -40.65 58.99
CA GLU G 80 -31.59 -39.37 59.70
C GLU G 80 -32.64 -38.38 59.20
N VAL G 81 -32.87 -38.38 57.89
CA VAL G 81 -33.84 -37.49 57.27
C VAL G 81 -35.28 -37.91 57.52
N LYS G 82 -35.54 -39.21 57.40
CA LYS G 82 -36.89 -39.75 57.55
C LYS G 82 -37.66 -39.27 56.32
N GLU G 83 -38.73 -38.53 56.57
CA GLU G 83 -39.56 -37.97 55.50
C GLU G 83 -39.61 -36.46 55.68
N GLU G 84 -38.68 -35.90 56.45
CA GLU G 84 -38.67 -34.46 56.70
C GLU G 84 -38.37 -33.63 55.46
N ILE G 85 -37.48 -34.10 54.61
CA ILE G 85 -37.16 -33.38 53.38
C ILE G 85 -36.97 -34.37 52.24
N LYS G 86 -36.78 -33.85 51.03
CA LYS G 86 -36.62 -34.71 49.86
C LYS G 86 -35.20 -35.24 49.72
N LEU G 87 -35.08 -36.35 49.01
CA LEU G 87 -33.78 -36.96 48.79
C LEU G 87 -33.61 -37.44 47.36
N ILE G 88 -32.46 -37.09 46.79
CA ILE G 88 -32.11 -37.51 45.44
C ILE G 88 -30.81 -38.29 45.60
N ALA G 89 -30.74 -39.48 45.01
CA ALA G 89 -29.52 -40.26 45.11
C ALA G 89 -28.78 -40.30 43.78
N GLN G 90 -27.54 -39.85 43.81
CA GLN G 90 -26.68 -39.85 42.61
C GLN G 90 -26.18 -41.29 42.62
N VAL G 91 -26.49 -42.06 41.59
CA VAL G 91 -26.07 -43.46 41.52
C VAL G 91 -25.15 -43.77 40.34
N GLY G 92 -24.86 -42.75 39.55
CA GLY G 92 -24.00 -42.90 38.40
C GLY G 92 -22.63 -43.47 38.70
N SER G 93 -22.01 -44.04 37.67
CA SER G 93 -20.68 -44.65 37.80
C SER G 93 -20.17 -45.12 36.44
N VAL G 94 -18.86 -45.31 36.34
CA VAL G 94 -18.27 -45.80 35.10
C VAL G 94 -18.67 -47.27 35.01
N ASN G 95 -19.11 -47.81 36.15
CA ASN G 95 -19.54 -49.19 36.25
C ASN G 95 -21.08 -49.26 36.25
N LEU G 96 -21.66 -49.50 35.07
CA LEU G 96 -23.10 -49.58 34.93
C LEU G 96 -23.72 -50.56 35.91
N LYS G 97 -23.07 -51.70 36.13
CA LYS G 97 -23.59 -52.69 37.08
C LYS G 97 -23.76 -52.05 38.46
N GLU G 98 -22.76 -51.28 38.88
CA GLU G 98 -22.83 -50.63 40.19
C GLU G 98 -23.98 -49.61 40.21
N ALA G 99 -24.08 -48.83 39.13
CA ALA G 99 -25.13 -47.82 39.03
C ALA G 99 -26.49 -48.48 39.16
N VAL G 100 -26.70 -49.60 38.46
CA VAL G 100 -27.97 -50.32 38.52
C VAL G 100 -28.25 -50.75 39.97
N GLU G 101 -27.27 -51.42 40.56
CA GLU G 101 -27.33 -51.89 41.94
C GLU G 101 -27.72 -50.77 42.91
N LEU G 102 -27.07 -49.63 42.80
CA LEU G 102 -27.35 -48.49 43.67
C LEU G 102 -28.70 -47.83 43.40
N ALA G 103 -29.16 -47.89 42.15
CA ALA G 103 -30.44 -47.33 41.77
C ALA G 103 -31.52 -48.15 42.47
N LYS G 104 -31.37 -49.46 42.42
CA LYS G 104 -32.33 -50.35 43.06
C LYS G 104 -32.27 -50.20 44.58
N PHE G 105 -31.06 -50.15 45.11
CA PHE G 105 -30.85 -50.02 46.55
C PHE G 105 -31.55 -48.77 47.11
N THR G 106 -31.22 -47.61 46.56
CA THR G 106 -31.80 -46.36 47.01
C THR G 106 -33.30 -46.27 46.71
N THR G 107 -33.74 -46.93 45.65
CA THR G 107 -35.17 -46.91 45.32
C THR G 107 -35.91 -47.67 46.43
N ASP G 108 -35.35 -48.80 46.87
CA ASP G 108 -35.98 -49.59 47.94
C ASP G 108 -35.98 -48.82 49.26
N LEU G 109 -34.97 -47.99 49.47
CA LEU G 109 -34.88 -47.20 50.68
C LEU G 109 -35.91 -46.07 50.67
N GLY G 110 -36.48 -45.79 49.50
CA GLY G 110 -37.48 -44.75 49.39
C GLY G 110 -37.04 -43.38 48.90
N TYR G 111 -35.85 -43.29 48.28
CA TYR G 111 -35.42 -41.99 47.76
C TYR G 111 -36.46 -41.53 46.74
N ASP G 112 -36.77 -40.23 46.78
CA ASP G 112 -37.76 -39.64 45.91
C ASP G 112 -37.38 -39.60 44.43
N ALA G 113 -36.09 -39.66 44.16
CA ALA G 113 -35.60 -39.68 42.79
C ALA G 113 -34.14 -40.07 42.79
N ILE G 114 -33.65 -40.51 41.63
CA ILE G 114 -32.25 -40.87 41.51
C ILE G 114 -31.62 -39.96 40.48
N SER G 115 -30.29 -39.89 40.50
CA SER G 115 -29.53 -39.07 39.57
C SER G 115 -28.33 -39.89 39.07
N ALA G 116 -27.81 -39.56 37.90
CA ALA G 116 -26.67 -40.30 37.37
C ALA G 116 -25.78 -39.44 36.48
N VAL G 117 -24.51 -39.37 36.84
CA VAL G 117 -23.54 -38.60 36.07
C VAL G 117 -23.35 -39.37 34.77
N THR G 118 -22.98 -38.67 33.71
CA THR G 118 -22.73 -39.31 32.43
C THR G 118 -21.48 -40.16 32.62
N PRO G 119 -21.49 -41.40 32.10
CA PRO G 119 -20.33 -42.28 32.25
C PRO G 119 -19.07 -41.58 31.74
N PHE G 120 -17.99 -41.63 32.53
CA PHE G 120 -16.75 -40.97 32.14
C PHE G 120 -15.54 -41.88 31.97
N TYR G 121 -14.36 -41.24 31.94
CA TYR G 121 -13.06 -41.89 31.75
C TYR G 121 -12.93 -42.40 30.31
N TYR G 122 -13.73 -43.39 29.96
CA TYR G 122 -13.73 -43.91 28.60
C TYR G 122 -14.52 -42.93 27.75
N LYS G 123 -14.29 -42.97 26.44
CA LYS G 123 -14.99 -42.08 25.52
C LYS G 123 -16.21 -42.80 24.94
N PHE G 124 -17.35 -42.66 25.62
CA PHE G 124 -18.60 -43.26 25.19
C PHE G 124 -19.32 -42.36 24.19
N ASP G 125 -19.99 -42.96 23.20
CA ASP G 125 -20.72 -42.15 22.24
C ASP G 125 -22.16 -41.99 22.73
N PHE G 126 -22.96 -41.18 22.05
CA PHE G 126 -24.32 -40.95 22.50
C PHE G 126 -25.15 -42.21 22.69
N GLU G 127 -25.07 -43.12 21.72
CA GLU G 127 -25.83 -44.37 21.79
C GLU G 127 -25.56 -45.12 23.09
N GLU G 128 -24.29 -45.11 23.52
CA GLU G 128 -23.90 -45.82 24.72
C GLU G 128 -24.37 -45.07 25.97
N ILE G 129 -24.29 -43.75 25.91
CA ILE G 129 -24.72 -42.89 27.01
C ILE G 129 -26.22 -43.10 27.20
N LYS G 130 -26.97 -43.13 26.09
CA LYS G 130 -28.40 -43.35 26.12
C LYS G 130 -28.72 -44.72 26.73
N HIS G 131 -28.00 -45.74 26.28
CA HIS G 131 -28.20 -47.09 26.80
C HIS G 131 -27.94 -47.11 28.31
N TYR G 132 -26.91 -46.40 28.73
CA TYR G 132 -26.53 -46.30 30.13
C TYR G 132 -27.68 -45.73 30.98
N TYR G 133 -28.29 -44.65 30.50
CA TYR G 133 -29.39 -44.01 31.20
C TYR G 133 -30.65 -44.85 31.19
N ASN G 134 -30.93 -45.51 30.06
CA ASN G 134 -32.12 -46.34 29.99
C ASN G 134 -32.00 -47.59 30.85
N THR G 135 -30.80 -48.16 30.91
CA THR G 135 -30.58 -49.36 31.72
C THR G 135 -30.86 -49.05 33.17
N ILE G 136 -30.34 -47.93 33.65
CA ILE G 136 -30.52 -47.54 35.04
C ILE G 136 -31.98 -47.27 35.41
N ILE G 137 -32.62 -46.31 34.74
CA ILE G 137 -33.99 -46.00 35.10
C ILE G 137 -35.00 -47.09 34.74
N ASN G 138 -34.69 -47.92 33.73
CA ASN G 138 -35.63 -48.99 33.37
C ASN G 138 -35.58 -50.14 34.36
N SER G 139 -34.57 -50.14 35.23
CA SER G 139 -34.41 -51.19 36.22
C SER G 139 -35.10 -50.94 37.56
N VAL G 140 -35.64 -49.75 37.74
CA VAL G 140 -36.29 -49.43 39.00
C VAL G 140 -37.57 -48.64 38.81
N ASP G 141 -38.39 -48.61 39.85
CA ASP G 141 -39.61 -47.84 39.78
C ASP G 141 -39.31 -46.52 40.48
N ASN G 142 -38.71 -45.61 39.73
CA ASN G 142 -38.33 -44.30 40.26
C ASN G 142 -38.23 -43.34 39.07
N ARG G 143 -37.64 -42.17 39.29
CA ARG G 143 -37.49 -41.16 38.24
C ARG G 143 -36.04 -40.73 38.22
N LEU G 144 -35.53 -40.44 37.02
CA LEU G 144 -34.14 -40.04 36.90
C LEU G 144 -33.85 -38.63 36.39
N ILE G 145 -32.80 -38.06 36.97
CA ILE G 145 -32.30 -36.73 36.63
C ILE G 145 -30.88 -36.93 36.07
N ILE G 146 -30.60 -36.29 34.94
CA ILE G 146 -29.30 -36.38 34.29
C ILE G 146 -28.30 -35.44 34.95
N TYR G 147 -27.09 -35.93 35.21
CA TYR G 147 -26.03 -35.11 35.82
C TYR G 147 -24.96 -34.90 34.75
N SER G 148 -24.91 -33.68 34.20
CA SER G 148 -23.97 -33.33 33.13
C SER G 148 -22.53 -32.99 33.54
N ILE G 149 -22.36 -31.84 34.18
CA ILE G 149 -21.04 -31.38 34.64
C ILE G 149 -19.86 -31.79 33.74
N PRO G 150 -19.71 -31.15 32.57
CA PRO G 150 -18.63 -31.45 31.63
C PRO G 150 -17.25 -30.95 32.08
N PHE G 151 -17.24 -30.23 33.20
CA PHE G 151 -16.01 -29.67 33.76
C PHE G 151 -15.08 -30.75 34.33
N LEU G 152 -15.64 -31.86 34.77
CA LEU G 152 -14.84 -32.94 35.33
C LEU G 152 -14.85 -34.20 34.46
N THR G 153 -15.87 -34.32 33.62
CA THR G 153 -16.01 -35.49 32.75
C THR G 153 -15.58 -35.23 31.30
N GLY G 154 -15.81 -34.02 30.83
CA GLY G 154 -15.44 -33.68 29.47
C GLY G 154 -16.54 -33.97 28.47
N VAL G 155 -17.68 -34.47 28.95
CA VAL G 155 -18.81 -34.79 28.09
C VAL G 155 -19.77 -33.62 27.91
N ASP G 156 -19.87 -33.13 26.67
CA ASP G 156 -20.76 -32.01 26.33
C ASP G 156 -21.83 -32.43 25.33
N MET G 157 -23.02 -32.74 25.82
CA MET G 157 -24.13 -33.16 24.96
C MET G 157 -24.86 -31.97 24.34
N SER G 158 -25.41 -32.20 23.15
CA SER G 158 -26.13 -31.14 22.44
C SER G 158 -27.58 -31.11 22.88
N LEU G 159 -28.34 -30.20 22.29
CA LEU G 159 -29.75 -30.05 22.60
C LEU G 159 -30.57 -31.23 22.11
N ASP G 160 -30.29 -31.70 20.90
CA ASP G 160 -31.04 -32.82 20.34
C ASP G 160 -30.76 -34.13 21.06
N GLN G 161 -29.58 -34.25 21.65
CA GLN G 161 -29.25 -35.47 22.38
C GLN G 161 -30.14 -35.55 23.61
N PHE G 162 -30.18 -34.46 24.37
CA PHE G 162 -31.05 -34.39 25.55
C PHE G 162 -32.46 -34.73 25.10
N GLY G 163 -32.84 -34.22 23.94
CA GLY G 163 -34.16 -34.49 23.42
C GLY G 163 -34.40 -35.98 23.29
N GLU G 164 -33.37 -36.72 22.86
CA GLU G 164 -33.50 -38.16 22.71
C GLU G 164 -33.66 -38.83 24.06
N LEU G 165 -32.84 -38.43 25.02
CA LEU G 165 -32.91 -39.02 26.35
C LEU G 165 -34.27 -38.73 26.98
N PHE G 166 -34.78 -37.52 26.76
CA PHE G 166 -36.06 -37.13 27.34
C PHE G 166 -37.27 -37.82 26.76
N GLU G 167 -37.04 -38.75 25.83
CA GLU G 167 -38.15 -39.50 25.25
C GLU G 167 -38.70 -40.39 26.35
N ASN G 168 -37.78 -40.88 27.20
CA ASN G 168 -38.14 -41.74 28.33
C ASN G 168 -38.79 -40.86 29.40
N GLU G 169 -40.10 -41.02 29.59
CA GLU G 169 -40.86 -40.22 30.54
C GLU G 169 -40.42 -40.36 32.00
N LYS G 170 -39.57 -41.34 32.29
CA LYS G 170 -39.11 -41.53 33.66
C LYS G 170 -37.86 -40.68 33.91
N ILE G 171 -37.32 -40.10 32.84
CA ILE G 171 -36.17 -39.20 32.93
C ILE G 171 -36.80 -37.82 33.00
N ILE G 172 -37.04 -37.36 34.23
CA ILE G 172 -37.72 -36.11 34.48
C ILE G 172 -36.96 -34.80 34.40
N GLY G 173 -35.63 -34.85 34.31
CA GLY G 173 -34.87 -33.62 34.26
C GLY G 173 -33.36 -33.77 34.20
N VAL G 174 -32.67 -32.65 34.39
CA VAL G 174 -31.21 -32.62 34.33
C VAL G 174 -30.56 -31.65 35.32
N LYS G 175 -29.39 -32.04 35.83
CA LYS G 175 -28.60 -31.20 36.72
C LYS G 175 -27.56 -30.59 35.81
N PHE G 176 -27.69 -29.28 35.63
CA PHE G 176 -26.83 -28.51 34.75
C PHE G 176 -25.65 -27.88 35.50
N THR G 177 -24.52 -28.58 35.53
CA THR G 177 -23.33 -28.05 36.21
C THR G 177 -22.35 -27.53 35.17
N ALA G 178 -22.86 -26.70 34.26
CA ALA G 178 -22.04 -26.12 33.20
C ALA G 178 -22.25 -24.61 33.12
N ALA G 179 -21.35 -23.93 32.44
CA ALA G 179 -21.45 -22.47 32.31
C ALA G 179 -22.23 -22.04 31.07
N ASP G 180 -22.40 -22.94 30.11
CA ASP G 180 -23.10 -22.64 28.87
C ASP G 180 -24.53 -22.10 29.06
N PHE G 181 -24.66 -20.79 29.20
CA PHE G 181 -25.97 -20.18 29.40
C PHE G 181 -26.81 -20.13 28.12
N TYR G 182 -26.20 -20.42 26.98
CA TYR G 182 -26.94 -20.43 25.73
C TYR G 182 -27.68 -21.78 25.68
N LEU G 183 -26.96 -22.84 26.01
CA LEU G 183 -27.56 -24.16 26.02
C LEU G 183 -28.63 -24.20 27.08
N LEU G 184 -28.36 -23.60 28.24
CA LEU G 184 -29.33 -23.59 29.33
C LEU G 184 -30.65 -22.97 28.84
N GLU G 185 -30.56 -21.79 28.22
CA GLU G 185 -31.73 -21.10 27.71
C GLU G 185 -32.50 -21.99 26.74
N ARG G 186 -31.78 -22.66 25.84
CA ARG G 186 -32.38 -23.55 24.86
C ARG G 186 -33.09 -24.70 25.54
N MET G 187 -32.45 -25.27 26.56
CA MET G 187 -33.01 -26.38 27.33
C MET G 187 -34.34 -25.99 27.97
N ARG G 188 -34.34 -24.86 28.67
CA ARG G 188 -35.54 -24.38 29.33
C ARG G 188 -36.70 -24.25 28.35
N LYS G 189 -36.39 -23.68 27.19
CA LYS G 189 -37.37 -23.44 26.13
C LYS G 189 -37.85 -24.71 25.43
N THR G 190 -36.91 -25.58 25.09
CA THR G 190 -37.22 -26.81 24.39
C THR G 190 -37.90 -27.87 25.25
N PHE G 191 -37.53 -27.93 26.54
CA PHE G 191 -38.11 -28.91 27.44
C PHE G 191 -38.78 -28.22 28.64
N PRO G 192 -39.86 -27.48 28.38
CA PRO G 192 -40.63 -26.76 29.41
C PRO G 192 -41.26 -27.66 30.44
N ASN G 193 -41.37 -28.94 30.11
CA ASN G 193 -41.98 -29.94 30.99
C ASN G 193 -40.96 -30.71 31.85
N LYS G 194 -39.67 -30.45 31.66
CA LYS G 194 -38.64 -31.13 32.43
C LYS G 194 -38.04 -30.25 33.51
N LEU G 195 -37.49 -30.87 34.55
CA LEU G 195 -36.87 -30.12 35.61
C LEU G 195 -35.42 -29.80 35.25
N ILE G 196 -35.01 -28.57 35.49
CA ILE G 196 -33.66 -28.18 35.21
C ILE G 196 -33.07 -27.60 36.50
N PHE G 197 -31.99 -28.19 36.98
CA PHE G 197 -31.34 -27.74 38.20
C PHE G 197 -29.99 -27.08 37.93
N ALA G 198 -29.76 -25.95 38.59
CA ALA G 198 -28.49 -25.26 38.46
C ALA G 198 -27.51 -25.99 39.39
N GLY G 199 -26.30 -26.23 38.90
CA GLY G 199 -25.30 -26.92 39.71
C GLY G 199 -24.03 -26.11 39.88
N PHE G 200 -24.16 -24.80 39.82
CA PHE G 200 -23.03 -23.90 39.96
C PHE G 200 -23.44 -22.78 40.91
N ASP G 201 -23.10 -22.98 42.19
CA ASP G 201 -23.43 -22.05 43.26
C ASP G 201 -23.28 -20.57 42.94
N GLU G 202 -22.16 -20.19 42.37
CA GLU G 202 -21.90 -18.79 42.05
C GLU G 202 -22.69 -18.19 40.88
N MET G 203 -23.34 -19.01 40.08
CA MET G 203 -24.12 -18.51 38.94
C MET G 203 -25.59 -18.85 39.12
N MET G 204 -25.97 -19.05 40.38
CA MET G 204 -27.34 -19.39 40.74
C MET G 204 -28.37 -18.38 40.21
N LEU G 205 -28.12 -17.09 40.46
CA LEU G 205 -29.03 -16.02 40.03
C LEU G 205 -29.22 -15.97 38.52
N PRO G 206 -28.12 -15.88 37.76
CA PRO G 206 -28.26 -15.85 36.30
C PRO G 206 -29.05 -17.05 35.79
N ALA G 207 -28.82 -18.20 36.40
CA ALA G 207 -29.51 -19.44 36.01
C ALA G 207 -31.00 -19.43 36.34
N THR G 208 -31.35 -18.83 37.48
CA THR G 208 -32.74 -18.75 37.90
C THR G 208 -33.46 -17.77 36.98
N VAL G 209 -32.74 -16.74 36.56
CA VAL G 209 -33.30 -15.76 35.65
C VAL G 209 -33.63 -16.48 34.33
N LEU G 210 -32.95 -17.59 34.06
CA LEU G 210 -33.20 -18.36 32.85
C LEU G 210 -34.25 -19.45 33.05
N GLY G 211 -34.82 -19.52 34.25
CA GLY G 211 -35.88 -20.48 34.53
C GLY G 211 -35.64 -21.83 35.19
N VAL G 212 -34.46 -22.04 35.76
CA VAL G 212 -34.19 -23.33 36.40
C VAL G 212 -35.21 -23.55 37.50
N ASP G 213 -35.53 -24.81 37.73
CA ASP G 213 -36.52 -25.20 38.74
C ASP G 213 -35.93 -25.33 40.13
N GLY G 214 -34.63 -25.11 40.25
CA GLY G 214 -33.98 -25.21 41.54
C GLY G 214 -32.49 -25.24 41.38
N ALA G 215 -31.79 -25.54 42.48
CA ALA G 215 -30.35 -25.59 42.47
C ALA G 215 -29.84 -26.68 43.41
N ILE G 216 -28.69 -27.25 43.06
CA ILE G 216 -28.06 -28.29 43.84
C ILE G 216 -26.62 -27.81 44.03
N GLY G 217 -26.25 -27.49 45.26
CA GLY G 217 -24.91 -26.97 45.48
C GLY G 217 -24.21 -27.37 46.76
N SER G 218 -22.88 -27.32 46.71
CA SER G 218 -22.05 -27.68 47.85
C SER G 218 -22.05 -26.61 48.96
N THR G 219 -21.99 -25.34 48.59
CA THR G 219 -21.96 -24.29 49.60
C THR G 219 -23.26 -24.16 50.39
N PHE G 220 -24.33 -24.78 49.88
CA PHE G 220 -25.62 -24.74 50.54
C PHE G 220 -25.56 -25.45 51.90
N ASN G 221 -24.56 -26.32 52.07
CA ASN G 221 -24.38 -27.04 53.33
C ASN G 221 -24.25 -26.04 54.47
N VAL G 222 -23.77 -24.84 54.17
CA VAL G 222 -23.64 -23.79 55.18
C VAL G 222 -24.42 -22.52 54.82
N ASN G 223 -24.60 -22.26 53.52
CA ASN G 223 -25.28 -21.03 53.10
C ASN G 223 -26.68 -21.23 52.55
N GLY G 224 -27.35 -22.29 52.96
CA GLY G 224 -28.70 -22.56 52.48
C GLY G 224 -29.70 -21.43 52.61
N VAL G 225 -29.62 -20.64 53.69
CA VAL G 225 -30.56 -19.54 53.88
C VAL G 225 -30.44 -18.51 52.76
N ARG G 226 -29.23 -18.01 52.53
CA ARG G 226 -29.02 -17.03 51.48
C ARG G 226 -29.34 -17.61 50.10
N ALA G 227 -28.92 -18.86 49.87
CA ALA G 227 -29.16 -19.50 48.58
C ALA G 227 -30.66 -19.50 48.24
N ARG G 228 -31.49 -19.88 49.20
CA ARG G 228 -32.95 -19.92 49.00
C ARG G 228 -33.47 -18.52 48.68
N GLN G 229 -32.92 -17.52 49.34
CA GLN G 229 -33.34 -16.14 49.12
C GLN G 229 -33.03 -15.75 47.69
N ILE G 230 -31.81 -16.01 47.25
CA ILE G 230 -31.40 -15.68 45.90
C ILE G 230 -32.36 -16.34 44.93
N PHE G 231 -32.65 -17.62 45.17
CA PHE G 231 -33.52 -18.39 44.30
C PHE G 231 -34.97 -17.89 44.26
N GLU G 232 -35.60 -17.79 45.43
CA GLU G 232 -36.99 -17.35 45.48
C GLU G 232 -37.19 -15.89 45.08
N LEU G 233 -36.30 -15.00 45.51
CA LEU G 233 -36.41 -13.60 45.15
C LEU G 233 -36.31 -13.43 43.63
N THR G 234 -35.39 -14.16 43.01
CA THR G 234 -35.23 -14.08 41.57
C THR G 234 -36.50 -14.60 40.90
N LYS G 235 -37.00 -15.73 41.40
CA LYS G 235 -38.21 -16.35 40.87
C LYS G 235 -39.39 -15.38 40.93
N ASN G 236 -39.45 -14.59 41.99
CA ASN G 236 -40.52 -13.62 42.20
C ASN G 236 -40.22 -12.30 41.51
N GLU G 237 -39.20 -12.31 40.66
CA GLU G 237 -38.78 -11.13 39.91
C GLU G 237 -38.25 -9.96 40.74
N LYS G 238 -37.94 -10.21 42.01
CA LYS G 238 -37.39 -9.16 42.85
C LYS G 238 -35.87 -9.19 42.71
N ILE G 239 -35.41 -8.85 41.51
CA ILE G 239 -34.00 -8.86 41.14
C ILE G 239 -33.06 -7.98 41.97
N SER G 240 -33.40 -6.71 42.12
CA SER G 240 -32.55 -5.81 42.90
C SER G 240 -32.28 -6.40 44.29
N GLU G 241 -33.28 -7.08 44.84
CA GLU G 241 -33.15 -7.69 46.14
C GLU G 241 -32.35 -8.99 46.06
N ALA G 242 -32.52 -9.71 44.97
CA ALA G 242 -31.78 -10.96 44.78
C ALA G 242 -30.30 -10.62 44.64
N LEU G 243 -30.01 -9.64 43.81
CA LEU G 243 -28.62 -9.23 43.58
C LEU G 243 -27.94 -8.86 44.89
N GLU G 244 -28.72 -8.27 45.80
CA GLU G 244 -28.22 -7.86 47.10
C GLU G 244 -27.65 -9.07 47.82
N VAL G 245 -28.41 -10.15 47.83
CA VAL G 245 -27.99 -11.37 48.49
C VAL G 245 -26.88 -12.08 47.71
N GLN G 246 -26.94 -12.03 46.37
CA GLN G 246 -25.92 -12.66 45.53
C GLN G 246 -24.57 -11.98 45.79
N HIS G 247 -24.62 -10.68 46.08
CA HIS G 247 -23.42 -9.89 46.38
C HIS G 247 -22.60 -10.54 47.48
N VAL G 248 -23.20 -10.62 48.66
CA VAL G 248 -22.55 -11.21 49.83
C VAL G 248 -22.25 -12.68 49.63
N THR G 249 -23.18 -13.39 48.99
CA THR G 249 -23.03 -14.81 48.73
C THR G 249 -21.82 -15.14 47.86
N ASN G 250 -21.64 -14.42 46.75
CA ASN G 250 -20.51 -14.69 45.87
C ASN G 250 -19.19 -14.23 46.46
N ASP G 251 -19.26 -13.37 47.47
CA ASP G 251 -18.04 -12.92 48.15
C ASP G 251 -17.60 -14.11 48.97
N LEU G 252 -18.57 -14.72 49.64
CA LEU G 252 -18.32 -15.89 50.47
C LEU G 252 -17.81 -17.06 49.62
N ILE G 253 -18.48 -17.30 48.48
CA ILE G 253 -18.09 -18.39 47.61
C ILE G 253 -16.67 -18.23 47.08
N THR G 254 -16.29 -16.97 46.82
CA THR G 254 -14.96 -16.66 46.30
C THR G 254 -13.89 -16.94 47.36
N ASP G 255 -14.18 -16.60 48.62
CA ASP G 255 -13.25 -16.86 49.70
C ASP G 255 -13.11 -18.36 49.91
N ILE G 256 -14.24 -19.06 49.88
CA ILE G 256 -14.24 -20.50 50.06
C ILE G 256 -13.41 -21.15 48.94
N LEU G 257 -13.75 -20.84 47.69
CA LEU G 257 -13.03 -21.39 46.55
C LEU G 257 -11.54 -21.09 46.66
N GLY G 258 -11.23 -19.82 46.92
CA GLY G 258 -9.84 -19.42 47.05
C GLY G 258 -9.12 -20.12 48.18
N ASN G 259 -9.86 -20.60 49.17
CA ASN G 259 -9.23 -21.25 50.32
C ASN G 259 -9.23 -22.78 50.28
N GLY G 260 -9.97 -23.36 49.34
CA GLY G 260 -10.06 -24.81 49.24
C GLY G 260 -11.51 -25.14 49.55
N LEU G 261 -12.28 -25.44 48.50
CA LEU G 261 -13.71 -25.71 48.63
C LEU G 261 -14.19 -26.67 49.73
N TYR G 262 -14.05 -27.97 49.49
CA TYR G 262 -14.52 -28.96 50.45
C TYR G 262 -13.97 -28.82 51.86
N GLN G 263 -12.68 -28.54 51.98
CA GLN G 263 -12.09 -28.41 53.30
C GLN G 263 -12.71 -27.22 54.05
N THR G 264 -12.82 -26.08 53.39
CA THR G 264 -13.36 -24.90 54.04
C THR G 264 -14.83 -25.00 54.43
N ILE G 265 -15.65 -25.63 53.59
CA ILE G 265 -17.04 -25.76 53.93
C ILE G 265 -17.12 -26.61 55.20
N LYS G 266 -16.26 -27.62 55.28
CA LYS G 266 -16.23 -28.49 56.45
C LYS G 266 -15.72 -27.77 57.70
N LEU G 267 -14.75 -26.87 57.53
CA LEU G 267 -14.21 -26.10 58.65
C LEU G 267 -15.27 -25.11 59.13
N LEU G 268 -16.06 -24.59 58.18
CA LEU G 268 -17.10 -23.65 58.52
C LEU G 268 -18.15 -24.36 59.36
N LEU G 269 -18.41 -25.62 59.03
CA LEU G 269 -19.38 -26.41 59.79
C LEU G 269 -18.80 -26.73 61.19
N GLU G 270 -17.50 -27.01 61.27
CA GLU G 270 -16.89 -27.32 62.55
C GLU G 270 -17.01 -26.11 63.50
N GLU G 271 -16.87 -24.91 62.96
CA GLU G 271 -16.98 -23.69 63.75
C GLU G 271 -18.36 -23.57 64.38
N GLN G 272 -19.29 -24.40 63.93
CA GLN G 272 -20.64 -24.36 64.44
C GLN G 272 -21.04 -25.59 65.23
N GLY G 273 -20.04 -26.38 65.64
CA GLY G 273 -20.34 -27.57 66.42
C GLY G 273 -20.60 -28.81 65.58
N VAL G 274 -20.49 -28.68 64.27
CA VAL G 274 -20.71 -29.81 63.37
C VAL G 274 -19.37 -30.45 63.02
N GLU G 275 -19.17 -31.69 63.46
CA GLU G 275 -17.94 -32.42 63.21
C GLU G 275 -17.85 -32.93 61.78
N ALA G 276 -17.79 -32.01 60.83
CA ALA G 276 -17.73 -32.35 59.41
C ALA G 276 -16.44 -33.07 59.04
N GLY G 277 -15.43 -32.96 59.90
CA GLY G 277 -14.16 -33.63 59.69
C GLY G 277 -13.30 -33.29 58.48
N TYR G 278 -12.50 -34.28 58.06
CA TYR G 278 -11.58 -34.13 56.93
C TYR G 278 -12.16 -34.60 55.62
N CYS G 279 -11.40 -34.38 54.55
CA CYS G 279 -11.76 -34.85 53.23
C CYS G 279 -10.96 -36.14 53.11
N ARG G 280 -11.38 -36.99 52.19
CA ARG G 280 -10.69 -38.26 51.97
C ARG G 280 -9.43 -38.01 51.15
N GLN G 281 -8.27 -38.49 51.61
CA GLN G 281 -7.02 -38.32 50.84
C GLN G 281 -7.29 -38.93 49.46
N PRO G 282 -6.57 -38.48 48.42
CA PRO G 282 -5.52 -37.47 48.37
C PRO G 282 -5.95 -35.99 48.47
N MET G 283 -7.17 -35.73 48.90
CA MET G 283 -7.57 -34.34 49.07
C MET G 283 -6.82 -33.94 50.32
N LYS G 284 -6.06 -32.84 50.24
CA LYS G 284 -5.22 -32.41 51.36
C LYS G 284 -5.95 -31.97 52.62
N GLU G 285 -5.32 -32.18 53.77
CA GLU G 285 -5.91 -31.77 55.03
C GLU G 285 -5.71 -30.26 55.04
N ALA G 286 -6.55 -29.54 55.76
CA ALA G 286 -6.44 -28.08 55.80
C ALA G 286 -5.15 -27.59 56.45
N THR G 287 -4.45 -26.71 55.76
CA THR G 287 -3.19 -26.13 56.25
C THR G 287 -3.51 -25.07 57.30
N ASP G 288 -2.49 -24.58 58.00
CA ASP G 288 -2.69 -23.55 59.02
C ASP G 288 -3.40 -22.34 58.44
N GLU G 289 -2.90 -21.84 57.31
CA GLU G 289 -3.49 -20.69 56.64
C GLU G 289 -4.98 -20.94 56.41
N MET G 290 -5.27 -22.07 55.77
CA MET G 290 -6.65 -22.47 55.47
C MET G 290 -7.56 -22.47 56.69
N LYS G 291 -7.05 -22.96 57.82
CA LYS G 291 -7.82 -23.05 59.05
C LYS G 291 -8.11 -21.69 59.67
N SER G 292 -7.11 -20.82 59.67
CA SER G 292 -7.28 -19.49 60.23
C SER G 292 -8.17 -18.69 59.30
N ARG G 293 -7.92 -18.81 57.99
CA ARG G 293 -8.72 -18.10 57.00
C ARG G 293 -10.19 -18.51 57.09
N ALA G 294 -10.41 -19.79 57.41
CA ALA G 294 -11.77 -20.29 57.53
C ALA G 294 -12.46 -19.61 58.72
N LYS G 295 -11.67 -19.32 59.76
CA LYS G 295 -12.20 -18.65 60.94
C LYS G 295 -12.59 -17.23 60.58
N GLU G 296 -11.80 -16.60 59.73
CA GLU G 296 -12.09 -15.23 59.32
C GLU G 296 -13.35 -15.24 58.45
N ILE G 297 -13.43 -16.18 57.53
CA ILE G 297 -14.59 -16.28 56.65
C ILE G 297 -15.85 -16.47 57.48
N TYR G 298 -15.73 -17.22 58.56
CA TYR G 298 -16.86 -17.49 59.42
C TYR G 298 -17.36 -16.24 60.15
N ARG G 299 -16.42 -15.46 60.67
CA ARG G 299 -16.80 -14.24 61.39
C ARG G 299 -17.38 -13.20 60.45
N LYS G 300 -16.90 -13.25 59.21
CA LYS G 300 -17.31 -12.31 58.19
C LYS G 300 -18.69 -12.58 57.58
N TYR G 301 -19.07 -13.85 57.44
CA TYR G 301 -20.34 -14.17 56.81
C TYR G 301 -21.41 -14.86 57.64
N PHE G 302 -21.11 -15.13 58.90
CA PHE G 302 -22.09 -15.83 59.73
C PHE G 302 -22.25 -15.17 61.11
N THR H 13 -4.62 -9.43 -33.04
CA THR H 13 -5.82 -8.55 -32.78
C THR H 13 -5.65 -7.22 -33.51
N ASP H 14 -6.55 -6.90 -34.43
CA ASP H 14 -6.46 -5.63 -35.13
C ASP H 14 -6.81 -4.57 -34.11
N MET H 15 -5.88 -3.64 -33.87
CA MET H 15 -6.07 -2.62 -32.87
C MET H 15 -6.75 -1.31 -33.27
N LYS H 16 -7.26 -1.23 -34.49
CA LYS H 16 -7.93 -0.01 -34.93
C LYS H 16 -9.19 0.21 -34.12
N GLY H 17 -9.60 1.47 -33.94
CA GLY H 17 -10.81 1.74 -33.19
C GLY H 17 -10.74 2.88 -32.20
N ILE H 18 -11.85 3.08 -31.49
CA ILE H 18 -11.98 4.15 -30.49
C ILE H 18 -11.67 3.63 -29.08
N TYR H 19 -10.63 4.18 -28.46
CA TYR H 19 -10.24 3.76 -27.11
C TYR H 19 -10.41 4.87 -26.10
N SER H 20 -10.89 4.51 -24.92
CA SER H 20 -11.03 5.48 -23.83
C SER H 20 -9.79 5.34 -22.97
N ALA H 21 -9.17 6.46 -22.62
CA ALA H 21 -8.02 6.43 -21.72
C ALA H 21 -8.76 6.28 -20.38
N LEU H 22 -8.81 5.05 -19.90
CA LEU H 22 -9.52 4.70 -18.68
C LEU H 22 -9.24 5.51 -17.42
N LEU H 23 -10.30 6.11 -16.89
CA LEU H 23 -10.22 6.88 -15.64
C LEU H 23 -10.30 5.86 -14.52
N VAL H 24 -9.70 6.19 -13.39
CA VAL H 24 -9.74 5.30 -12.24
C VAL H 24 -10.51 5.95 -11.11
N SER H 25 -11.22 5.14 -10.33
CA SER H 25 -11.99 5.65 -9.21
C SER H 25 -11.14 5.58 -7.94
N PHE H 26 -11.19 6.64 -7.14
CA PHE H 26 -10.45 6.70 -5.87
C PHE H 26 -11.42 7.15 -4.78
N ASP H 27 -11.22 6.66 -3.56
CA ASP H 27 -12.07 7.03 -2.44
C ASP H 27 -11.58 8.36 -1.87
N LYS H 28 -12.21 8.81 -0.79
CA LYS H 28 -11.84 10.07 -0.16
C LYS H 28 -10.39 10.07 0.32
N GLU H 29 -9.89 8.90 0.68
CA GLU H 29 -8.51 8.77 1.14
C GLU H 29 -7.51 8.71 -0.02
N GLY H 30 -8.02 8.62 -1.25
CA GLY H 30 -7.14 8.57 -2.40
C GLY H 30 -6.81 7.15 -2.87
N ASN H 31 -7.36 6.16 -2.17
CA ASN H 31 -7.11 4.77 -2.54
C ASN H 31 -8.14 4.26 -3.55
N ILE H 32 -7.69 3.32 -4.38
CA ILE H 32 -8.54 2.76 -5.43
C ILE H 32 -9.85 2.12 -4.97
N ASN H 33 -10.96 2.59 -5.54
CA ASN H 33 -12.28 2.06 -5.26
C ASN H 33 -12.54 1.08 -6.41
N GLU H 34 -12.25 -0.18 -6.19
CA GLU H 34 -12.41 -1.22 -7.21
C GLU H 34 -13.81 -1.35 -7.79
N LYS H 35 -14.82 -1.21 -6.95
CA LYS H 35 -16.20 -1.29 -7.43
C LYS H 35 -16.43 -0.12 -8.41
N GLY H 36 -15.94 1.05 -8.04
CA GLY H 36 -16.08 2.23 -8.87
C GLY H 36 -15.36 2.06 -10.20
N LEU H 37 -14.16 1.48 -10.15
CA LEU H 37 -13.37 1.27 -11.36
C LEU H 37 -14.09 0.32 -12.31
N ARG H 38 -14.63 -0.77 -11.79
CA ARG H 38 -15.34 -1.72 -12.63
C ARG H 38 -16.54 -1.04 -13.30
N GLN H 39 -17.22 -0.17 -12.56
CA GLN H 39 -18.37 0.56 -13.10
C GLN H 39 -17.92 1.49 -14.22
N ILE H 40 -16.77 2.14 -14.04
CA ILE H 40 -16.27 3.03 -15.07
C ILE H 40 -16.04 2.20 -16.34
N ILE H 41 -15.39 1.05 -16.17
CA ILE H 41 -15.11 0.13 -17.26
C ILE H 41 -16.41 -0.30 -17.94
N ARG H 42 -17.38 -0.73 -17.15
CA ARG H 42 -18.68 -1.17 -17.68
C ARG H 42 -19.40 -0.02 -18.40
N HIS H 43 -19.27 1.19 -17.87
CA HIS H 43 -19.92 2.34 -18.51
C HIS H 43 -19.33 2.53 -19.91
N ASN H 44 -18.01 2.46 -20.01
CA ASN H 44 -17.33 2.62 -21.29
C ASN H 44 -17.80 1.58 -22.31
N ILE H 45 -17.90 0.34 -21.88
CA ILE H 45 -18.33 -0.75 -22.75
C ILE H 45 -19.82 -0.70 -23.12
N ASP H 46 -20.69 -0.71 -22.11
CA ASP H 46 -22.13 -0.72 -22.33
C ASP H 46 -22.78 0.57 -22.81
N VAL H 47 -22.23 1.70 -22.42
CA VAL H 47 -22.81 2.98 -22.77
C VAL H 47 -22.03 3.77 -23.82
N CYS H 48 -20.72 3.89 -23.66
CA CYS H 48 -19.91 4.65 -24.60
C CYS H 48 -19.60 3.82 -25.86
N LYS H 49 -19.89 2.52 -25.80
CA LYS H 49 -19.67 1.63 -26.94
C LYS H 49 -18.26 1.71 -27.53
N VAL H 50 -17.24 1.92 -26.70
CA VAL H 50 -15.88 1.99 -27.20
C VAL H 50 -15.37 0.65 -27.68
N ASP H 51 -14.41 0.68 -28.61
CA ASP H 51 -13.83 -0.55 -29.15
C ASP H 51 -12.78 -1.13 -28.20
N GLY H 52 -12.26 -0.29 -27.30
CA GLY H 52 -11.26 -0.77 -26.37
C GLY H 52 -10.95 0.21 -25.25
N LEU H 53 -10.00 -0.17 -24.39
CA LEU H 53 -9.58 0.68 -23.28
C LEU H 53 -8.07 0.84 -23.29
N TYR H 54 -7.63 2.07 -23.07
CA TYR H 54 -6.20 2.38 -22.98
C TYR H 54 -6.00 2.50 -21.48
N VAL H 55 -5.45 1.47 -20.87
CA VAL H 55 -5.25 1.42 -19.43
C VAL H 55 -3.83 1.82 -18.99
N GLY H 56 -3.75 2.66 -17.97
CA GLY H 56 -2.46 3.09 -17.48
C GLY H 56 -1.89 4.37 -18.08
N GLY H 57 -2.75 5.17 -18.71
CA GLY H 57 -2.28 6.41 -19.30
C GLY H 57 -2.39 7.58 -18.33
N SER H 58 -2.13 8.77 -18.83
CA SER H 58 -2.21 9.98 -18.02
C SER H 58 -3.60 10.15 -17.39
N THR H 59 -4.63 9.94 -18.20
CA THR H 59 -6.02 10.08 -17.77
C THR H 59 -6.34 9.20 -16.55
N GLY H 60 -5.60 8.12 -16.40
CA GLY H 60 -5.84 7.23 -15.27
C GLY H 60 -5.05 7.65 -14.05
N GLU H 61 -4.42 8.82 -14.12
CA GLU H 61 -3.62 9.37 -13.02
C GLU H 61 -2.48 8.39 -12.70
N ASN H 62 -2.13 7.60 -13.71
CA ASN H 62 -1.11 6.55 -13.61
C ASN H 62 0.20 6.92 -12.91
N PHE H 63 0.78 8.05 -13.29
CA PHE H 63 2.06 8.43 -12.71
C PHE H 63 2.04 8.87 -11.24
N MET H 64 0.86 8.96 -10.63
CA MET H 64 0.75 9.32 -9.22
C MET H 64 0.55 8.04 -8.39
N LEU H 65 0.61 6.90 -9.07
CA LEU H 65 0.38 5.61 -8.40
C LEU H 65 1.62 4.76 -8.20
N SER H 66 1.53 3.84 -7.25
CA SER H 66 2.64 2.93 -6.97
C SER H 66 2.52 1.77 -7.96
N THR H 67 3.59 0.99 -8.10
CA THR H 67 3.61 -0.13 -9.03
C THR H 67 2.54 -1.17 -8.73
N ASP H 68 2.29 -1.42 -7.45
CA ASP H 68 1.28 -2.39 -7.06
C ASP H 68 -0.10 -1.91 -7.49
N GLU H 69 -0.35 -0.62 -7.33
CA GLU H 69 -1.61 -0.03 -7.72
C GLU H 69 -1.83 -0.15 -9.23
N LYS H 70 -0.76 0.09 -9.99
CA LYS H 70 -0.86 -0.01 -11.43
C LYS H 70 -1.23 -1.43 -11.80
N LYS H 71 -0.58 -2.39 -11.13
CA LYS H 71 -0.85 -3.80 -11.38
C LYS H 71 -2.32 -4.15 -11.10
N ARG H 72 -2.79 -3.79 -9.91
CA ARG H 72 -4.18 -4.05 -9.53
C ARG H 72 -5.11 -3.54 -10.62
N ILE H 73 -4.88 -2.31 -11.05
CA ILE H 73 -5.71 -1.71 -12.10
C ILE H 73 -5.64 -2.52 -13.40
N PHE H 74 -4.46 -3.02 -13.77
CA PHE H 74 -4.33 -3.80 -14.99
C PHE H 74 -5.16 -5.09 -14.89
N GLU H 75 -5.16 -5.69 -13.71
CA GLU H 75 -5.90 -6.92 -13.47
C GLU H 75 -7.40 -6.69 -13.48
N ILE H 76 -7.84 -5.66 -12.76
CA ILE H 76 -9.25 -5.34 -12.70
C ILE H 76 -9.81 -5.12 -14.09
N ALA H 77 -9.11 -4.32 -14.89
CA ALA H 77 -9.56 -4.02 -16.26
C ALA H 77 -9.70 -5.30 -17.09
N LYS H 78 -8.69 -6.15 -17.04
CA LYS H 78 -8.71 -7.41 -17.78
C LYS H 78 -9.81 -8.34 -17.28
N ASP H 79 -9.97 -8.41 -15.96
CA ASP H 79 -10.99 -9.28 -15.39
C ASP H 79 -12.42 -8.87 -15.73
N GLU H 80 -12.67 -7.56 -15.71
CA GLU H 80 -14.00 -7.03 -16.00
C GLU H 80 -14.34 -7.07 -17.48
N VAL H 81 -13.34 -6.80 -18.32
CA VAL H 81 -13.55 -6.79 -19.76
C VAL H 81 -13.47 -8.19 -20.34
N LYS H 82 -12.48 -8.96 -19.88
CA LYS H 82 -12.25 -10.30 -20.37
C LYS H 82 -11.94 -10.21 -21.86
N GLU H 83 -12.88 -10.57 -22.73
CA GLU H 83 -12.62 -10.51 -24.17
C GLU H 83 -13.53 -9.53 -24.91
N GLU H 84 -14.50 -8.95 -24.22
CA GLU H 84 -15.43 -8.02 -24.85
C GLU H 84 -14.85 -6.96 -25.77
N ILE H 85 -13.78 -6.30 -25.33
CA ILE H 85 -13.14 -5.27 -26.15
C ILE H 85 -11.63 -5.38 -26.04
N LYS H 86 -10.93 -4.66 -26.91
CA LYS H 86 -9.47 -4.68 -26.93
C LYS H 86 -8.86 -3.89 -25.79
N LEU H 87 -7.65 -4.26 -25.40
CA LEU H 87 -6.97 -3.59 -24.31
C LEU H 87 -5.51 -3.28 -24.59
N ILE H 88 -5.13 -2.03 -24.34
CA ILE H 88 -3.77 -1.58 -24.50
C ILE H 88 -3.32 -1.12 -23.12
N ALA H 89 -2.17 -1.62 -22.69
CA ALA H 89 -1.63 -1.26 -21.39
C ALA H 89 -0.45 -0.31 -21.54
N GLN H 90 -0.57 0.88 -20.93
CA GLN H 90 0.50 1.87 -20.97
C GLN H 90 1.40 1.51 -19.80
N VAL H 91 2.61 1.05 -20.12
CA VAL H 91 3.55 0.62 -19.08
C VAL H 91 4.78 1.50 -18.97
N GLY H 92 4.77 2.62 -19.71
CA GLY H 92 5.90 3.53 -19.69
C GLY H 92 6.20 4.13 -18.32
N SER H 93 7.47 4.40 -18.08
CA SER H 93 7.92 4.97 -16.82
C SER H 93 9.36 5.44 -16.98
N VAL H 94 9.79 6.31 -16.09
CA VAL H 94 11.15 6.83 -16.12
C VAL H 94 12.05 5.71 -15.57
N ASN H 95 11.40 4.74 -14.94
CA ASN H 95 12.06 3.57 -14.36
C ASN H 95 11.89 2.42 -15.35
N LEU H 96 12.88 2.26 -16.23
CA LEU H 96 12.82 1.20 -17.24
C LEU H 96 12.56 -0.17 -16.64
N LYS H 97 13.11 -0.43 -15.46
CA LYS H 97 12.88 -1.72 -14.83
C LYS H 97 11.39 -1.93 -14.59
N GLU H 98 10.72 -0.89 -14.10
CA GLU H 98 9.28 -0.99 -13.85
C GLU H 98 8.54 -1.17 -15.18
N ALA H 99 9.02 -0.50 -16.23
CA ALA H 99 8.40 -0.59 -17.54
C ALA H 99 8.42 -2.01 -18.07
N VAL H 100 9.57 -2.67 -17.95
CA VAL H 100 9.73 -4.05 -18.38
C VAL H 100 8.83 -4.96 -17.53
N GLU H 101 8.83 -4.70 -16.22
CA GLU H 101 8.02 -5.49 -15.29
C GLU H 101 6.53 -5.43 -15.64
N LEU H 102 6.03 -4.23 -15.92
CA LEU H 102 4.63 -4.08 -16.28
C LEU H 102 4.35 -4.61 -17.68
N ALA H 103 5.35 -4.60 -18.55
CA ALA H 103 5.16 -5.11 -19.91
C ALA H 103 4.87 -6.60 -19.83
N LYS H 104 5.65 -7.32 -19.02
CA LYS H 104 5.46 -8.75 -18.85
C LYS H 104 4.13 -9.03 -18.14
N PHE H 105 3.94 -8.36 -17.00
CA PHE H 105 2.72 -8.52 -16.21
C PHE H 105 1.47 -8.43 -17.07
N THR H 106 1.35 -7.36 -17.85
CA THR H 106 0.18 -7.17 -18.70
C THR H 106 0.14 -8.16 -19.85
N THR H 107 1.30 -8.46 -20.42
CA THR H 107 1.35 -9.44 -21.51
C THR H 107 0.84 -10.77 -20.95
N ASP H 108 1.30 -11.16 -19.77
CA ASP H 108 0.86 -12.40 -19.16
C ASP H 108 -0.63 -12.35 -18.87
N LEU H 109 -1.19 -11.14 -18.80
CA LEU H 109 -2.60 -10.97 -18.52
C LEU H 109 -3.46 -11.06 -19.79
N GLY H 110 -2.80 -11.10 -20.94
CA GLY H 110 -3.54 -11.18 -22.18
C GLY H 110 -3.85 -9.85 -22.86
N TYR H 111 -3.17 -8.78 -22.46
CA TYR H 111 -3.41 -7.48 -23.09
C TYR H 111 -3.04 -7.57 -24.56
N ASP H 112 -3.91 -7.06 -25.42
CA ASP H 112 -3.73 -7.12 -26.86
C ASP H 112 -2.55 -6.32 -27.39
N ALA H 113 -2.03 -5.41 -26.58
CA ALA H 113 -0.89 -4.60 -26.97
C ALA H 113 -0.46 -3.72 -25.80
N ILE H 114 0.78 -3.27 -25.85
CA ILE H 114 1.30 -2.40 -24.81
C ILE H 114 1.67 -1.06 -25.41
N SER H 115 1.75 -0.06 -24.55
CA SER H 115 2.10 1.29 -24.97
C SER H 115 3.06 1.89 -23.95
N ALA H 116 3.98 2.73 -24.40
CA ALA H 116 4.93 3.34 -23.49
C ALA H 116 5.23 4.80 -23.81
N VAL H 117 5.07 5.64 -22.80
CA VAL H 117 5.33 7.06 -22.94
C VAL H 117 6.84 7.27 -23.04
N THR H 118 7.24 8.34 -23.72
CA THR H 118 8.66 8.66 -23.85
C THR H 118 9.24 8.96 -22.47
N PRO H 119 10.38 8.32 -22.13
CA PRO H 119 10.97 8.57 -20.81
C PRO H 119 11.18 10.06 -20.56
N PHE H 120 10.69 10.55 -19.42
CA PHE H 120 10.81 11.97 -19.11
C PHE H 120 11.64 12.32 -17.87
N TYR H 121 11.56 13.60 -17.49
CA TYR H 121 12.29 14.17 -16.36
C TYR H 121 13.72 14.43 -16.81
N TYR H 122 14.53 13.37 -16.83
CA TYR H 122 15.91 13.50 -17.29
C TYR H 122 15.81 13.73 -18.80
N LYS H 123 16.86 14.30 -19.37
CA LYS H 123 16.87 14.57 -20.81
C LYS H 123 17.64 13.48 -21.54
N PHE H 124 16.92 12.57 -22.17
CA PHE H 124 17.54 11.47 -22.92
C PHE H 124 17.69 11.81 -24.39
N ASP H 125 18.77 11.37 -25.02
CA ASP H 125 18.94 11.62 -26.44
C ASP H 125 18.18 10.53 -27.20
N PHE H 126 18.10 10.64 -28.51
CA PHE H 126 17.35 9.65 -29.29
C PHE H 126 17.86 8.23 -29.12
N GLU H 127 19.17 8.06 -29.18
CA GLU H 127 19.79 6.74 -29.00
C GLU H 127 19.20 6.07 -27.77
N GLU H 128 19.16 6.83 -26.68
CA GLU H 128 18.63 6.34 -25.42
C GLU H 128 17.13 6.06 -25.49
N ILE H 129 16.38 6.94 -26.14
CA ILE H 129 14.94 6.76 -26.26
C ILE H 129 14.66 5.47 -27.04
N LYS H 130 15.48 5.24 -28.06
CA LYS H 130 15.38 4.07 -28.91
C LYS H 130 15.75 2.80 -28.11
N HIS H 131 16.71 2.92 -27.20
CA HIS H 131 17.12 1.79 -26.38
C HIS H 131 15.97 1.44 -25.43
N TYR H 132 15.39 2.48 -24.83
CA TYR H 132 14.28 2.33 -23.90
C TYR H 132 13.16 1.53 -24.57
N TYR H 133 12.74 1.99 -25.74
CA TYR H 133 11.67 1.30 -26.48
C TYR H 133 12.03 -0.13 -26.90
N ASN H 134 13.26 -0.35 -27.34
CA ASN H 134 13.64 -1.69 -27.75
C ASN H 134 13.62 -2.64 -26.57
N THR H 135 14.13 -2.17 -25.43
CA THR H 135 14.17 -3.00 -24.23
C THR H 135 12.78 -3.47 -23.78
N ILE H 136 11.81 -2.56 -23.83
CA ILE H 136 10.47 -2.89 -23.41
C ILE H 136 9.80 -3.97 -24.26
N ILE H 137 9.66 -3.68 -25.55
CA ILE H 137 9.01 -4.61 -26.45
C ILE H 137 9.76 -5.93 -26.66
N ASN H 138 11.09 -5.90 -26.60
CA ASN H 138 11.88 -7.10 -26.79
C ASN H 138 11.90 -8.01 -25.57
N SER H 139 11.29 -7.58 -24.48
CA SER H 139 11.25 -8.39 -23.26
C SER H 139 10.00 -9.25 -23.16
N VAL H 140 9.03 -8.99 -24.04
CA VAL H 140 7.79 -9.74 -24.01
C VAL H 140 7.35 -10.10 -25.42
N ASP H 141 6.37 -10.98 -25.51
CA ASP H 141 5.86 -11.37 -26.81
C ASP H 141 4.55 -10.64 -27.07
N ASN H 142 4.65 -9.33 -27.30
CA ASN H 142 3.49 -8.50 -27.57
C ASN H 142 3.86 -7.47 -28.63
N ARG H 143 3.01 -6.45 -28.77
CA ARG H 143 3.19 -5.37 -29.72
C ARG H 143 3.15 -4.05 -28.94
N LEU H 144 3.96 -3.08 -29.35
CA LEU H 144 4.01 -1.81 -28.65
C LEU H 144 3.61 -0.60 -29.50
N ILE H 145 2.97 0.35 -28.84
CA ILE H 145 2.53 1.60 -29.47
C ILE H 145 3.25 2.75 -28.77
N ILE H 146 3.78 3.66 -29.57
CA ILE H 146 4.51 4.80 -29.03
C ILE H 146 3.59 5.91 -28.55
N TYR H 147 3.74 6.28 -27.28
CA TYR H 147 2.95 7.35 -26.66
C TYR H 147 3.85 8.58 -26.69
N SER H 148 3.57 9.48 -27.62
CA SER H 148 4.35 10.69 -27.84
C SER H 148 4.11 11.90 -26.92
N ILE H 149 2.85 12.31 -26.80
CA ILE H 149 2.42 13.45 -25.97
C ILE H 149 3.54 14.37 -25.45
N PRO H 150 4.05 15.29 -26.31
CA PRO H 150 5.12 16.20 -25.90
C PRO H 150 4.74 17.39 -24.99
N PHE H 151 3.47 17.75 -24.92
CA PHE H 151 3.09 18.89 -24.08
C PHE H 151 3.25 18.58 -22.58
N LEU H 152 3.39 17.31 -22.23
CA LEU H 152 3.59 16.92 -20.84
C LEU H 152 5.03 16.46 -20.61
N THR H 153 5.61 15.79 -21.62
CA THR H 153 6.98 15.29 -21.52
C THR H 153 8.00 16.29 -22.04
N GLY H 154 7.66 16.98 -23.13
CA GLY H 154 8.57 17.95 -23.71
C GLY H 154 9.48 17.29 -24.72
N VAL H 155 9.16 16.06 -25.08
CA VAL H 155 9.96 15.32 -26.04
C VAL H 155 9.33 15.33 -27.44
N ASP H 156 10.01 15.97 -28.37
CA ASP H 156 9.55 16.06 -29.76
C ASP H 156 10.46 15.27 -30.68
N MET H 157 9.90 14.26 -31.34
CA MET H 157 10.68 13.41 -32.24
C MET H 157 10.39 13.72 -33.70
N SER H 158 11.40 13.59 -34.54
CA SER H 158 11.25 13.86 -35.97
C SER H 158 10.69 12.67 -36.72
N LEU H 159 10.38 12.89 -38.01
CA LEU H 159 9.86 11.83 -38.85
C LEU H 159 10.84 10.67 -38.94
N ASP H 160 12.11 10.97 -39.22
CA ASP H 160 13.12 9.92 -39.34
C ASP H 160 13.35 9.19 -38.02
N GLN H 161 13.20 9.88 -36.90
CA GLN H 161 13.40 9.25 -35.60
C GLN H 161 12.32 8.20 -35.40
N PHE H 162 11.11 8.51 -35.88
CA PHE H 162 10.00 7.57 -35.78
C PHE H 162 10.32 6.40 -36.70
N GLY H 163 10.94 6.70 -37.84
CA GLY H 163 11.31 5.66 -38.78
C GLY H 163 12.25 4.66 -38.14
N GLU H 164 13.27 5.15 -37.44
CA GLU H 164 14.21 4.27 -36.77
C GLU H 164 13.46 3.40 -35.76
N LEU H 165 12.52 4.00 -35.03
CA LEU H 165 11.75 3.25 -34.06
C LEU H 165 10.94 2.16 -34.78
N PHE H 166 10.23 2.54 -35.84
CA PHE H 166 9.43 1.59 -36.59
C PHE H 166 10.28 0.56 -37.35
N GLU H 167 11.57 0.50 -37.03
CA GLU H 167 12.46 -0.46 -37.66
C GLU H 167 12.29 -1.80 -36.95
N ASN H 168 11.57 -1.78 -35.83
CA ASN H 168 11.30 -2.97 -35.04
C ASN H 168 9.84 -3.31 -35.35
N GLU H 169 9.63 -4.38 -36.12
CA GLU H 169 8.28 -4.76 -36.50
C GLU H 169 7.31 -5.06 -35.37
N LYS H 170 7.79 -4.99 -34.12
CA LYS H 170 6.92 -5.23 -32.97
C LYS H 170 6.38 -3.90 -32.48
N ILE H 171 6.86 -2.82 -33.08
CA ILE H 171 6.39 -1.49 -32.75
C ILE H 171 5.44 -1.21 -33.90
N ILE H 172 4.16 -1.43 -33.65
CA ILE H 172 3.11 -1.31 -34.66
C ILE H 172 2.43 0.04 -34.87
N GLY H 173 2.71 1.02 -34.01
CA GLY H 173 2.05 2.30 -34.19
C GLY H 173 2.41 3.36 -33.20
N VAL H 174 1.66 4.45 -33.24
CA VAL H 174 1.90 5.57 -32.35
C VAL H 174 0.63 6.34 -31.99
N LYS H 175 0.59 6.78 -30.73
CA LYS H 175 -0.51 7.59 -30.22
C LYS H 175 0.05 9.00 -30.36
N PHE H 176 -0.49 9.73 -31.33
CA PHE H 176 -0.07 11.08 -31.64
C PHE H 176 -0.82 12.13 -30.82
N THR H 177 -0.23 12.54 -29.71
CA THR H 177 -0.86 13.54 -28.85
C THR H 177 -0.21 14.90 -29.07
N ALA H 178 -0.04 15.25 -30.34
CA ALA H 178 0.56 16.52 -30.72
C ALA H 178 -0.40 17.22 -31.68
N ALA H 179 -0.20 18.51 -31.90
CA ALA H 179 -1.08 19.26 -32.80
C ALA H 179 -0.41 19.55 -34.14
N ASP H 180 0.69 18.85 -34.42
CA ASP H 180 1.41 19.03 -35.67
C ASP H 180 0.79 18.16 -36.76
N PHE H 181 -0.17 18.71 -37.48
CA PHE H 181 -0.82 17.97 -38.54
C PHE H 181 0.06 17.79 -39.78
N TYR H 182 1.16 18.52 -39.81
CA TYR H 182 2.11 18.40 -40.91
C TYR H 182 2.86 17.08 -40.68
N LEU H 183 3.35 16.90 -39.45
CA LEU H 183 4.07 15.68 -39.09
C LEU H 183 3.09 14.51 -39.16
N LEU H 184 1.85 14.76 -38.73
CA LEU H 184 0.84 13.73 -38.76
C LEU H 184 0.65 13.24 -40.19
N GLU H 185 0.47 14.18 -41.10
CA GLU H 185 0.29 13.86 -42.51
C GLU H 185 1.51 13.09 -43.06
N ARG H 186 2.71 13.51 -42.66
CA ARG H 186 3.92 12.85 -43.12
C ARG H 186 4.00 11.40 -42.68
N MET H 187 3.62 11.14 -41.43
CA MET H 187 3.65 9.78 -40.91
C MET H 187 2.62 8.86 -41.54
N ARG H 188 1.42 9.37 -41.82
CA ARG H 188 0.40 8.54 -42.44
C ARG H 188 0.93 8.08 -43.79
N LYS H 189 1.54 9.02 -44.51
CA LYS H 189 2.08 8.75 -45.84
C LYS H 189 3.36 7.92 -45.80
N THR H 190 4.23 8.22 -44.85
CA THR H 190 5.51 7.52 -44.73
C THR H 190 5.42 6.10 -44.14
N PHE H 191 4.40 5.86 -43.32
CA PHE H 191 4.22 4.54 -42.70
C PHE H 191 2.80 4.04 -42.84
N PRO H 192 2.38 3.71 -44.08
CA PRO H 192 1.02 3.22 -44.30
C PRO H 192 0.76 1.86 -43.63
N ASN H 193 1.84 1.21 -43.23
CA ASN H 193 1.75 -0.11 -42.59
C ASN H 193 1.74 -0.04 -41.06
N LYS H 194 1.65 1.17 -40.50
CA LYS H 194 1.65 1.34 -39.06
C LYS H 194 0.39 2.02 -38.56
N LEU H 195 0.03 1.75 -37.31
CA LEU H 195 -1.15 2.34 -36.71
C LEU H 195 -0.86 3.74 -36.18
N ILE H 196 -1.83 4.63 -36.35
CA ILE H 196 -1.70 6.01 -35.90
C ILE H 196 -2.99 6.40 -35.18
N PHE H 197 -2.86 6.73 -33.91
CA PHE H 197 -4.01 7.12 -33.08
C PHE H 197 -3.99 8.59 -32.72
N ALA H 198 -5.12 9.27 -32.91
CA ALA H 198 -5.23 10.68 -32.57
C ALA H 198 -5.30 10.74 -31.04
N GLY H 199 -4.68 11.77 -30.48
CA GLY H 199 -4.69 11.92 -29.02
C GLY H 199 -5.46 13.13 -28.51
N PHE H 200 -5.80 14.07 -29.38
CA PHE H 200 -6.54 15.27 -28.98
C PHE H 200 -8.01 15.22 -29.37
N ASP H 201 -8.84 14.91 -28.38
CA ASP H 201 -10.28 14.79 -28.53
C ASP H 201 -10.94 15.96 -29.28
N GLU H 202 -10.51 17.17 -28.98
CA GLU H 202 -11.07 18.36 -29.60
C GLU H 202 -10.66 18.54 -31.05
N MET H 203 -9.72 17.72 -31.53
CA MET H 203 -9.27 17.83 -32.91
C MET H 203 -9.48 16.52 -33.66
N MET H 204 -10.49 15.77 -33.25
CA MET H 204 -10.76 14.48 -33.87
C MET H 204 -11.06 14.54 -35.37
N LEU H 205 -11.95 15.45 -35.79
CA LEU H 205 -12.29 15.56 -37.20
C LEU H 205 -11.08 15.84 -38.11
N PRO H 206 -10.30 16.89 -37.80
CA PRO H 206 -9.12 17.22 -38.61
C PRO H 206 -8.06 16.13 -38.67
N ALA H 207 -8.00 15.28 -37.66
CA ALA H 207 -7.01 14.20 -37.64
C ALA H 207 -7.53 12.97 -38.40
N THR H 208 -8.83 12.74 -38.35
CA THR H 208 -9.40 11.59 -39.02
C THR H 208 -9.27 11.70 -40.54
N VAL H 209 -9.44 12.90 -41.08
CA VAL H 209 -9.34 13.10 -42.52
C VAL H 209 -7.90 12.88 -43.03
N LEU H 210 -6.96 12.76 -42.11
CA LEU H 210 -5.57 12.53 -42.49
C LEU H 210 -5.28 11.03 -42.42
N GLY H 211 -6.33 10.26 -42.14
CA GLY H 211 -6.20 8.82 -42.09
C GLY H 211 -5.73 8.10 -40.83
N VAL H 212 -5.93 8.67 -39.65
CA VAL H 212 -5.52 7.98 -38.43
C VAL H 212 -6.32 6.69 -38.39
N ASP H 213 -5.82 5.71 -37.64
CA ASP H 213 -6.47 4.42 -37.54
C ASP H 213 -7.42 4.31 -36.35
N GLY H 214 -7.56 5.41 -35.61
CA GLY H 214 -8.44 5.42 -34.47
C GLY H 214 -8.09 6.56 -33.54
N ALA H 215 -8.68 6.56 -32.35
CA ALA H 215 -8.42 7.61 -31.38
C ALA H 215 -8.39 7.06 -29.96
N ILE H 216 -7.58 7.71 -29.11
CA ILE H 216 -7.43 7.35 -27.71
C ILE H 216 -7.65 8.66 -26.95
N GLY H 217 -8.71 8.73 -26.16
CA GLY H 217 -8.96 9.97 -25.46
C GLY H 217 -9.61 9.86 -24.09
N SER H 218 -9.44 10.91 -23.30
CA SER H 218 -9.97 10.98 -21.94
C SER H 218 -11.48 11.27 -21.89
N THR H 219 -11.94 12.19 -22.72
CA THR H 219 -13.37 12.54 -22.71
C THR H 219 -14.26 11.42 -23.21
N PHE H 220 -13.67 10.39 -23.81
CA PHE H 220 -14.46 9.27 -24.33
C PHE H 220 -15.15 8.51 -23.20
N ASN H 221 -14.61 8.64 -21.98
CA ASN H 221 -15.19 7.98 -20.81
C ASN H 221 -16.66 8.36 -20.65
N VAL H 222 -17.05 9.50 -21.19
CA VAL H 222 -18.43 9.92 -21.10
C VAL H 222 -19.02 10.30 -22.45
N ASN H 223 -18.17 10.79 -23.35
CA ASN H 223 -18.62 11.22 -24.68
C ASN H 223 -18.23 10.24 -25.80
N GLY H 224 -18.15 8.96 -25.47
CA GLY H 224 -17.78 7.95 -26.44
C GLY H 224 -18.67 7.85 -27.67
N VAL H 225 -19.97 8.05 -27.51
CA VAL H 225 -20.90 7.95 -28.63
C VAL H 225 -20.64 9.02 -29.69
N ARG H 226 -20.60 10.29 -29.26
CA ARG H 226 -20.34 11.37 -30.19
C ARG H 226 -18.98 11.17 -30.85
N ALA H 227 -18.02 10.67 -30.08
CA ALA H 227 -16.68 10.42 -30.58
C ALA H 227 -16.76 9.44 -31.76
N ARG H 228 -17.58 8.40 -31.60
CA ARG H 228 -17.73 7.40 -32.66
C ARG H 228 -18.42 8.04 -33.87
N GLN H 229 -19.38 8.93 -33.64
CA GLN H 229 -20.07 9.61 -34.73
C GLN H 229 -19.10 10.47 -35.52
N ILE H 230 -18.25 11.20 -34.82
CA ILE H 230 -17.27 12.04 -35.48
C ILE H 230 -16.40 11.11 -36.33
N PHE H 231 -15.82 10.11 -35.67
CA PHE H 231 -14.94 9.16 -36.35
C PHE H 231 -15.56 8.46 -37.55
N GLU H 232 -16.76 7.89 -37.39
CA GLU H 232 -17.43 7.18 -38.47
C GLU H 232 -17.93 8.11 -39.57
N LEU H 233 -18.64 9.16 -39.19
CA LEU H 233 -19.15 10.11 -40.17
C LEU H 233 -18.00 10.60 -41.05
N THR H 234 -16.88 10.96 -40.42
CA THR H 234 -15.73 11.46 -41.16
C THR H 234 -15.20 10.39 -42.13
N LYS H 235 -15.11 9.15 -41.65
CA LYS H 235 -14.63 8.07 -42.51
C LYS H 235 -15.57 7.85 -43.69
N ASN H 236 -16.83 8.21 -43.53
CA ASN H 236 -17.82 8.07 -44.58
C ASN H 236 -17.93 9.37 -45.37
N GLU H 237 -16.99 10.28 -45.10
CA GLU H 237 -16.92 11.57 -45.76
C GLU H 237 -18.14 12.47 -45.63
N LYS H 238 -18.84 12.37 -44.50
CA LYS H 238 -20.00 13.22 -44.26
C LYS H 238 -19.47 14.30 -43.31
N ILE H 239 -18.49 15.04 -43.82
CA ILE H 239 -17.81 16.10 -43.09
C ILE H 239 -18.71 17.15 -42.43
N SER H 240 -19.62 17.74 -43.19
CA SER H 240 -20.49 18.76 -42.63
C SER H 240 -21.23 18.23 -41.40
N GLU H 241 -21.53 16.94 -41.41
CA GLU H 241 -22.23 16.34 -40.26
C GLU H 241 -21.24 16.03 -39.14
N ALA H 242 -20.05 15.56 -39.50
CA ALA H 242 -19.04 15.25 -38.49
C ALA H 242 -18.67 16.52 -37.74
N LEU H 243 -18.60 17.64 -38.46
CA LEU H 243 -18.22 18.92 -37.85
C LEU H 243 -19.22 19.40 -36.80
N GLU H 244 -20.51 19.21 -37.07
CA GLU H 244 -21.53 19.65 -36.14
C GLU H 244 -21.42 18.86 -34.84
N VAL H 245 -21.03 17.59 -34.94
CA VAL H 245 -20.85 16.76 -33.76
C VAL H 245 -19.61 17.25 -33.02
N GLN H 246 -18.56 17.56 -33.79
CA GLN H 246 -17.32 18.06 -33.21
C GLN H 246 -17.60 19.37 -32.49
N HIS H 247 -18.48 20.19 -33.05
CA HIS H 247 -18.84 21.47 -32.44
C HIS H 247 -19.48 21.27 -31.06
N VAL H 248 -20.45 20.37 -30.99
CA VAL H 248 -21.13 20.09 -29.74
C VAL H 248 -20.16 19.42 -28.78
N THR H 249 -19.33 18.53 -29.34
CA THR H 249 -18.33 17.82 -28.55
C THR H 249 -17.35 18.84 -27.96
N ASN H 250 -16.97 19.85 -28.74
CA ASN H 250 -16.03 20.86 -28.28
C ASN H 250 -16.67 21.84 -27.30
N ASP H 251 -17.99 22.02 -27.36
CA ASP H 251 -18.65 22.89 -26.38
C ASP H 251 -18.52 22.16 -25.04
N LEU H 252 -18.77 20.85 -25.08
CA LEU H 252 -18.69 20.01 -23.89
C LEU H 252 -17.28 20.01 -23.32
N ILE H 253 -16.28 19.80 -24.16
CA ILE H 253 -14.90 19.76 -23.71
C ILE H 253 -14.45 21.12 -23.15
N THR H 254 -14.93 22.19 -23.77
CA THR H 254 -14.58 23.52 -23.31
C THR H 254 -15.10 23.72 -21.88
N ASP H 255 -16.34 23.30 -21.62
CA ASP H 255 -16.90 23.44 -20.29
C ASP H 255 -16.20 22.52 -19.30
N ILE H 256 -15.88 21.29 -19.73
CA ILE H 256 -15.20 20.35 -18.85
C ILE H 256 -13.80 20.90 -18.47
N LEU H 257 -13.13 21.52 -19.44
CA LEU H 257 -11.81 22.09 -19.19
C LEU H 257 -11.89 23.26 -18.21
N GLY H 258 -12.84 24.16 -18.43
CA GLY H 258 -12.98 25.31 -17.56
C GLY H 258 -13.29 24.94 -16.12
N ASN H 259 -13.99 23.83 -15.92
CA ASN H 259 -14.39 23.39 -14.58
C ASN H 259 -13.43 22.40 -13.90
N GLY H 260 -12.45 21.88 -14.64
CA GLY H 260 -11.53 20.91 -14.05
C GLY H 260 -11.70 19.57 -14.73
N LEU H 261 -10.88 19.34 -15.75
CA LEU H 261 -10.95 18.11 -16.55
C LEU H 261 -11.28 16.82 -15.85
N TYR H 262 -10.35 16.30 -15.06
CA TYR H 262 -10.58 15.03 -14.39
C TYR H 262 -11.73 15.06 -13.39
N GLN H 263 -11.81 16.11 -12.59
CA GLN H 263 -12.89 16.18 -11.60
C GLN H 263 -14.27 16.21 -12.27
N THR H 264 -14.39 16.93 -13.38
CA THR H 264 -15.69 17.04 -14.05
C THR H 264 -16.13 15.76 -14.74
N ILE H 265 -15.23 15.08 -15.44
CA ILE H 265 -15.61 13.84 -16.10
C ILE H 265 -16.13 12.85 -15.06
N LYS H 266 -15.47 12.79 -13.92
CA LYS H 266 -15.91 11.90 -12.85
C LYS H 266 -17.26 12.33 -12.31
N LEU H 267 -17.45 13.62 -12.06
CA LEU H 267 -18.74 14.10 -11.59
C LEU H 267 -19.84 13.80 -12.62
N LEU H 268 -19.50 13.89 -13.90
CA LEU H 268 -20.49 13.59 -14.93
C LEU H 268 -20.83 12.11 -14.87
N LEU H 269 -19.87 11.29 -14.46
CA LEU H 269 -20.11 9.86 -14.34
C LEU H 269 -20.95 9.57 -13.09
N GLU H 270 -20.65 10.27 -12.00
CA GLU H 270 -21.41 10.09 -10.77
C GLU H 270 -22.88 10.36 -11.05
N GLU H 271 -23.15 11.36 -11.89
CA GLU H 271 -24.52 11.73 -12.24
C GLU H 271 -25.27 10.56 -12.86
N GLN H 272 -24.54 9.61 -13.43
CA GLN H 272 -25.18 8.48 -14.06
C GLN H 272 -25.15 7.22 -13.20
N GLY H 273 -24.73 7.37 -11.95
CA GLY H 273 -24.67 6.22 -11.07
C GLY H 273 -23.35 5.49 -11.15
N VAL H 274 -22.35 6.13 -11.75
CA VAL H 274 -21.03 5.51 -11.84
C VAL H 274 -20.21 6.11 -10.72
N GLU H 275 -19.75 5.27 -9.80
CA GLU H 275 -18.97 5.74 -8.67
C GLU H 275 -17.52 6.07 -9.06
N ALA H 276 -17.36 7.11 -9.89
CA ALA H 276 -16.05 7.54 -10.37
C ALA H 276 -15.19 8.08 -9.23
N GLY H 277 -15.85 8.65 -8.22
CA GLY H 277 -15.16 9.16 -7.05
C GLY H 277 -14.29 10.41 -7.14
N TYR H 278 -13.24 10.42 -6.33
CA TYR H 278 -12.31 11.54 -6.25
C TYR H 278 -11.07 11.35 -7.13
N CYS H 279 -10.26 12.40 -7.16
CA CYS H 279 -9.01 12.39 -7.90
C CYS H 279 -7.91 12.23 -6.86
N ARG H 280 -6.80 11.65 -7.28
CA ARG H 280 -5.65 11.43 -6.41
C ARG H 280 -5.00 12.76 -6.05
N GLN H 281 -4.79 13.01 -4.76
CA GLN H 281 -4.15 14.27 -4.35
C GLN H 281 -2.73 14.25 -4.91
N PRO H 282 -2.11 15.44 -5.11
CA PRO H 282 -2.57 16.80 -4.88
C PRO H 282 -3.61 17.41 -5.83
N MET H 283 -4.18 16.61 -6.72
CA MET H 283 -5.20 17.16 -7.60
C MET H 283 -6.34 17.55 -6.64
N LYS H 284 -6.80 18.78 -6.74
CA LYS H 284 -7.85 19.25 -5.84
C LYS H 284 -9.18 18.53 -5.87
N GLU H 285 -9.86 18.59 -4.73
CA GLU H 285 -11.16 17.99 -4.58
C GLU H 285 -12.13 18.98 -5.21
N ALA H 286 -13.20 18.47 -5.83
CA ALA H 286 -14.18 19.35 -6.45
C ALA H 286 -14.83 20.21 -5.38
N THR H 287 -15.04 21.49 -5.72
CA THR H 287 -15.68 22.41 -4.79
C THR H 287 -17.18 22.35 -5.04
N ASP H 288 -17.95 23.05 -4.22
CA ASP H 288 -19.39 23.09 -4.39
C ASP H 288 -19.72 23.71 -5.74
N GLU H 289 -18.98 24.77 -6.08
CA GLU H 289 -19.19 25.44 -7.35
C GLU H 289 -18.96 24.46 -8.50
N MET H 290 -17.83 23.75 -8.45
CA MET H 290 -17.51 22.77 -9.49
C MET H 290 -18.58 21.69 -9.60
N LYS H 291 -19.05 21.20 -8.46
CA LYS H 291 -20.07 20.15 -8.46
C LYS H 291 -21.38 20.67 -9.06
N SER H 292 -21.80 21.86 -8.63
CA SER H 292 -23.03 22.46 -9.15
C SER H 292 -22.87 22.69 -10.65
N ARG H 293 -21.69 23.15 -11.04
CA ARG H 293 -21.36 23.41 -12.43
C ARG H 293 -21.42 22.12 -13.27
N ALA H 294 -20.88 21.04 -12.72
CA ALA H 294 -20.86 19.75 -13.41
C ALA H 294 -22.29 19.28 -13.69
N LYS H 295 -23.20 19.62 -12.77
CA LYS H 295 -24.60 19.24 -12.94
C LYS H 295 -25.22 20.01 -14.10
N GLU H 296 -24.84 21.28 -14.26
CA GLU H 296 -25.35 22.12 -15.34
C GLU H 296 -24.84 21.54 -16.66
N ILE H 297 -23.58 21.14 -16.68
CA ILE H 297 -22.97 20.58 -17.88
C ILE H 297 -23.66 19.28 -18.26
N TYR H 298 -24.05 18.51 -17.25
CA TYR H 298 -24.71 17.24 -17.49
C TYR H 298 -26.06 17.48 -18.19
N ARG H 299 -26.87 18.38 -17.62
CA ARG H 299 -28.18 18.67 -18.18
C ARG H 299 -28.13 19.26 -19.59
N LYS H 300 -27.05 19.97 -19.89
CA LYS H 300 -26.89 20.60 -21.19
C LYS H 300 -26.40 19.69 -22.33
N TYR H 301 -25.72 18.60 -21.98
CA TYR H 301 -25.17 17.71 -22.99
C TYR H 301 -25.63 16.25 -22.97
N PHE H 302 -26.23 15.84 -21.85
CA PHE H 302 -26.68 14.45 -21.75
C PHE H 302 -28.20 14.35 -21.57
#